data_1RLK
# 
_entry.id   1RLK 
# 
_audit_conform.dict_name       mmcif_pdbx.dic 
_audit_conform.dict_version    5.386 
_audit_conform.dict_location   http://mmcif.pdb.org/dictionaries/ascii/mmcif_pdbx.dic 
# 
loop_
_database_2.database_id 
_database_2.database_code 
_database_2.pdbx_database_accession 
_database_2.pdbx_DOI 
PDB   1RLK         pdb_00001rlk 10.2210/pdb1rlk/pdb 
RCSB  RCSB020865   ?            ?                   
WWPDB D_1000020865 ?            ?                   
# 
loop_
_pdbx_audit_revision_history.ordinal 
_pdbx_audit_revision_history.data_content_type 
_pdbx_audit_revision_history.major_revision 
_pdbx_audit_revision_history.minor_revision 
_pdbx_audit_revision_history.revision_date 
1 'Structure model' 1 0 2003-12-30 
2 'Structure model' 1 1 2008-04-29 
3 'Structure model' 1 2 2011-07-13 
4 'Structure model' 1 3 2024-02-14 
# 
_pdbx_audit_revision_details.ordinal             1 
_pdbx_audit_revision_details.revision_ordinal    1 
_pdbx_audit_revision_details.data_content_type   'Structure model' 
_pdbx_audit_revision_details.provider            repository 
_pdbx_audit_revision_details.type                'Initial release' 
_pdbx_audit_revision_details.description         ? 
_pdbx_audit_revision_details.details             ? 
# 
loop_
_pdbx_audit_revision_group.ordinal 
_pdbx_audit_revision_group.revision_ordinal 
_pdbx_audit_revision_group.data_content_type 
_pdbx_audit_revision_group.group 
1 2 'Structure model' 'Version format compliance' 
2 3 'Structure model' 'Derived calculations'      
3 3 'Structure model' 'Version format compliance' 
4 4 'Structure model' 'Data collection'           
5 4 'Structure model' 'Database references'       
6 4 'Structure model' 'Derived calculations'      
# 
loop_
_pdbx_audit_revision_category.ordinal 
_pdbx_audit_revision_category.revision_ordinal 
_pdbx_audit_revision_category.data_content_type 
_pdbx_audit_revision_category.category 
1 4 'Structure model' chem_comp_atom 
2 4 'Structure model' chem_comp_bond 
3 4 'Structure model' database_2     
4 4 'Structure model' struct_site    
# 
loop_
_pdbx_audit_revision_item.ordinal 
_pdbx_audit_revision_item.revision_ordinal 
_pdbx_audit_revision_item.data_content_type 
_pdbx_audit_revision_item.item 
1 4 'Structure model' '_database_2.pdbx_DOI'                
2 4 'Structure model' '_database_2.pdbx_database_accession' 
3 4 'Structure model' '_struct_site.pdbx_auth_asym_id'      
4 4 'Structure model' '_struct_site.pdbx_auth_comp_id'      
5 4 'Structure model' '_struct_site.pdbx_auth_seq_id'       
# 
_pdbx_database_status.status_code                     REL 
_pdbx_database_status.entry_id                        1RLK 
_pdbx_database_status.recvd_initial_deposition_date   2003-11-25 
_pdbx_database_status.deposit_site                    RCSB 
_pdbx_database_status.process_site                    RCSB 
_pdbx_database_status.SG_entry                        Y 
_pdbx_database_status.status_code_sf                  REL 
_pdbx_database_status.status_code_mr                  ? 
_pdbx_database_status.pdb_format_compatible           Y 
_pdbx_database_status.status_code_cs                  ? 
_pdbx_database_status.status_code_nmr_data            ? 
_pdbx_database_status.methods_development_category    ? 
# 
_pdbx_database_related.db_name        TargetDB 
_pdbx_database_related.db_id          APC5027 
_pdbx_database_related.details        . 
_pdbx_database_related.content_type   unspecified 
# 
loop_
_audit_author.name 
_audit_author.pdbx_ordinal 
'Osipiuk, J.'                                   1 
'Evdokimova, E.'                                2 
'Savchenko, A.'                                 3 
'Edwards, A.'                                   4 
'Joachimiak, A.'                                5 
'Midwest Center for Structural Genomics (MCSG)' 6 
# 
_citation.id                        primary 
_citation.title                     'Crystal structure of conserved hypothetical protein TA0108 from Thermoplasma acidophilum' 
_citation.journal_abbrev            'To be Published' 
_citation.journal_volume            ? 
_citation.page_first                ? 
_citation.page_last                 ? 
_citation.year                      ? 
_citation.journal_id_ASTM           ? 
_citation.country                   ? 
_citation.journal_id_ISSN           ? 
_citation.journal_id_CSD            0353 
_citation.book_publisher            ? 
_citation.pdbx_database_id_PubMed   ? 
_citation.pdbx_database_id_DOI      ? 
# 
loop_
_citation_author.citation_id 
_citation_author.name 
_citation_author.ordinal 
_citation_author.identifier_ORCID 
primary 'Osipiuk, J.'    1 ? 
primary 'Evdokimova, E.' 2 ? 
primary 'Savchenko, A.'  3 ? 
primary 'Edwards, A.'    4 ? 
primary 'Joachimiak, A.' 5 ? 
# 
loop_
_entity.id 
_entity.type 
_entity.src_method 
_entity.pdbx_description 
_entity.formula_weight 
_entity.pdbx_number_of_molecules 
_entity.pdbx_ec 
_entity.pdbx_mutation 
_entity.pdbx_fragment 
_entity.details 
1 polymer     man 'Hypothetical protein Ta0108' 13190.456 1  ? ? ? ? 
2 non-polymer syn 'SULFATE ION'                 96.063    1  ? ? ? ? 
3 non-polymer syn GLYCEROL                      92.094    1  ? ? ? ? 
4 water       nat water                         18.015    65 ? ? ? ? 
# 
_entity_poly.entity_id                      1 
_entity_poly.type                           'polypeptide(L)' 
_entity_poly.nstd_linkage                   no 
_entity_poly.nstd_monomer                   no 
_entity_poly.pdbx_seq_one_letter_code       
;MVKKMVIAVRKDLDMGKGKIAAQVAHAAVTCAIRSMKINRDVFNEWYDEGQRKIVVKVNDLDEIMEIKRMADSMGIVNEI
VQDRGYTQVEPGTITCIGLGPDEEEKLDKITGKYKLL
;
_entity_poly.pdbx_seq_one_letter_code_can   
;MVKKMVIAVRKDLDMGKGKIAAQVAHAAVTCAIRSMKINRDVFNEWYDEGQRKIVVKVNDLDEIMEIKRMADSMGIVNEI
VQDRGYTQVEPGTITCIGLGPDEEEKLDKITGKYKLL
;
_entity_poly.pdbx_strand_id                 A 
_entity_poly.pdbx_target_identifier         APC5027 
# 
loop_
_pdbx_entity_nonpoly.entity_id 
_pdbx_entity_nonpoly.name 
_pdbx_entity_nonpoly.comp_id 
2 'SULFATE ION' SO4 
3 GLYCEROL      GOL 
4 water         HOH 
# 
loop_
_entity_poly_seq.entity_id 
_entity_poly_seq.num 
_entity_poly_seq.mon_id 
_entity_poly_seq.hetero 
1 1   MET n 
1 2   VAL n 
1 3   LYS n 
1 4   LYS n 
1 5   MET n 
1 6   VAL n 
1 7   ILE n 
1 8   ALA n 
1 9   VAL n 
1 10  ARG n 
1 11  LYS n 
1 12  ASP n 
1 13  LEU n 
1 14  ASP n 
1 15  MET n 
1 16  GLY n 
1 17  LYS n 
1 18  GLY n 
1 19  LYS n 
1 20  ILE n 
1 21  ALA n 
1 22  ALA n 
1 23  GLN n 
1 24  VAL n 
1 25  ALA n 
1 26  HIS n 
1 27  ALA n 
1 28  ALA n 
1 29  VAL n 
1 30  THR n 
1 31  CYS n 
1 32  ALA n 
1 33  ILE n 
1 34  ARG n 
1 35  SER n 
1 36  MET n 
1 37  LYS n 
1 38  ILE n 
1 39  ASN n 
1 40  ARG n 
1 41  ASP n 
1 42  VAL n 
1 43  PHE n 
1 44  ASN n 
1 45  GLU n 
1 46  TRP n 
1 47  TYR n 
1 48  ASP n 
1 49  GLU n 
1 50  GLY n 
1 51  GLN n 
1 52  ARG n 
1 53  LYS n 
1 54  ILE n 
1 55  VAL n 
1 56  VAL n 
1 57  LYS n 
1 58  VAL n 
1 59  ASN n 
1 60  ASP n 
1 61  LEU n 
1 62  ASP n 
1 63  GLU n 
1 64  ILE n 
1 65  MET n 
1 66  GLU n 
1 67  ILE n 
1 68  LYS n 
1 69  ARG n 
1 70  MET n 
1 71  ALA n 
1 72  ASP n 
1 73  SER n 
1 74  MET n 
1 75  GLY n 
1 76  ILE n 
1 77  VAL n 
1 78  ASN n 
1 79  GLU n 
1 80  ILE n 
1 81  VAL n 
1 82  GLN n 
1 83  ASP n 
1 84  ARG n 
1 85  GLY n 
1 86  TYR n 
1 87  THR n 
1 88  GLN n 
1 89  VAL n 
1 90  GLU n 
1 91  PRO n 
1 92  GLY n 
1 93  THR n 
1 94  ILE n 
1 95  THR n 
1 96  CYS n 
1 97  ILE n 
1 98  GLY n 
1 99  LEU n 
1 100 GLY n 
1 101 PRO n 
1 102 ASP n 
1 103 GLU n 
1 104 GLU n 
1 105 GLU n 
1 106 LYS n 
1 107 LEU n 
1 108 ASP n 
1 109 LYS n 
1 110 ILE n 
1 111 THR n 
1 112 GLY n 
1 113 LYS n 
1 114 TYR n 
1 115 LYS n 
1 116 LEU n 
1 117 LEU n 
# 
_entity_src_gen.entity_id                          1 
_entity_src_gen.pdbx_src_id                        1 
_entity_src_gen.pdbx_alt_source_flag               sample 
_entity_src_gen.pdbx_seq_type                      ? 
_entity_src_gen.pdbx_beg_seq_num                   ? 
_entity_src_gen.pdbx_end_seq_num                   ? 
_entity_src_gen.gene_src_common_name               ? 
_entity_src_gen.gene_src_genus                     Thermoplasma 
_entity_src_gen.pdbx_gene_src_gene                 TA0108 
_entity_src_gen.gene_src_species                   ? 
_entity_src_gen.gene_src_strain                    ? 
_entity_src_gen.gene_src_tissue                    ? 
_entity_src_gen.gene_src_tissue_fraction           ? 
_entity_src_gen.gene_src_details                   ? 
_entity_src_gen.pdbx_gene_src_fragment             ? 
_entity_src_gen.pdbx_gene_src_scientific_name      'Thermoplasma acidophilum' 
_entity_src_gen.pdbx_gene_src_ncbi_taxonomy_id     2303 
_entity_src_gen.pdbx_gene_src_variant              ? 
_entity_src_gen.pdbx_gene_src_cell_line            ? 
_entity_src_gen.pdbx_gene_src_atcc                 ? 
_entity_src_gen.pdbx_gene_src_organ                ? 
_entity_src_gen.pdbx_gene_src_organelle            ? 
_entity_src_gen.pdbx_gene_src_cell                 ? 
_entity_src_gen.pdbx_gene_src_cellular_location    ? 
_entity_src_gen.host_org_common_name               ? 
_entity_src_gen.pdbx_host_org_scientific_name      'Escherichia coli' 
_entity_src_gen.pdbx_host_org_ncbi_taxonomy_id     562 
_entity_src_gen.host_org_genus                     Escherichia 
_entity_src_gen.pdbx_host_org_gene                 ? 
_entity_src_gen.pdbx_host_org_organ                ? 
_entity_src_gen.host_org_species                   ? 
_entity_src_gen.pdbx_host_org_tissue               ? 
_entity_src_gen.pdbx_host_org_tissue_fraction      ? 
_entity_src_gen.pdbx_host_org_strain               ? 
_entity_src_gen.pdbx_host_org_variant              ? 
_entity_src_gen.pdbx_host_org_cell_line            ? 
_entity_src_gen.pdbx_host_org_atcc                 ? 
_entity_src_gen.pdbx_host_org_culture_collection   ? 
_entity_src_gen.pdbx_host_org_cell                 ? 
_entity_src_gen.pdbx_host_org_organelle            ? 
_entity_src_gen.pdbx_host_org_cellular_location    ? 
_entity_src_gen.pdbx_host_org_vector_type          ? 
_entity_src_gen.pdbx_host_org_vector               ? 
_entity_src_gen.host_org_details                   ? 
_entity_src_gen.expression_system_id               ? 
_entity_src_gen.plasmid_name                       ? 
_entity_src_gen.plasmid_details                    ? 
_entity_src_gen.pdbx_description                   ? 
# 
loop_
_chem_comp.id 
_chem_comp.type 
_chem_comp.mon_nstd_flag 
_chem_comp.name 
_chem_comp.pdbx_synonyms 
_chem_comp.formula 
_chem_comp.formula_weight 
ALA 'L-peptide linking' y ALANINE         ?                               'C3 H7 N O2'     89.093  
ARG 'L-peptide linking' y ARGININE        ?                               'C6 H15 N4 O2 1' 175.209 
ASN 'L-peptide linking' y ASPARAGINE      ?                               'C4 H8 N2 O3'    132.118 
ASP 'L-peptide linking' y 'ASPARTIC ACID' ?                               'C4 H7 N O4'     133.103 
CYS 'L-peptide linking' y CYSTEINE        ?                               'C3 H7 N O2 S'   121.158 
GLN 'L-peptide linking' y GLUTAMINE       ?                               'C5 H10 N2 O3'   146.144 
GLU 'L-peptide linking' y 'GLUTAMIC ACID' ?                               'C5 H9 N O4'     147.129 
GLY 'peptide linking'   y GLYCINE         ?                               'C2 H5 N O2'     75.067  
GOL non-polymer         . GLYCEROL        'GLYCERIN; PROPANE-1,2,3-TRIOL' 'C3 H8 O3'       92.094  
HIS 'L-peptide linking' y HISTIDINE       ?                               'C6 H10 N3 O2 1' 156.162 
HOH non-polymer         . WATER           ?                               'H2 O'           18.015  
ILE 'L-peptide linking' y ISOLEUCINE      ?                               'C6 H13 N O2'    131.173 
LEU 'L-peptide linking' y LEUCINE         ?                               'C6 H13 N O2'    131.173 
LYS 'L-peptide linking' y LYSINE          ?                               'C6 H15 N2 O2 1' 147.195 
MET 'L-peptide linking' y METHIONINE      ?                               'C5 H11 N O2 S'  149.211 
PHE 'L-peptide linking' y PHENYLALANINE   ?                               'C9 H11 N O2'    165.189 
PRO 'L-peptide linking' y PROLINE         ?                               'C5 H9 N O2'     115.130 
SER 'L-peptide linking' y SERINE          ?                               'C3 H7 N O3'     105.093 
SO4 non-polymer         . 'SULFATE ION'   ?                               'O4 S -2'        96.063  
THR 'L-peptide linking' y THREONINE       ?                               'C4 H9 N O3'     119.119 
TRP 'L-peptide linking' y TRYPTOPHAN      ?                               'C11 H12 N2 O2'  204.225 
TYR 'L-peptide linking' y TYROSINE        ?                               'C9 H11 N O3'    181.189 
VAL 'L-peptide linking' y VALINE          ?                               'C5 H11 N O2'    117.146 
# 
loop_
_pdbx_poly_seq_scheme.asym_id 
_pdbx_poly_seq_scheme.entity_id 
_pdbx_poly_seq_scheme.seq_id 
_pdbx_poly_seq_scheme.mon_id 
_pdbx_poly_seq_scheme.ndb_seq_num 
_pdbx_poly_seq_scheme.pdb_seq_num 
_pdbx_poly_seq_scheme.auth_seq_num 
_pdbx_poly_seq_scheme.pdb_mon_id 
_pdbx_poly_seq_scheme.auth_mon_id 
_pdbx_poly_seq_scheme.pdb_strand_id 
_pdbx_poly_seq_scheme.pdb_ins_code 
_pdbx_poly_seq_scheme.hetero 
A 1 1   MET 1   1   ?   ?   ?   A . n 
A 1 2   VAL 2   2   2   VAL VAL A . n 
A 1 3   LYS 3   3   3   LYS LYS A . n 
A 1 4   LYS 4   4   4   LYS LYS A . n 
A 1 5   MET 5   5   5   MET MET A . n 
A 1 6   VAL 6   6   6   VAL VAL A . n 
A 1 7   ILE 7   7   7   ILE ILE A . n 
A 1 8   ALA 8   8   8   ALA ALA A . n 
A 1 9   VAL 9   9   9   VAL VAL A . n 
A 1 10  ARG 10  10  10  ARG ARG A . n 
A 1 11  LYS 11  11  11  LYS LYS A . n 
A 1 12  ASP 12  12  12  ASP ASP A . n 
A 1 13  LEU 13  13  13  LEU LEU A . n 
A 1 14  ASP 14  14  14  ASP ASP A . n 
A 1 15  MET 15  15  15  MET MET A . n 
A 1 16  GLY 16  16  16  GLY GLY A . n 
A 1 17  LYS 17  17  17  LYS LYS A . n 
A 1 18  GLY 18  18  18  GLY GLY A . n 
A 1 19  LYS 19  19  19  LYS LYS A . n 
A 1 20  ILE 20  20  20  ILE ILE A . n 
A 1 21  ALA 21  21  21  ALA ALA A . n 
A 1 22  ALA 22  22  22  ALA ALA A . n 
A 1 23  GLN 23  23  23  GLN GLN A . n 
A 1 24  VAL 24  24  24  VAL VAL A . n 
A 1 25  ALA 25  25  25  ALA ALA A . n 
A 1 26  HIS 26  26  26  HIS HIS A . n 
A 1 27  ALA 27  27  27  ALA ALA A . n 
A 1 28  ALA 28  28  28  ALA ALA A . n 
A 1 29  VAL 29  29  29  VAL VAL A . n 
A 1 30  THR 30  30  30  THR THR A . n 
A 1 31  CYS 31  31  31  CYS CYS A . n 
A 1 32  ALA 32  32  32  ALA ALA A . n 
A 1 33  ILE 33  33  33  ILE ILE A . n 
A 1 34  ARG 34  34  34  ARG ARG A . n 
A 1 35  SER 35  35  35  SER SER A . n 
A 1 36  MET 36  36  36  MET MET A . n 
A 1 37  LYS 37  37  37  LYS LYS A . n 
A 1 38  ILE 38  38  38  ILE ILE A . n 
A 1 39  ASN 39  39  39  ASN ASN A . n 
A 1 40  ARG 40  40  40  ARG ARG A . n 
A 1 41  ASP 41  41  41  ASP ASP A . n 
A 1 42  VAL 42  42  42  VAL VAL A . n 
A 1 43  PHE 43  43  43  PHE PHE A . n 
A 1 44  ASN 44  44  44  ASN ASN A . n 
A 1 45  GLU 45  45  45  GLU GLU A . n 
A 1 46  TRP 46  46  46  TRP TRP A . n 
A 1 47  TYR 47  47  47  TYR TYR A . n 
A 1 48  ASP 48  48  48  ASP ASP A . n 
A 1 49  GLU 49  49  49  GLU GLU A . n 
A 1 50  GLY 50  50  50  GLY GLY A . n 
A 1 51  GLN 51  51  51  GLN GLN A . n 
A 1 52  ARG 52  52  52  ARG ARG A . n 
A 1 53  LYS 53  53  53  LYS LYS A . n 
A 1 54  ILE 54  54  54  ILE ILE A . n 
A 1 55  VAL 55  55  55  VAL VAL A . n 
A 1 56  VAL 56  56  56  VAL VAL A . n 
A 1 57  LYS 57  57  57  LYS LYS A . n 
A 1 58  VAL 58  58  58  VAL VAL A . n 
A 1 59  ASN 59  59  59  ASN ASN A . n 
A 1 60  ASP 60  60  60  ASP ASP A . n 
A 1 61  LEU 61  61  61  LEU LEU A . n 
A 1 62  ASP 62  62  62  ASP ASP A . n 
A 1 63  GLU 63  63  63  GLU GLU A . n 
A 1 64  ILE 64  64  64  ILE ILE A . n 
A 1 65  MET 65  65  65  MET MET A . n 
A 1 66  GLU 66  66  66  GLU GLU A . n 
A 1 67  ILE 67  67  67  ILE ILE A . n 
A 1 68  LYS 68  68  68  LYS LYS A . n 
A 1 69  ARG 69  69  69  ARG ARG A . n 
A 1 70  MET 70  70  70  MET MET A . n 
A 1 71  ALA 71  71  71  ALA ALA A . n 
A 1 72  ASP 72  72  72  ASP ASP A . n 
A 1 73  SER 73  73  73  SER SER A . n 
A 1 74  MET 74  74  74  MET MET A . n 
A 1 75  GLY 75  75  75  GLY GLY A . n 
A 1 76  ILE 76  76  76  ILE ILE A . n 
A 1 77  VAL 77  77  77  VAL VAL A . n 
A 1 78  ASN 78  78  78  ASN ASN A . n 
A 1 79  GLU 79  79  79  GLU GLU A . n 
A 1 80  ILE 80  80  80  ILE ILE A . n 
A 1 81  VAL 81  81  81  VAL VAL A . n 
A 1 82  GLN 82  82  82  GLN GLN A . n 
A 1 83  ASP 83  83  83  ASP ASP A . n 
A 1 84  ARG 84  84  84  ARG ARG A . n 
A 1 85  GLY 85  85  85  GLY GLY A . n 
A 1 86  TYR 86  86  86  TYR TYR A . n 
A 1 87  THR 87  87  87  THR THR A . n 
A 1 88  GLN 88  88  88  GLN GLN A . n 
A 1 89  VAL 89  89  89  VAL VAL A . n 
A 1 90  GLU 90  90  90  GLU GLU A . n 
A 1 91  PRO 91  91  91  PRO PRO A . n 
A 1 92  GLY 92  92  92  GLY GLY A . n 
A 1 93  THR 93  93  93  THR THR A . n 
A 1 94  ILE 94  94  94  ILE ILE A . n 
A 1 95  THR 95  95  95  THR THR A . n 
A 1 96  CYS 96  96  96  CYS CYS A . n 
A 1 97  ILE 97  97  97  ILE ILE A . n 
A 1 98  GLY 98  98  98  GLY GLY A . n 
A 1 99  LEU 99  99  99  LEU LEU A . n 
A 1 100 GLY 100 100 100 GLY GLY A . n 
A 1 101 PRO 101 101 101 PRO PRO A . n 
A 1 102 ASP 102 102 102 ASP ASP A . n 
A 1 103 GLU 103 103 103 GLU GLU A . n 
A 1 104 GLU 104 104 104 GLU GLU A . n 
A 1 105 GLU 105 105 105 GLU GLU A . n 
A 1 106 LYS 106 106 106 LYS LYS A . n 
A 1 107 LEU 107 107 107 LEU LEU A . n 
A 1 108 ASP 108 108 108 ASP ASP A . n 
A 1 109 LYS 109 109 109 LYS LYS A . n 
A 1 110 ILE 110 110 110 ILE ILE A . n 
A 1 111 THR 111 111 111 THR THR A . n 
A 1 112 GLY 112 112 112 GLY GLY A . n 
A 1 113 LYS 113 113 113 LYS LYS A . n 
A 1 114 TYR 114 114 114 TYR TYR A . n 
A 1 115 LYS 115 115 115 LYS LYS A . n 
A 1 116 LEU 116 116 116 LEU LEU A . n 
A 1 117 LEU 117 117 117 LEU LEU A . n 
# 
loop_
_pdbx_nonpoly_scheme.asym_id 
_pdbx_nonpoly_scheme.entity_id 
_pdbx_nonpoly_scheme.mon_id 
_pdbx_nonpoly_scheme.ndb_seq_num 
_pdbx_nonpoly_scheme.pdb_seq_num 
_pdbx_nonpoly_scheme.auth_seq_num 
_pdbx_nonpoly_scheme.pdb_mon_id 
_pdbx_nonpoly_scheme.auth_mon_id 
_pdbx_nonpoly_scheme.pdb_strand_id 
_pdbx_nonpoly_scheme.pdb_ins_code 
B 2 SO4 1  201 201 SO4 SO4 A . 
C 3 GOL 1  301 301 GOL GOL A . 
D 4 HOH 1  302 1   HOH HOH A . 
D 4 HOH 2  303 2   HOH HOH A . 
D 4 HOH 3  304 3   HOH HOH A . 
D 4 HOH 4  305 4   HOH HOH A . 
D 4 HOH 5  306 5   HOH HOH A . 
D 4 HOH 6  307 6   HOH HOH A . 
D 4 HOH 7  308 7   HOH HOH A . 
D 4 HOH 8  309 8   HOH HOH A . 
D 4 HOH 9  310 9   HOH HOH A . 
D 4 HOH 10 311 10  HOH HOH A . 
D 4 HOH 11 312 11  HOH HOH A . 
D 4 HOH 12 313 12  HOH HOH A . 
D 4 HOH 13 314 13  HOH HOH A . 
D 4 HOH 14 315 14  HOH HOH A . 
D 4 HOH 15 316 15  HOH HOH A . 
D 4 HOH 16 317 16  HOH HOH A . 
D 4 HOH 17 318 17  HOH HOH A . 
D 4 HOH 18 319 18  HOH HOH A . 
D 4 HOH 19 320 19  HOH HOH A . 
D 4 HOH 20 321 20  HOH HOH A . 
D 4 HOH 21 322 21  HOH HOH A . 
D 4 HOH 22 323 22  HOH HOH A . 
D 4 HOH 23 324 23  HOH HOH A . 
D 4 HOH 24 325 24  HOH HOH A . 
D 4 HOH 25 326 25  HOH HOH A . 
D 4 HOH 26 327 26  HOH HOH A . 
D 4 HOH 27 328 27  HOH HOH A . 
D 4 HOH 28 329 28  HOH HOH A . 
D 4 HOH 29 330 29  HOH HOH A . 
D 4 HOH 30 331 30  HOH HOH A . 
D 4 HOH 31 332 31  HOH HOH A . 
D 4 HOH 32 333 32  HOH HOH A . 
D 4 HOH 33 334 34  HOH HOH A . 
D 4 HOH 34 335 35  HOH HOH A . 
D 4 HOH 35 336 36  HOH HOH A . 
D 4 HOH 36 337 37  HOH HOH A . 
D 4 HOH 37 338 38  HOH HOH A . 
D 4 HOH 38 339 39  HOH HOH A . 
D 4 HOH 39 340 40  HOH HOH A . 
D 4 HOH 40 341 41  HOH HOH A . 
D 4 HOH 41 342 42  HOH HOH A . 
D 4 HOH 42 343 43  HOH HOH A . 
D 4 HOH 43 344 44  HOH HOH A . 
D 4 HOH 44 345 45  HOH HOH A . 
D 4 HOH 45 346 46  HOH HOH A . 
D 4 HOH 46 347 47  HOH HOH A . 
D 4 HOH 47 348 48  HOH HOH A . 
D 4 HOH 48 349 49  HOH HOH A . 
D 4 HOH 49 350 50  HOH HOH A . 
D 4 HOH 50 351 51  HOH HOH A . 
D 4 HOH 51 352 52  HOH HOH A . 
D 4 HOH 52 353 53  HOH HOH A . 
D 4 HOH 53 354 55  HOH HOH A . 
D 4 HOH 54 355 56  HOH HOH A . 
D 4 HOH 55 356 57  HOH HOH A . 
D 4 HOH 56 357 58  HOH HOH A . 
D 4 HOH 57 358 59  HOH HOH A . 
D 4 HOH 58 359 60  HOH HOH A . 
D 4 HOH 59 360 61  HOH HOH A . 
D 4 HOH 60 361 62  HOH HOH A . 
D 4 HOH 61 362 63  HOH HOH A . 
D 4 HOH 62 363 64  HOH HOH A . 
D 4 HOH 63 364 65  HOH HOH A . 
D 4 HOH 64 365 66  HOH HOH A . 
D 4 HOH 65 366 67  HOH HOH A . 
# 
loop_
_software.name 
_software.classification 
_software.version 
_software.citation_id 
_software.pdbx_ordinal 
REFMAC    refinement       5.1.24 ? 1 
HKL-2000  'data reduction' .      ? 2 
SCALEPACK 'data scaling'   .      ? 3 
SHELXD    phasing          .      ? 4 
CNS       phasing          .      ? 5 
# 
_cell.entry_id           1RLK 
_cell.length_a           43.456 
_cell.length_b           43.456 
_cell.length_c           103.381 
_cell.angle_alpha        90.00 
_cell.angle_beta         90.00 
_cell.angle_gamma        120.00 
_cell.Z_PDB              6 
_cell.pdbx_unique_axis   ? 
_cell.length_a_esd       ? 
_cell.length_b_esd       ? 
_cell.length_c_esd       ? 
_cell.angle_alpha_esd    ? 
_cell.angle_beta_esd     ? 
_cell.angle_gamma_esd    ? 
# 
_symmetry.entry_id                         1RLK 
_symmetry.space_group_name_H-M             'P 31 2 1' 
_symmetry.pdbx_full_space_group_name_H-M   ? 
_symmetry.cell_setting                     ? 
_symmetry.Int_Tables_number                152 
_symmetry.space_group_name_Hall            ? 
# 
_exptl.entry_id          1RLK 
_exptl.method            'X-RAY DIFFRACTION' 
_exptl.crystals_number   1 
# 
_exptl_crystal.id                    1 
_exptl_crystal.density_meas          ? 
_exptl_crystal.density_percent_sol   42.41 
_exptl_crystal.description           ? 
_exptl_crystal.density_Matthews      2.14 
_exptl_crystal.F_000                 ? 
_exptl_crystal.preparation           ? 
# 
_exptl_crystal_grow.crystal_id      1 
_exptl_crystal_grow.method          'VAPOR DIFFUSION, HANGING DROP' 
_exptl_crystal_grow.temp            294 
_exptl_crystal_grow.temp_details    ? 
_exptl_crystal_grow.pH              7.5 
_exptl_crystal_grow.pdbx_details    'Calcium chloride, PEG 8000, glycerol, pH 7.5, VAPOR DIFFUSION, HANGING DROP, temperature 294K' 
_exptl_crystal_grow.pdbx_pH_range   . 
# 
_diffrn.id                     1 
_diffrn.ambient_temp           100 
_diffrn.ambient_temp_details   ? 
_diffrn.crystal_id             1 
# 
_diffrn_detector.diffrn_id              1 
_diffrn_detector.detector               CCD 
_diffrn_detector.type                   SBC-2 
_diffrn_detector.pdbx_collection_date   2003-08-10 
_diffrn_detector.details                ? 
# 
_diffrn_radiation.diffrn_id                        1 
_diffrn_radiation.wavelength_id                    1 
_diffrn_radiation.pdbx_monochromatic_or_laue_m_l   M 
_diffrn_radiation.monochromator                    'double crystal' 
_diffrn_radiation.pdbx_diffrn_protocol             'SINGLE WAVELENGTH' 
_diffrn_radiation.pdbx_scattering_type             x-ray 
# 
_diffrn_radiation_wavelength.id           1 
_diffrn_radiation_wavelength.wavelength   0.97915 
_diffrn_radiation_wavelength.wt           1.0 
# 
_diffrn_source.diffrn_id                   1 
_diffrn_source.source                      SYNCHROTRON 
_diffrn_source.type                        'APS BEAMLINE 19-ID' 
_diffrn_source.pdbx_synchrotron_site       APS 
_diffrn_source.pdbx_synchrotron_beamline   19-ID 
_diffrn_source.pdbx_wavelength             ? 
_diffrn_source.pdbx_wavelength_list        0.97915 
# 
_reflns.entry_id                     1RLK 
_reflns.observed_criterion_sigma_F   0 
_reflns.observed_criterion_sigma_I   0 
_reflns.d_resolution_high            1.95 
_reflns.d_resolution_low             40 
_reflns.number_all                   8780 
_reflns.number_obs                   8692 
_reflns.percent_possible_obs         99.0 
_reflns.pdbx_Rmerge_I_obs            0.058 
_reflns.pdbx_Rsym_value              ? 
_reflns.pdbx_netI_over_sigmaI        8.9 
_reflns.B_iso_Wilson_estimate        ? 
_reflns.pdbx_redundancy              16.4 
_reflns.R_free_details               ? 
_reflns.limit_h_max                  ? 
_reflns.limit_h_min                  ? 
_reflns.limit_k_max                  ? 
_reflns.limit_k_min                  ? 
_reflns.limit_l_max                  ? 
_reflns.limit_l_min                  ? 
_reflns.observed_criterion_F_max     ? 
_reflns.observed_criterion_F_min     ? 
_reflns.pdbx_chi_squared             ? 
_reflns.pdbx_scaling_rejects         ? 
_reflns.pdbx_ordinal                 1 
_reflns.pdbx_diffrn_id               1 
# 
_reflns_shell.d_res_high             1.95 
_reflns_shell.d_res_low              1.99 
_reflns_shell.percent_possible_all   98.3 
_reflns_shell.Rmerge_I_obs           0.405 
_reflns_shell.pdbx_Rsym_value        ? 
_reflns_shell.meanI_over_sigI_obs    ? 
_reflns_shell.pdbx_redundancy        ? 
_reflns_shell.percent_possible_obs   ? 
_reflns_shell.number_unique_all      517 
_reflns_shell.number_measured_all    ? 
_reflns_shell.number_measured_obs    ? 
_reflns_shell.number_unique_obs      ? 
_reflns_shell.pdbx_chi_squared       ? 
_reflns_shell.pdbx_ordinal           1 
_reflns_shell.pdbx_diffrn_id         1 
# 
_refine.entry_id                                 1RLK 
_refine.ls_number_reflns_obs                     8675 
_refine.ls_number_reflns_all                     8744 
_refine.pdbx_ls_sigma_I                          ? 
_refine.pdbx_ls_sigma_F                          0 
_refine.pdbx_data_cutoff_high_absF               ? 
_refine.pdbx_data_cutoff_low_absF                ? 
_refine.pdbx_data_cutoff_high_rms_absF           ? 
_refine.ls_d_res_low                             37.53 
_refine.ls_d_res_high                            1.95 
_refine.ls_percent_reflns_obs                    99.21 
_refine.ls_R_factor_obs                          0.21621 
_refine.ls_R_factor_all                          ? 
_refine.ls_R_factor_R_work                       0.21241 
_refine.ls_R_factor_R_free                       0.23894 
_refine.ls_R_factor_R_free_error                 ? 
_refine.ls_R_factor_R_free_error_details         ? 
_refine.ls_percent_reflns_R_free                 ? 
_refine.ls_number_reflns_R_free                  861 
_refine.ls_number_parameters                     ? 
_refine.ls_number_restraints                     ? 
_refine.occupancy_min                            ? 
_refine.occupancy_max                            ? 
_refine.correlation_coeff_Fo_to_Fc               0.943 
_refine.correlation_coeff_Fo_to_Fc_free          ? 
_refine.B_iso_mean                               24.029 
_refine.aniso_B[1][1]                            1.13 
_refine.aniso_B[2][2]                            1.13 
_refine.aniso_B[3][3]                            -1.69 
_refine.aniso_B[1][2]                            0.56 
_refine.aniso_B[1][3]                            0.00 
_refine.aniso_B[2][3]                            0.00 
_refine.solvent_model_details                    'BABINET MODEL WITH MASK' 
_refine.solvent_model_param_ksol                 ? 
_refine.solvent_model_param_bsol                 ? 
_refine.pdbx_solvent_vdw_probe_radii             1.40 
_refine.pdbx_solvent_ion_probe_radii             0.80 
_refine.pdbx_solvent_shrinkage_radii             0.80 
_refine.pdbx_ls_cross_valid_method               ? 
_refine.details                                  'HYDROGENS HAVE BEEN ADDED IN THE RIDING POSITIONS' 
_refine.pdbx_starting_model                      ? 
_refine.pdbx_method_to_determine_struct          SAD 
_refine.pdbx_isotropic_thermal_model             ? 
_refine.pdbx_stereochemistry_target_values       'MAXIMUM LIKELIHOOD' 
_refine.pdbx_stereochem_target_val_spec_case     ? 
_refine.pdbx_R_Free_selection_details            random 
_refine.pdbx_overall_ESU_R                       0.196 
_refine.pdbx_overall_ESU_R_Free                  ? 
_refine.overall_SU_ML                            0.098 
_refine.overall_SU_B                             3.485 
_refine.ls_redundancy_reflns_obs                 ? 
_refine.B_iso_min                                ? 
_refine.B_iso_max                                ? 
_refine.overall_SU_R_Cruickshank_DPI             ? 
_refine.overall_SU_R_free                        ? 
_refine.ls_wR_factor_R_free                      ? 
_refine.ls_wR_factor_R_work                      ? 
_refine.overall_FOM_free_R_set                   ? 
_refine.overall_FOM_work_R_set                   ? 
_refine.pdbx_refine_id                           'X-RAY DIFFRACTION' 
_refine.pdbx_diffrn_id                           1 
_refine.pdbx_TLS_residual_ADP_flag               ? 
_refine.pdbx_overall_phase_error                 ? 
_refine.pdbx_overall_SU_R_free_Cruickshank_DPI   ? 
_refine.pdbx_overall_SU_R_Blow_DPI               ? 
_refine.pdbx_overall_SU_R_free_Blow_DPI          ? 
# 
_refine_hist.pdbx_refine_id                   'X-RAY DIFFRACTION' 
_refine_hist.cycle_id                         LAST 
_refine_hist.pdbx_number_atoms_protein        909 
_refine_hist.pdbx_number_atoms_nucleic_acid   0 
_refine_hist.pdbx_number_atoms_ligand         11 
_refine_hist.number_atoms_solvent             65 
_refine_hist.number_atoms_total               985 
_refine_hist.d_res_high                       1.95 
_refine_hist.d_res_low                        37.53 
# 
loop_
_refine_ls_restr.type 
_refine_ls_restr.dev_ideal 
_refine_ls_restr.dev_ideal_target 
_refine_ls_restr.weight 
_refine_ls_restr.number 
_refine_ls_restr.pdbx_refine_id 
_refine_ls_restr.pdbx_restraint_function 
r_bond_refined_d         0.013 0.022 ? 942  'X-RAY DIFFRACTION' ? 
r_bond_other_d           0.002 0.020 ? 894  'X-RAY DIFFRACTION' ? 
r_angle_refined_deg      1.154 1.985 ? 1261 'X-RAY DIFFRACTION' ? 
r_angle_other_deg        0.768 3.000 ? 2093 'X-RAY DIFFRACTION' ? 
r_dihedral_angle_1_deg   5.836 5.000 ? 115  'X-RAY DIFFRACTION' ? 
r_dihedral_angle_2_deg   ?     ?     ? ?    'X-RAY DIFFRACTION' ? 
r_dihedral_angle_3_deg   ?     ?     ? ?    'X-RAY DIFFRACTION' ? 
r_dihedral_angle_4_deg   ?     ?     ? ?    'X-RAY DIFFRACTION' ? 
r_chiral_restr           0.062 0.200 ? 144  'X-RAY DIFFRACTION' ? 
r_gen_planes_refined     0.004 0.020 ? 1002 'X-RAY DIFFRACTION' ? 
r_gen_planes_other       0.002 0.020 ? 163  'X-RAY DIFFRACTION' ? 
r_nbd_refined            0.203 0.200 ? 224  'X-RAY DIFFRACTION' ? 
r_nbd_other              0.241 0.200 ? 1042 'X-RAY DIFFRACTION' ? 
r_nbtor_refined          ?     ?     ? ?    'X-RAY DIFFRACTION' ? 
r_nbtor_other            0.080 0.200 ? 563  'X-RAY DIFFRACTION' ? 
r_xyhbond_nbd_refined    0.177 0.200 ? 53   'X-RAY DIFFRACTION' ? 
r_xyhbond_nbd_other      ?     ?     ? ?    'X-RAY DIFFRACTION' ? 
r_metal_ion_refined      ?     ?     ? ?    'X-RAY DIFFRACTION' ? 
r_metal_ion_other        ?     ?     ? ?    'X-RAY DIFFRACTION' ? 
r_symmetry_vdw_refined   0.360 0.200 ? 23   'X-RAY DIFFRACTION' ? 
r_symmetry_vdw_other     0.257 0.200 ? 57   'X-RAY DIFFRACTION' ? 
r_symmetry_hbond_refined 0.167 0.200 ? 3    'X-RAY DIFFRACTION' ? 
r_symmetry_hbond_other   ?     ?     ? ?    'X-RAY DIFFRACTION' ? 
r_mcbond_it              0.768 1.500 ? 575  'X-RAY DIFFRACTION' ? 
r_mcbond_other           ?     ?     ? ?    'X-RAY DIFFRACTION' ? 
r_mcangle_it             1.447 2.000 ? 932  'X-RAY DIFFRACTION' ? 
r_scbond_it              1.948 3.000 ? 367  'X-RAY DIFFRACTION' ? 
r_scangle_it             3.406 4.500 ? 329  'X-RAY DIFFRACTION' ? 
r_rigid_bond_restr       ?     ?     ? ?    'X-RAY DIFFRACTION' ? 
r_sphericity_free        ?     ?     ? ?    'X-RAY DIFFRACTION' ? 
r_sphericity_bonded      ?     ?     ? ?    'X-RAY DIFFRACTION' ? 
# 
_refine_ls_shell.pdbx_total_number_of_bins_used   20 
_refine_ls_shell.d_res_high                       1.95 
_refine_ls_shell.d_res_low                        2.001 
_refine_ls_shell.number_reflns_R_work             626 
_refine_ls_shell.R_factor_R_work                  0.321 
_refine_ls_shell.percent_reflns_obs               ? 
_refine_ls_shell.R_factor_R_free                  0.307 
_refine_ls_shell.R_factor_R_free_error            ? 
_refine_ls_shell.percent_reflns_R_free            ? 
_refine_ls_shell.number_reflns_R_free             59 
_refine_ls_shell.number_reflns_obs                626 
_refine_ls_shell.redundancy_reflns_obs            ? 
_refine_ls_shell.number_reflns_all                ? 
_refine_ls_shell.R_factor_all                     ? 
_refine_ls_shell.pdbx_refine_id                   'X-RAY DIFFRACTION' 
# 
_struct.entry_id                  1RLK 
_struct.title                     'Structure of Conserved Protein of Unknown Function TA0108 from Thermoplasma acidophilum' 
_struct.pdbx_model_details        ? 
_struct.pdbx_CASP_flag            ? 
_struct.pdbx_model_type_details   ? 
# 
_struct_keywords.entry_id        1RLK 
_struct_keywords.pdbx_keywords   'Structural genomics, unknown function' 
_struct_keywords.text            
;structural genomics, conserved hypothetical protein, PSI, Protein Structure Initiative, Midwest Center for Structural Genomics, MCSG, unknown function
;
# 
loop_
_struct_asym.id 
_struct_asym.pdbx_blank_PDB_chainid_flag 
_struct_asym.pdbx_modified 
_struct_asym.entity_id 
_struct_asym.details 
A N N 1 ? 
B N N 2 ? 
C N N 3 ? 
D N N 4 ? 
# 
_struct_ref.id                         1 
_struct_ref.db_name                    UNP 
_struct_ref.db_code                    PTH_THEAC 
_struct_ref.pdbx_db_accession          Q9HLW6 
_struct_ref.entity_id                  1 
_struct_ref.pdbx_seq_one_letter_code   
;MVKKMVIAVRKDLDMGKGKIAAQVAHAAVTCAIRSMKINRDVFNEWYDEGQRKIVVKVNDLDEIMEIKRMADSMGIVNEI
VQDRGYTQVEPGTITCIGLGPDEEEKLDKITGKYKLL
;
_struct_ref.pdbx_align_begin           1 
_struct_ref.pdbx_db_isoform            ? 
# 
_struct_ref_seq.align_id                      1 
_struct_ref_seq.ref_id                        1 
_struct_ref_seq.pdbx_PDB_id_code              1RLK 
_struct_ref_seq.pdbx_strand_id                A 
_struct_ref_seq.seq_align_beg                 1 
_struct_ref_seq.pdbx_seq_align_beg_ins_code   ? 
_struct_ref_seq.seq_align_end                 117 
_struct_ref_seq.pdbx_seq_align_end_ins_code   ? 
_struct_ref_seq.pdbx_db_accession             Q9HLW6 
_struct_ref_seq.db_align_beg                  1 
_struct_ref_seq.pdbx_db_align_beg_ins_code    ? 
_struct_ref_seq.db_align_end                  117 
_struct_ref_seq.pdbx_db_align_end_ins_code    ? 
_struct_ref_seq.pdbx_auth_seq_align_beg       1 
_struct_ref_seq.pdbx_auth_seq_align_end       117 
# 
loop_
_pdbx_struct_assembly.id 
_pdbx_struct_assembly.details 
_pdbx_struct_assembly.method_details 
_pdbx_struct_assembly.oligomeric_details 
_pdbx_struct_assembly.oligomeric_count 
1 author_defined_assembly   ?        monomeric 1 
2 software_defined_assembly PISA,PQS dimeric   2 
# 
loop_
_pdbx_struct_assembly_prop.biol_id 
_pdbx_struct_assembly_prop.type 
_pdbx_struct_assembly_prop.value 
_pdbx_struct_assembly_prop.details 
2 'ABSA (A^2)' 3320  ? 
2 MORE         -61   ? 
2 'SSA (A^2)'  11060 ? 
# 
loop_
_pdbx_struct_assembly_gen.assembly_id 
_pdbx_struct_assembly_gen.oper_expression 
_pdbx_struct_assembly_gen.asym_id_list 
1 1   A,B,C,D 
2 1,2 A,B,C,D 
# 
loop_
_pdbx_struct_oper_list.id 
_pdbx_struct_oper_list.type 
_pdbx_struct_oper_list.name 
_pdbx_struct_oper_list.symmetry_operation 
_pdbx_struct_oper_list.matrix[1][1] 
_pdbx_struct_oper_list.matrix[1][2] 
_pdbx_struct_oper_list.matrix[1][3] 
_pdbx_struct_oper_list.vector[1] 
_pdbx_struct_oper_list.matrix[2][1] 
_pdbx_struct_oper_list.matrix[2][2] 
_pdbx_struct_oper_list.matrix[2][3] 
_pdbx_struct_oper_list.vector[2] 
_pdbx_struct_oper_list.matrix[3][1] 
_pdbx_struct_oper_list.matrix[3][2] 
_pdbx_struct_oper_list.matrix[3][3] 
_pdbx_struct_oper_list.vector[3] 
1 'identity operation'         1_555 x,y,z              1.0000000000  0.0000000000  0.0000000000 0.0000000000 0.0000000000  1.0000000000 0.0000000000  0.0000000000  0.0000000000 0.0000000000  1.0000000000  0.0000000000   
2 'crystal symmetry operation' 6_765 -x+2,-x+y+1,-z+1/3 -0.8414471212 -0.4657484514 0.2739436478 9.1561900147 -0.4657484514 0.3681342254 -0.8047083771 -6.1994601426 0.2739436478 -0.8047083771 -0.5266871042 -15.8394957525 
# 
_struct_biol.id                    1 
_struct_biol.details               'One protein molecule per assymetric unit, the biological assembly unknown' 
_struct_biol.pdbx_parent_biol_id   ? 
# 
loop_
_struct_conf.conf_type_id 
_struct_conf.id 
_struct_conf.pdbx_PDB_helix_id 
_struct_conf.beg_label_comp_id 
_struct_conf.beg_label_asym_id 
_struct_conf.beg_label_seq_id 
_struct_conf.pdbx_beg_PDB_ins_code 
_struct_conf.end_label_comp_id 
_struct_conf.end_label_asym_id 
_struct_conf.end_label_seq_id 
_struct_conf.pdbx_end_PDB_ins_code 
_struct_conf.beg_auth_comp_id 
_struct_conf.beg_auth_asym_id 
_struct_conf.beg_auth_seq_id 
_struct_conf.end_auth_comp_id 
_struct_conf.end_auth_asym_id 
_struct_conf.end_auth_seq_id 
_struct_conf.pdbx_PDB_helix_class 
_struct_conf.details 
_struct_conf.pdbx_PDB_helix_length 
HELX_P HELX_P1 1 GLY A 16  ? ASN A 39  ? GLY A 16  ASN A 39  1 ? 24 
HELX_P HELX_P2 2 ASN A 39  ? GLU A 49  ? ASN A 39  GLU A 49  1 ? 11 
HELX_P HELX_P3 3 ASP A 60  ? GLY A 75  ? ASP A 60  GLY A 75  1 ? 16 
HELX_P HELX_P4 4 GLU A 104 ? GLY A 112 ? GLU A 104 GLY A 112 1 ? 9  
# 
_struct_conf_type.id          HELX_P 
_struct_conf_type.criteria    ? 
_struct_conf_type.reference   ? 
# 
_struct_mon_prot_cis.pdbx_id                1 
_struct_mon_prot_cis.label_comp_id          GLY 
_struct_mon_prot_cis.label_seq_id           100 
_struct_mon_prot_cis.label_asym_id          A 
_struct_mon_prot_cis.label_alt_id           . 
_struct_mon_prot_cis.pdbx_PDB_ins_code      ? 
_struct_mon_prot_cis.auth_comp_id           GLY 
_struct_mon_prot_cis.auth_seq_id            100 
_struct_mon_prot_cis.auth_asym_id           A 
_struct_mon_prot_cis.pdbx_label_comp_id_2   PRO 
_struct_mon_prot_cis.pdbx_label_seq_id_2    101 
_struct_mon_prot_cis.pdbx_label_asym_id_2   A 
_struct_mon_prot_cis.pdbx_PDB_ins_code_2    ? 
_struct_mon_prot_cis.pdbx_auth_comp_id_2    PRO 
_struct_mon_prot_cis.pdbx_auth_seq_id_2     101 
_struct_mon_prot_cis.pdbx_auth_asym_id_2    A 
_struct_mon_prot_cis.pdbx_PDB_model_num     1 
_struct_mon_prot_cis.pdbx_omega_angle       6.17 
# 
_struct_sheet.id               A 
_struct_sheet.type             ? 
_struct_sheet.number_strands   4 
_struct_sheet.details          ? 
# 
loop_
_struct_sheet_order.sheet_id 
_struct_sheet_order.range_id_1 
_struct_sheet_order.range_id_2 
_struct_sheet_order.offset 
_struct_sheet_order.sense 
A 1 2 ? parallel      
A 2 3 ? anti-parallel 
A 3 4 ? anti-parallel 
# 
loop_
_struct_sheet_range.sheet_id 
_struct_sheet_range.id 
_struct_sheet_range.beg_label_comp_id 
_struct_sheet_range.beg_label_asym_id 
_struct_sheet_range.beg_label_seq_id 
_struct_sheet_range.pdbx_beg_PDB_ins_code 
_struct_sheet_range.end_label_comp_id 
_struct_sheet_range.end_label_asym_id 
_struct_sheet_range.end_label_seq_id 
_struct_sheet_range.pdbx_end_PDB_ins_code 
_struct_sheet_range.beg_auth_comp_id 
_struct_sheet_range.beg_auth_asym_id 
_struct_sheet_range.beg_auth_seq_id 
_struct_sheet_range.end_auth_comp_id 
_struct_sheet_range.end_auth_asym_id 
_struct_sheet_range.end_auth_seq_id 
A 1 LYS A 53 ? VAL A 58  ? LYS A 53 VAL A 58  
A 2 LYS A 3  ? ARG A 10  ? LYS A 3  ARG A 10  
A 3 ILE A 94 ? GLU A 103 ? ILE A 94 GLU A 103 
A 4 ASN A 78 ? GLN A 82  ? ASN A 78 GLN A 82  
# 
loop_
_pdbx_struct_sheet_hbond.sheet_id 
_pdbx_struct_sheet_hbond.range_id_1 
_pdbx_struct_sheet_hbond.range_id_2 
_pdbx_struct_sheet_hbond.range_1_label_atom_id 
_pdbx_struct_sheet_hbond.range_1_label_comp_id 
_pdbx_struct_sheet_hbond.range_1_label_asym_id 
_pdbx_struct_sheet_hbond.range_1_label_seq_id 
_pdbx_struct_sheet_hbond.range_1_PDB_ins_code 
_pdbx_struct_sheet_hbond.range_1_auth_atom_id 
_pdbx_struct_sheet_hbond.range_1_auth_comp_id 
_pdbx_struct_sheet_hbond.range_1_auth_asym_id 
_pdbx_struct_sheet_hbond.range_1_auth_seq_id 
_pdbx_struct_sheet_hbond.range_2_label_atom_id 
_pdbx_struct_sheet_hbond.range_2_label_comp_id 
_pdbx_struct_sheet_hbond.range_2_label_asym_id 
_pdbx_struct_sheet_hbond.range_2_label_seq_id 
_pdbx_struct_sheet_hbond.range_2_PDB_ins_code 
_pdbx_struct_sheet_hbond.range_2_auth_atom_id 
_pdbx_struct_sheet_hbond.range_2_auth_comp_id 
_pdbx_struct_sheet_hbond.range_2_auth_asym_id 
_pdbx_struct_sheet_hbond.range_2_auth_seq_id 
A 1 2 O VAL A 56 ? O VAL A 56 N VAL A 9  ? N VAL A 9  
A 2 3 N VAL A 6  ? N VAL A 6  O LEU A 99 ? O LEU A 99 
A 3 4 O CYS A 96 ? O CYS A 96 N VAL A 81 ? N VAL A 81 
# 
loop_
_struct_site.id 
_struct_site.pdbx_evidence_code 
_struct_site.pdbx_auth_asym_id 
_struct_site.pdbx_auth_comp_id 
_struct_site.pdbx_auth_seq_id 
_struct_site.pdbx_auth_ins_code 
_struct_site.pdbx_num_residues 
_struct_site.details 
AC1 Software A SO4 201 ? 9 'BINDING SITE FOR RESIDUE SO4 A 201' 
AC2 Software A GOL 301 ? 8 'BINDING SITE FOR RESIDUE GOL A 301' 
# 
loop_
_struct_site_gen.id 
_struct_site_gen.site_id 
_struct_site_gen.pdbx_num_res 
_struct_site_gen.label_comp_id 
_struct_site_gen.label_asym_id 
_struct_site_gen.label_seq_id 
_struct_site_gen.pdbx_auth_ins_code 
_struct_site_gen.auth_comp_id 
_struct_site_gen.auth_asym_id 
_struct_site_gen.auth_seq_id 
_struct_site_gen.label_atom_id 
_struct_site_gen.label_alt_id 
_struct_site_gen.symmetry 
_struct_site_gen.details 
1  AC1 9 LYS A 19  ? LYS A 19  . ? 1_555 ? 
2  AC1 9 GLN A 23  ? GLN A 23  . ? 1_555 ? 
3  AC1 9 HIS A 26  ? HIS A 26  . ? 1_555 ? 
4  AC1 9 ARG A 52  ? ARG A 52  . ? 6_765 ? 
5  AC1 9 ASP A 83  ? ASP A 83  . ? 1_555 ? 
6  AC1 9 ARG A 84  ? ARG A 84  . ? 1_555 ? 
7  AC1 9 HOH D .   ? HOH A 317 . ? 1_555 ? 
8  AC1 9 HOH D .   ? HOH A 322 . ? 6_765 ? 
9  AC1 9 HOH D .   ? HOH A 334 . ? 1_555 ? 
10 AC2 8 GLY A 18  ? GLY A 18  . ? 6_765 ? 
11 AC2 8 LYS A 19  ? LYS A 19  . ? 6_765 ? 
12 AC2 8 ALA A 22  ? ALA A 22  . ? 6_765 ? 
13 AC2 8 LYS A 53  ? LYS A 53  . ? 1_555 ? 
14 AC2 8 ILE A 54  ? ILE A 54  . ? 1_555 ? 
15 AC2 8 VAL A 55  ? VAL A 55  . ? 1_555 ? 
16 AC2 8 LEU A 116 ? LEU A 116 . ? 1_555 ? 
17 AC2 8 LEU A 117 ? LEU A 117 . ? 1_555 ? 
# 
_pdbx_validate_close_contact.id               1 
_pdbx_validate_close_contact.PDB_model_num    1 
_pdbx_validate_close_contact.auth_atom_id_1   O2 
_pdbx_validate_close_contact.auth_asym_id_1   A 
_pdbx_validate_close_contact.auth_comp_id_1   SO4 
_pdbx_validate_close_contact.auth_seq_id_1    201 
_pdbx_validate_close_contact.PDB_ins_code_1   ? 
_pdbx_validate_close_contact.label_alt_id_1   A 
_pdbx_validate_close_contact.auth_atom_id_2   O 
_pdbx_validate_close_contact.auth_asym_id_2   A 
_pdbx_validate_close_contact.auth_comp_id_2   HOH 
_pdbx_validate_close_contact.auth_seq_id_2    334 
_pdbx_validate_close_contact.PDB_ins_code_2   ? 
_pdbx_validate_close_contact.label_alt_id_2   ? 
_pdbx_validate_close_contact.dist             2.15 
# 
_pdbx_validate_rmsd_angle.id                         1 
_pdbx_validate_rmsd_angle.PDB_model_num              1 
_pdbx_validate_rmsd_angle.auth_atom_id_1             CB 
_pdbx_validate_rmsd_angle.auth_asym_id_1             A 
_pdbx_validate_rmsd_angle.auth_comp_id_1             ASP 
_pdbx_validate_rmsd_angle.auth_seq_id_1              48 
_pdbx_validate_rmsd_angle.PDB_ins_code_1             ? 
_pdbx_validate_rmsd_angle.label_alt_id_1             ? 
_pdbx_validate_rmsd_angle.auth_atom_id_2             CG 
_pdbx_validate_rmsd_angle.auth_asym_id_2             A 
_pdbx_validate_rmsd_angle.auth_comp_id_2             ASP 
_pdbx_validate_rmsd_angle.auth_seq_id_2              48 
_pdbx_validate_rmsd_angle.PDB_ins_code_2             ? 
_pdbx_validate_rmsd_angle.label_alt_id_2             ? 
_pdbx_validate_rmsd_angle.auth_atom_id_3             OD2 
_pdbx_validate_rmsd_angle.auth_asym_id_3             A 
_pdbx_validate_rmsd_angle.auth_comp_id_3             ASP 
_pdbx_validate_rmsd_angle.auth_seq_id_3              48 
_pdbx_validate_rmsd_angle.PDB_ins_code_3             ? 
_pdbx_validate_rmsd_angle.label_alt_id_3             ? 
_pdbx_validate_rmsd_angle.angle_value                123.91 
_pdbx_validate_rmsd_angle.angle_target_value         118.30 
_pdbx_validate_rmsd_angle.angle_deviation            5.61 
_pdbx_validate_rmsd_angle.angle_standard_deviation   0.90 
_pdbx_validate_rmsd_angle.linker_flag                N 
# 
loop_
_pdbx_validate_torsion.id 
_pdbx_validate_torsion.PDB_model_num 
_pdbx_validate_torsion.auth_comp_id 
_pdbx_validate_torsion.auth_asym_id 
_pdbx_validate_torsion.auth_seq_id 
_pdbx_validate_torsion.PDB_ins_code 
_pdbx_validate_torsion.label_alt_id 
_pdbx_validate_torsion.phi 
_pdbx_validate_torsion.psi 
1 1 ASN A 39 ? ? -140.98 51.66 
2 1 GLN A 51 ? ? 36.31   50.92 
# 
_pdbx_SG_project.id                    1 
_pdbx_SG_project.project_name          'PSI, Protein Structure Initiative' 
_pdbx_SG_project.full_name_of_center   'Midwest Center for Structural Genomics' 
_pdbx_SG_project.initial_of_center     MCSG 
# 
_pdbx_database_remark.id     300 
_pdbx_database_remark.text   
;BIOMOLECULE: 1
THIS ENTRY CONTAINS THE CRYSTALLOGRAPHIC ASYMMETRIC UNIT
WHICH CONSISTS OF 1 CHAIN(S). THE BIOLOGICAL UNIT IS
UNKNOWN.
;
# 
_pdbx_unobs_or_zero_occ_residues.id               1 
_pdbx_unobs_or_zero_occ_residues.PDB_model_num    1 
_pdbx_unobs_or_zero_occ_residues.polymer_flag     Y 
_pdbx_unobs_or_zero_occ_residues.occupancy_flag   1 
_pdbx_unobs_or_zero_occ_residues.auth_asym_id     A 
_pdbx_unobs_or_zero_occ_residues.auth_comp_id     MET 
_pdbx_unobs_or_zero_occ_residues.auth_seq_id      1 
_pdbx_unobs_or_zero_occ_residues.PDB_ins_code     ? 
_pdbx_unobs_or_zero_occ_residues.label_asym_id    A 
_pdbx_unobs_or_zero_occ_residues.label_comp_id    MET 
_pdbx_unobs_or_zero_occ_residues.label_seq_id     1 
# 
loop_
_chem_comp_atom.comp_id 
_chem_comp_atom.atom_id 
_chem_comp_atom.type_symbol 
_chem_comp_atom.pdbx_aromatic_flag 
_chem_comp_atom.pdbx_stereo_config 
_chem_comp_atom.pdbx_ordinal 
ALA N    N N N 1   
ALA CA   C N S 2   
ALA C    C N N 3   
ALA O    O N N 4   
ALA CB   C N N 5   
ALA OXT  O N N 6   
ALA H    H N N 7   
ALA H2   H N N 8   
ALA HA   H N N 9   
ALA HB1  H N N 10  
ALA HB2  H N N 11  
ALA HB3  H N N 12  
ALA HXT  H N N 13  
ARG N    N N N 14  
ARG CA   C N S 15  
ARG C    C N N 16  
ARG O    O N N 17  
ARG CB   C N N 18  
ARG CG   C N N 19  
ARG CD   C N N 20  
ARG NE   N N N 21  
ARG CZ   C N N 22  
ARG NH1  N N N 23  
ARG NH2  N N N 24  
ARG OXT  O N N 25  
ARG H    H N N 26  
ARG H2   H N N 27  
ARG HA   H N N 28  
ARG HB2  H N N 29  
ARG HB3  H N N 30  
ARG HG2  H N N 31  
ARG HG3  H N N 32  
ARG HD2  H N N 33  
ARG HD3  H N N 34  
ARG HE   H N N 35  
ARG HH11 H N N 36  
ARG HH12 H N N 37  
ARG HH21 H N N 38  
ARG HH22 H N N 39  
ARG HXT  H N N 40  
ASN N    N N N 41  
ASN CA   C N S 42  
ASN C    C N N 43  
ASN O    O N N 44  
ASN CB   C N N 45  
ASN CG   C N N 46  
ASN OD1  O N N 47  
ASN ND2  N N N 48  
ASN OXT  O N N 49  
ASN H    H N N 50  
ASN H2   H N N 51  
ASN HA   H N N 52  
ASN HB2  H N N 53  
ASN HB3  H N N 54  
ASN HD21 H N N 55  
ASN HD22 H N N 56  
ASN HXT  H N N 57  
ASP N    N N N 58  
ASP CA   C N S 59  
ASP C    C N N 60  
ASP O    O N N 61  
ASP CB   C N N 62  
ASP CG   C N N 63  
ASP OD1  O N N 64  
ASP OD2  O N N 65  
ASP OXT  O N N 66  
ASP H    H N N 67  
ASP H2   H N N 68  
ASP HA   H N N 69  
ASP HB2  H N N 70  
ASP HB3  H N N 71  
ASP HD2  H N N 72  
ASP HXT  H N N 73  
CYS N    N N N 74  
CYS CA   C N R 75  
CYS C    C N N 76  
CYS O    O N N 77  
CYS CB   C N N 78  
CYS SG   S N N 79  
CYS OXT  O N N 80  
CYS H    H N N 81  
CYS H2   H N N 82  
CYS HA   H N N 83  
CYS HB2  H N N 84  
CYS HB3  H N N 85  
CYS HG   H N N 86  
CYS HXT  H N N 87  
GLN N    N N N 88  
GLN CA   C N S 89  
GLN C    C N N 90  
GLN O    O N N 91  
GLN CB   C N N 92  
GLN CG   C N N 93  
GLN CD   C N N 94  
GLN OE1  O N N 95  
GLN NE2  N N N 96  
GLN OXT  O N N 97  
GLN H    H N N 98  
GLN H2   H N N 99  
GLN HA   H N N 100 
GLN HB2  H N N 101 
GLN HB3  H N N 102 
GLN HG2  H N N 103 
GLN HG3  H N N 104 
GLN HE21 H N N 105 
GLN HE22 H N N 106 
GLN HXT  H N N 107 
GLU N    N N N 108 
GLU CA   C N S 109 
GLU C    C N N 110 
GLU O    O N N 111 
GLU CB   C N N 112 
GLU CG   C N N 113 
GLU CD   C N N 114 
GLU OE1  O N N 115 
GLU OE2  O N N 116 
GLU OXT  O N N 117 
GLU H    H N N 118 
GLU H2   H N N 119 
GLU HA   H N N 120 
GLU HB2  H N N 121 
GLU HB3  H N N 122 
GLU HG2  H N N 123 
GLU HG3  H N N 124 
GLU HE2  H N N 125 
GLU HXT  H N N 126 
GLY N    N N N 127 
GLY CA   C N N 128 
GLY C    C N N 129 
GLY O    O N N 130 
GLY OXT  O N N 131 
GLY H    H N N 132 
GLY H2   H N N 133 
GLY HA2  H N N 134 
GLY HA3  H N N 135 
GLY HXT  H N N 136 
GOL C1   C N N 137 
GOL O1   O N N 138 
GOL C2   C N N 139 
GOL O2   O N N 140 
GOL C3   C N N 141 
GOL O3   O N N 142 
GOL H11  H N N 143 
GOL H12  H N N 144 
GOL HO1  H N N 145 
GOL H2   H N N 146 
GOL HO2  H N N 147 
GOL H31  H N N 148 
GOL H32  H N N 149 
GOL HO3  H N N 150 
HIS N    N N N 151 
HIS CA   C N S 152 
HIS C    C N N 153 
HIS O    O N N 154 
HIS CB   C N N 155 
HIS CG   C Y N 156 
HIS ND1  N Y N 157 
HIS CD2  C Y N 158 
HIS CE1  C Y N 159 
HIS NE2  N Y N 160 
HIS OXT  O N N 161 
HIS H    H N N 162 
HIS H2   H N N 163 
HIS HA   H N N 164 
HIS HB2  H N N 165 
HIS HB3  H N N 166 
HIS HD1  H N N 167 
HIS HD2  H N N 168 
HIS HE1  H N N 169 
HIS HE2  H N N 170 
HIS HXT  H N N 171 
HOH O    O N N 172 
HOH H1   H N N 173 
HOH H2   H N N 174 
ILE N    N N N 175 
ILE CA   C N S 176 
ILE C    C N N 177 
ILE O    O N N 178 
ILE CB   C N S 179 
ILE CG1  C N N 180 
ILE CG2  C N N 181 
ILE CD1  C N N 182 
ILE OXT  O N N 183 
ILE H    H N N 184 
ILE H2   H N N 185 
ILE HA   H N N 186 
ILE HB   H N N 187 
ILE HG12 H N N 188 
ILE HG13 H N N 189 
ILE HG21 H N N 190 
ILE HG22 H N N 191 
ILE HG23 H N N 192 
ILE HD11 H N N 193 
ILE HD12 H N N 194 
ILE HD13 H N N 195 
ILE HXT  H N N 196 
LEU N    N N N 197 
LEU CA   C N S 198 
LEU C    C N N 199 
LEU O    O N N 200 
LEU CB   C N N 201 
LEU CG   C N N 202 
LEU CD1  C N N 203 
LEU CD2  C N N 204 
LEU OXT  O N N 205 
LEU H    H N N 206 
LEU H2   H N N 207 
LEU HA   H N N 208 
LEU HB2  H N N 209 
LEU HB3  H N N 210 
LEU HG   H N N 211 
LEU HD11 H N N 212 
LEU HD12 H N N 213 
LEU HD13 H N N 214 
LEU HD21 H N N 215 
LEU HD22 H N N 216 
LEU HD23 H N N 217 
LEU HXT  H N N 218 
LYS N    N N N 219 
LYS CA   C N S 220 
LYS C    C N N 221 
LYS O    O N N 222 
LYS CB   C N N 223 
LYS CG   C N N 224 
LYS CD   C N N 225 
LYS CE   C N N 226 
LYS NZ   N N N 227 
LYS OXT  O N N 228 
LYS H    H N N 229 
LYS H2   H N N 230 
LYS HA   H N N 231 
LYS HB2  H N N 232 
LYS HB3  H N N 233 
LYS HG2  H N N 234 
LYS HG3  H N N 235 
LYS HD2  H N N 236 
LYS HD3  H N N 237 
LYS HE2  H N N 238 
LYS HE3  H N N 239 
LYS HZ1  H N N 240 
LYS HZ2  H N N 241 
LYS HZ3  H N N 242 
LYS HXT  H N N 243 
MET N    N N N 244 
MET CA   C N S 245 
MET C    C N N 246 
MET O    O N N 247 
MET CB   C N N 248 
MET CG   C N N 249 
MET SD   S N N 250 
MET CE   C N N 251 
MET OXT  O N N 252 
MET H    H N N 253 
MET H2   H N N 254 
MET HA   H N N 255 
MET HB2  H N N 256 
MET HB3  H N N 257 
MET HG2  H N N 258 
MET HG3  H N N 259 
MET HE1  H N N 260 
MET HE2  H N N 261 
MET HE3  H N N 262 
MET HXT  H N N 263 
PHE N    N N N 264 
PHE CA   C N S 265 
PHE C    C N N 266 
PHE O    O N N 267 
PHE CB   C N N 268 
PHE CG   C Y N 269 
PHE CD1  C Y N 270 
PHE CD2  C Y N 271 
PHE CE1  C Y N 272 
PHE CE2  C Y N 273 
PHE CZ   C Y N 274 
PHE OXT  O N N 275 
PHE H    H N N 276 
PHE H2   H N N 277 
PHE HA   H N N 278 
PHE HB2  H N N 279 
PHE HB3  H N N 280 
PHE HD1  H N N 281 
PHE HD2  H N N 282 
PHE HE1  H N N 283 
PHE HE2  H N N 284 
PHE HZ   H N N 285 
PHE HXT  H N N 286 
PRO N    N N N 287 
PRO CA   C N S 288 
PRO C    C N N 289 
PRO O    O N N 290 
PRO CB   C N N 291 
PRO CG   C N N 292 
PRO CD   C N N 293 
PRO OXT  O N N 294 
PRO H    H N N 295 
PRO HA   H N N 296 
PRO HB2  H N N 297 
PRO HB3  H N N 298 
PRO HG2  H N N 299 
PRO HG3  H N N 300 
PRO HD2  H N N 301 
PRO HD3  H N N 302 
PRO HXT  H N N 303 
SER N    N N N 304 
SER CA   C N S 305 
SER C    C N N 306 
SER O    O N N 307 
SER CB   C N N 308 
SER OG   O N N 309 
SER OXT  O N N 310 
SER H    H N N 311 
SER H2   H N N 312 
SER HA   H N N 313 
SER HB2  H N N 314 
SER HB3  H N N 315 
SER HG   H N N 316 
SER HXT  H N N 317 
SO4 S    S N N 318 
SO4 O1   O N N 319 
SO4 O2   O N N 320 
SO4 O3   O N N 321 
SO4 O4   O N N 322 
THR N    N N N 323 
THR CA   C N S 324 
THR C    C N N 325 
THR O    O N N 326 
THR CB   C N R 327 
THR OG1  O N N 328 
THR CG2  C N N 329 
THR OXT  O N N 330 
THR H    H N N 331 
THR H2   H N N 332 
THR HA   H N N 333 
THR HB   H N N 334 
THR HG1  H N N 335 
THR HG21 H N N 336 
THR HG22 H N N 337 
THR HG23 H N N 338 
THR HXT  H N N 339 
TRP N    N N N 340 
TRP CA   C N S 341 
TRP C    C N N 342 
TRP O    O N N 343 
TRP CB   C N N 344 
TRP CG   C Y N 345 
TRP CD1  C Y N 346 
TRP CD2  C Y N 347 
TRP NE1  N Y N 348 
TRP CE2  C Y N 349 
TRP CE3  C Y N 350 
TRP CZ2  C Y N 351 
TRP CZ3  C Y N 352 
TRP CH2  C Y N 353 
TRP OXT  O N N 354 
TRP H    H N N 355 
TRP H2   H N N 356 
TRP HA   H N N 357 
TRP HB2  H N N 358 
TRP HB3  H N N 359 
TRP HD1  H N N 360 
TRP HE1  H N N 361 
TRP HE3  H N N 362 
TRP HZ2  H N N 363 
TRP HZ3  H N N 364 
TRP HH2  H N N 365 
TRP HXT  H N N 366 
TYR N    N N N 367 
TYR CA   C N S 368 
TYR C    C N N 369 
TYR O    O N N 370 
TYR CB   C N N 371 
TYR CG   C Y N 372 
TYR CD1  C Y N 373 
TYR CD2  C Y N 374 
TYR CE1  C Y N 375 
TYR CE2  C Y N 376 
TYR CZ   C Y N 377 
TYR OH   O N N 378 
TYR OXT  O N N 379 
TYR H    H N N 380 
TYR H2   H N N 381 
TYR HA   H N N 382 
TYR HB2  H N N 383 
TYR HB3  H N N 384 
TYR HD1  H N N 385 
TYR HD2  H N N 386 
TYR HE1  H N N 387 
TYR HE2  H N N 388 
TYR HH   H N N 389 
TYR HXT  H N N 390 
VAL N    N N N 391 
VAL CA   C N S 392 
VAL C    C N N 393 
VAL O    O N N 394 
VAL CB   C N N 395 
VAL CG1  C N N 396 
VAL CG2  C N N 397 
VAL OXT  O N N 398 
VAL H    H N N 399 
VAL H2   H N N 400 
VAL HA   H N N 401 
VAL HB   H N N 402 
VAL HG11 H N N 403 
VAL HG12 H N N 404 
VAL HG13 H N N 405 
VAL HG21 H N N 406 
VAL HG22 H N N 407 
VAL HG23 H N N 408 
VAL HXT  H N N 409 
# 
loop_
_chem_comp_bond.comp_id 
_chem_comp_bond.atom_id_1 
_chem_comp_bond.atom_id_2 
_chem_comp_bond.value_order 
_chem_comp_bond.pdbx_aromatic_flag 
_chem_comp_bond.pdbx_stereo_config 
_chem_comp_bond.pdbx_ordinal 
ALA N   CA   sing N N 1   
ALA N   H    sing N N 2   
ALA N   H2   sing N N 3   
ALA CA  C    sing N N 4   
ALA CA  CB   sing N N 5   
ALA CA  HA   sing N N 6   
ALA C   O    doub N N 7   
ALA C   OXT  sing N N 8   
ALA CB  HB1  sing N N 9   
ALA CB  HB2  sing N N 10  
ALA CB  HB3  sing N N 11  
ALA OXT HXT  sing N N 12  
ARG N   CA   sing N N 13  
ARG N   H    sing N N 14  
ARG N   H2   sing N N 15  
ARG CA  C    sing N N 16  
ARG CA  CB   sing N N 17  
ARG CA  HA   sing N N 18  
ARG C   O    doub N N 19  
ARG C   OXT  sing N N 20  
ARG CB  CG   sing N N 21  
ARG CB  HB2  sing N N 22  
ARG CB  HB3  sing N N 23  
ARG CG  CD   sing N N 24  
ARG CG  HG2  sing N N 25  
ARG CG  HG3  sing N N 26  
ARG CD  NE   sing N N 27  
ARG CD  HD2  sing N N 28  
ARG CD  HD3  sing N N 29  
ARG NE  CZ   sing N N 30  
ARG NE  HE   sing N N 31  
ARG CZ  NH1  sing N N 32  
ARG CZ  NH2  doub N N 33  
ARG NH1 HH11 sing N N 34  
ARG NH1 HH12 sing N N 35  
ARG NH2 HH21 sing N N 36  
ARG NH2 HH22 sing N N 37  
ARG OXT HXT  sing N N 38  
ASN N   CA   sing N N 39  
ASN N   H    sing N N 40  
ASN N   H2   sing N N 41  
ASN CA  C    sing N N 42  
ASN CA  CB   sing N N 43  
ASN CA  HA   sing N N 44  
ASN C   O    doub N N 45  
ASN C   OXT  sing N N 46  
ASN CB  CG   sing N N 47  
ASN CB  HB2  sing N N 48  
ASN CB  HB3  sing N N 49  
ASN CG  OD1  doub N N 50  
ASN CG  ND2  sing N N 51  
ASN ND2 HD21 sing N N 52  
ASN ND2 HD22 sing N N 53  
ASN OXT HXT  sing N N 54  
ASP N   CA   sing N N 55  
ASP N   H    sing N N 56  
ASP N   H2   sing N N 57  
ASP CA  C    sing N N 58  
ASP CA  CB   sing N N 59  
ASP CA  HA   sing N N 60  
ASP C   O    doub N N 61  
ASP C   OXT  sing N N 62  
ASP CB  CG   sing N N 63  
ASP CB  HB2  sing N N 64  
ASP CB  HB3  sing N N 65  
ASP CG  OD1  doub N N 66  
ASP CG  OD2  sing N N 67  
ASP OD2 HD2  sing N N 68  
ASP OXT HXT  sing N N 69  
CYS N   CA   sing N N 70  
CYS N   H    sing N N 71  
CYS N   H2   sing N N 72  
CYS CA  C    sing N N 73  
CYS CA  CB   sing N N 74  
CYS CA  HA   sing N N 75  
CYS C   O    doub N N 76  
CYS C   OXT  sing N N 77  
CYS CB  SG   sing N N 78  
CYS CB  HB2  sing N N 79  
CYS CB  HB3  sing N N 80  
CYS SG  HG   sing N N 81  
CYS OXT HXT  sing N N 82  
GLN N   CA   sing N N 83  
GLN N   H    sing N N 84  
GLN N   H2   sing N N 85  
GLN CA  C    sing N N 86  
GLN CA  CB   sing N N 87  
GLN CA  HA   sing N N 88  
GLN C   O    doub N N 89  
GLN C   OXT  sing N N 90  
GLN CB  CG   sing N N 91  
GLN CB  HB2  sing N N 92  
GLN CB  HB3  sing N N 93  
GLN CG  CD   sing N N 94  
GLN CG  HG2  sing N N 95  
GLN CG  HG3  sing N N 96  
GLN CD  OE1  doub N N 97  
GLN CD  NE2  sing N N 98  
GLN NE2 HE21 sing N N 99  
GLN NE2 HE22 sing N N 100 
GLN OXT HXT  sing N N 101 
GLU N   CA   sing N N 102 
GLU N   H    sing N N 103 
GLU N   H2   sing N N 104 
GLU CA  C    sing N N 105 
GLU CA  CB   sing N N 106 
GLU CA  HA   sing N N 107 
GLU C   O    doub N N 108 
GLU C   OXT  sing N N 109 
GLU CB  CG   sing N N 110 
GLU CB  HB2  sing N N 111 
GLU CB  HB3  sing N N 112 
GLU CG  CD   sing N N 113 
GLU CG  HG2  sing N N 114 
GLU CG  HG3  sing N N 115 
GLU CD  OE1  doub N N 116 
GLU CD  OE2  sing N N 117 
GLU OE2 HE2  sing N N 118 
GLU OXT HXT  sing N N 119 
GLY N   CA   sing N N 120 
GLY N   H    sing N N 121 
GLY N   H2   sing N N 122 
GLY CA  C    sing N N 123 
GLY CA  HA2  sing N N 124 
GLY CA  HA3  sing N N 125 
GLY C   O    doub N N 126 
GLY C   OXT  sing N N 127 
GLY OXT HXT  sing N N 128 
GOL C1  O1   sing N N 129 
GOL C1  C2   sing N N 130 
GOL C1  H11  sing N N 131 
GOL C1  H12  sing N N 132 
GOL O1  HO1  sing N N 133 
GOL C2  O2   sing N N 134 
GOL C2  C3   sing N N 135 
GOL C2  H2   sing N N 136 
GOL O2  HO2  sing N N 137 
GOL C3  O3   sing N N 138 
GOL C3  H31  sing N N 139 
GOL C3  H32  sing N N 140 
GOL O3  HO3  sing N N 141 
HIS N   CA   sing N N 142 
HIS N   H    sing N N 143 
HIS N   H2   sing N N 144 
HIS CA  C    sing N N 145 
HIS CA  CB   sing N N 146 
HIS CA  HA   sing N N 147 
HIS C   O    doub N N 148 
HIS C   OXT  sing N N 149 
HIS CB  CG   sing N N 150 
HIS CB  HB2  sing N N 151 
HIS CB  HB3  sing N N 152 
HIS CG  ND1  sing Y N 153 
HIS CG  CD2  doub Y N 154 
HIS ND1 CE1  doub Y N 155 
HIS ND1 HD1  sing N N 156 
HIS CD2 NE2  sing Y N 157 
HIS CD2 HD2  sing N N 158 
HIS CE1 NE2  sing Y N 159 
HIS CE1 HE1  sing N N 160 
HIS NE2 HE2  sing N N 161 
HIS OXT HXT  sing N N 162 
HOH O   H1   sing N N 163 
HOH O   H2   sing N N 164 
ILE N   CA   sing N N 165 
ILE N   H    sing N N 166 
ILE N   H2   sing N N 167 
ILE CA  C    sing N N 168 
ILE CA  CB   sing N N 169 
ILE CA  HA   sing N N 170 
ILE C   O    doub N N 171 
ILE C   OXT  sing N N 172 
ILE CB  CG1  sing N N 173 
ILE CB  CG2  sing N N 174 
ILE CB  HB   sing N N 175 
ILE CG1 CD1  sing N N 176 
ILE CG1 HG12 sing N N 177 
ILE CG1 HG13 sing N N 178 
ILE CG2 HG21 sing N N 179 
ILE CG2 HG22 sing N N 180 
ILE CG2 HG23 sing N N 181 
ILE CD1 HD11 sing N N 182 
ILE CD1 HD12 sing N N 183 
ILE CD1 HD13 sing N N 184 
ILE OXT HXT  sing N N 185 
LEU N   CA   sing N N 186 
LEU N   H    sing N N 187 
LEU N   H2   sing N N 188 
LEU CA  C    sing N N 189 
LEU CA  CB   sing N N 190 
LEU CA  HA   sing N N 191 
LEU C   O    doub N N 192 
LEU C   OXT  sing N N 193 
LEU CB  CG   sing N N 194 
LEU CB  HB2  sing N N 195 
LEU CB  HB3  sing N N 196 
LEU CG  CD1  sing N N 197 
LEU CG  CD2  sing N N 198 
LEU CG  HG   sing N N 199 
LEU CD1 HD11 sing N N 200 
LEU CD1 HD12 sing N N 201 
LEU CD1 HD13 sing N N 202 
LEU CD2 HD21 sing N N 203 
LEU CD2 HD22 sing N N 204 
LEU CD2 HD23 sing N N 205 
LEU OXT HXT  sing N N 206 
LYS N   CA   sing N N 207 
LYS N   H    sing N N 208 
LYS N   H2   sing N N 209 
LYS CA  C    sing N N 210 
LYS CA  CB   sing N N 211 
LYS CA  HA   sing N N 212 
LYS C   O    doub N N 213 
LYS C   OXT  sing N N 214 
LYS CB  CG   sing N N 215 
LYS CB  HB2  sing N N 216 
LYS CB  HB3  sing N N 217 
LYS CG  CD   sing N N 218 
LYS CG  HG2  sing N N 219 
LYS CG  HG3  sing N N 220 
LYS CD  CE   sing N N 221 
LYS CD  HD2  sing N N 222 
LYS CD  HD3  sing N N 223 
LYS CE  NZ   sing N N 224 
LYS CE  HE2  sing N N 225 
LYS CE  HE3  sing N N 226 
LYS NZ  HZ1  sing N N 227 
LYS NZ  HZ2  sing N N 228 
LYS NZ  HZ3  sing N N 229 
LYS OXT HXT  sing N N 230 
MET N   CA   sing N N 231 
MET N   H    sing N N 232 
MET N   H2   sing N N 233 
MET CA  C    sing N N 234 
MET CA  CB   sing N N 235 
MET CA  HA   sing N N 236 
MET C   O    doub N N 237 
MET C   OXT  sing N N 238 
MET CB  CG   sing N N 239 
MET CB  HB2  sing N N 240 
MET CB  HB3  sing N N 241 
MET CG  SD   sing N N 242 
MET CG  HG2  sing N N 243 
MET CG  HG3  sing N N 244 
MET SD  CE   sing N N 245 
MET CE  HE1  sing N N 246 
MET CE  HE2  sing N N 247 
MET CE  HE3  sing N N 248 
MET OXT HXT  sing N N 249 
PHE N   CA   sing N N 250 
PHE N   H    sing N N 251 
PHE N   H2   sing N N 252 
PHE CA  C    sing N N 253 
PHE CA  CB   sing N N 254 
PHE CA  HA   sing N N 255 
PHE C   O    doub N N 256 
PHE C   OXT  sing N N 257 
PHE CB  CG   sing N N 258 
PHE CB  HB2  sing N N 259 
PHE CB  HB3  sing N N 260 
PHE CG  CD1  doub Y N 261 
PHE CG  CD2  sing Y N 262 
PHE CD1 CE1  sing Y N 263 
PHE CD1 HD1  sing N N 264 
PHE CD2 CE2  doub Y N 265 
PHE CD2 HD2  sing N N 266 
PHE CE1 CZ   doub Y N 267 
PHE CE1 HE1  sing N N 268 
PHE CE2 CZ   sing Y N 269 
PHE CE2 HE2  sing N N 270 
PHE CZ  HZ   sing N N 271 
PHE OXT HXT  sing N N 272 
PRO N   CA   sing N N 273 
PRO N   CD   sing N N 274 
PRO N   H    sing N N 275 
PRO CA  C    sing N N 276 
PRO CA  CB   sing N N 277 
PRO CA  HA   sing N N 278 
PRO C   O    doub N N 279 
PRO C   OXT  sing N N 280 
PRO CB  CG   sing N N 281 
PRO CB  HB2  sing N N 282 
PRO CB  HB3  sing N N 283 
PRO CG  CD   sing N N 284 
PRO CG  HG2  sing N N 285 
PRO CG  HG3  sing N N 286 
PRO CD  HD2  sing N N 287 
PRO CD  HD3  sing N N 288 
PRO OXT HXT  sing N N 289 
SER N   CA   sing N N 290 
SER N   H    sing N N 291 
SER N   H2   sing N N 292 
SER CA  C    sing N N 293 
SER CA  CB   sing N N 294 
SER CA  HA   sing N N 295 
SER C   O    doub N N 296 
SER C   OXT  sing N N 297 
SER CB  OG   sing N N 298 
SER CB  HB2  sing N N 299 
SER CB  HB3  sing N N 300 
SER OG  HG   sing N N 301 
SER OXT HXT  sing N N 302 
SO4 S   O1   doub N N 303 
SO4 S   O2   doub N N 304 
SO4 S   O3   sing N N 305 
SO4 S   O4   sing N N 306 
THR N   CA   sing N N 307 
THR N   H    sing N N 308 
THR N   H2   sing N N 309 
THR CA  C    sing N N 310 
THR CA  CB   sing N N 311 
THR CA  HA   sing N N 312 
THR C   O    doub N N 313 
THR C   OXT  sing N N 314 
THR CB  OG1  sing N N 315 
THR CB  CG2  sing N N 316 
THR CB  HB   sing N N 317 
THR OG1 HG1  sing N N 318 
THR CG2 HG21 sing N N 319 
THR CG2 HG22 sing N N 320 
THR CG2 HG23 sing N N 321 
THR OXT HXT  sing N N 322 
TRP N   CA   sing N N 323 
TRP N   H    sing N N 324 
TRP N   H2   sing N N 325 
TRP CA  C    sing N N 326 
TRP CA  CB   sing N N 327 
TRP CA  HA   sing N N 328 
TRP C   O    doub N N 329 
TRP C   OXT  sing N N 330 
TRP CB  CG   sing N N 331 
TRP CB  HB2  sing N N 332 
TRP CB  HB3  sing N N 333 
TRP CG  CD1  doub Y N 334 
TRP CG  CD2  sing Y N 335 
TRP CD1 NE1  sing Y N 336 
TRP CD1 HD1  sing N N 337 
TRP CD2 CE2  doub Y N 338 
TRP CD2 CE3  sing Y N 339 
TRP NE1 CE2  sing Y N 340 
TRP NE1 HE1  sing N N 341 
TRP CE2 CZ2  sing Y N 342 
TRP CE3 CZ3  doub Y N 343 
TRP CE3 HE3  sing N N 344 
TRP CZ2 CH2  doub Y N 345 
TRP CZ2 HZ2  sing N N 346 
TRP CZ3 CH2  sing Y N 347 
TRP CZ3 HZ3  sing N N 348 
TRP CH2 HH2  sing N N 349 
TRP OXT HXT  sing N N 350 
TYR N   CA   sing N N 351 
TYR N   H    sing N N 352 
TYR N   H2   sing N N 353 
TYR CA  C    sing N N 354 
TYR CA  CB   sing N N 355 
TYR CA  HA   sing N N 356 
TYR C   O    doub N N 357 
TYR C   OXT  sing N N 358 
TYR CB  CG   sing N N 359 
TYR CB  HB2  sing N N 360 
TYR CB  HB3  sing N N 361 
TYR CG  CD1  doub Y N 362 
TYR CG  CD2  sing Y N 363 
TYR CD1 CE1  sing Y N 364 
TYR CD1 HD1  sing N N 365 
TYR CD2 CE2  doub Y N 366 
TYR CD2 HD2  sing N N 367 
TYR CE1 CZ   doub Y N 368 
TYR CE1 HE1  sing N N 369 
TYR CE2 CZ   sing Y N 370 
TYR CE2 HE2  sing N N 371 
TYR CZ  OH   sing N N 372 
TYR OH  HH   sing N N 373 
TYR OXT HXT  sing N N 374 
VAL N   CA   sing N N 375 
VAL N   H    sing N N 376 
VAL N   H2   sing N N 377 
VAL CA  C    sing N N 378 
VAL CA  CB   sing N N 379 
VAL CA  HA   sing N N 380 
VAL C   O    doub N N 381 
VAL C   OXT  sing N N 382 
VAL CB  CG1  sing N N 383 
VAL CB  CG2  sing N N 384 
VAL CB  HB   sing N N 385 
VAL CG1 HG11 sing N N 386 
VAL CG1 HG12 sing N N 387 
VAL CG1 HG13 sing N N 388 
VAL CG2 HG21 sing N N 389 
VAL CG2 HG22 sing N N 390 
VAL CG2 HG23 sing N N 391 
VAL OXT HXT  sing N N 392 
# 
_atom_sites.entry_id                    1RLK 
_atom_sites.fract_transf_matrix[1][1]   0.02144992 
_atom_sites.fract_transf_matrix[1][2]   0.01270809 
_atom_sites.fract_transf_matrix[1][3]   0.00919106 
_atom_sites.fract_transf_matrix[2][1]   0.01720425 
_atom_sites.fract_transf_matrix[2][2]   -0.01267881 
_atom_sites.fract_transf_matrix[2][3]   0.01579027 
_atom_sites.fract_transf_matrix[3][1]   0.00501776 
_atom_sites.fract_transf_matrix[3][2]   -0.00285654 
_atom_sites.fract_transf_matrix[3][3]   -0.00776075 
_atom_sites.fract_transf_vector[1]      1.013993 
_atom_sites.fract_transf_vector[2]      0.578495 
_atom_sites.fract_transf_vector[3]      0.073378 
# 
loop_
_atom_type.symbol 
C 
N 
O 
S 
# 
loop_
_atom_site.group_PDB 
_atom_site.id 
_atom_site.type_symbol 
_atom_site.label_atom_id 
_atom_site.label_alt_id 
_atom_site.label_comp_id 
_atom_site.label_asym_id 
_atom_site.label_entity_id 
_atom_site.label_seq_id 
_atom_site.pdbx_PDB_ins_code 
_atom_site.Cartn_x 
_atom_site.Cartn_y 
_atom_site.Cartn_z 
_atom_site.occupancy 
_atom_site.B_iso_or_equiv 
_atom_site.pdbx_formal_charge 
_atom_site.auth_seq_id 
_atom_site.auth_comp_id 
_atom_site.auth_asym_id 
_atom_site.auth_atom_id 
_atom_site.pdbx_PDB_model_num 
ATOM   1    N N   . VAL A 1 2   ? -11.487 -11.466 -5.330  1.00 35.90 ? 2   VAL A N   1 
ATOM   2    C CA  . VAL A 1 2   ? -12.209 -11.101 -4.069  1.00 36.13 ? 2   VAL A CA  1 
ATOM   3    C C   . VAL A 1 2   ? -11.213 -10.787 -2.932  1.00 35.09 ? 2   VAL A C   1 
ATOM   4    O O   . VAL A 1 2   ? -11.518 -10.002 -2.014  1.00 35.69 ? 2   VAL A O   1 
ATOM   5    C CB  . VAL A 1 2   ? -13.240 -12.205 -3.691  1.00 36.46 ? 2   VAL A CB  1 
ATOM   6    C CG1 . VAL A 1 2   ? -13.485 -12.302 -2.182  1.00 37.14 ? 2   VAL A CG1 1 
ATOM   7    C CG2 . VAL A 1 2   ? -14.562 -11.972 -4.424  1.00 37.44 ? 2   VAL A CG2 1 
ATOM   8    N N   . LYS A 1 3   ? -10.030 -11.402 -2.980  1.00 33.20 ? 3   LYS A N   1 
ATOM   9    C CA  . LYS A 1 3   ? -8.901  -10.876 -2.225  1.00 31.24 ? 3   LYS A CA  1 
ATOM   10   C C   . LYS A 1 3   ? -8.284  -9.789  -3.095  1.00 29.36 ? 3   LYS A C   1 
ATOM   11   O O   . LYS A 1 3   ? -8.132  -9.972  -4.300  1.00 29.20 ? 3   LYS A O   1 
ATOM   12   C CB  . LYS A 1 3   ? -7.875  -11.960 -1.893  1.00 31.32 ? 3   LYS A CB  1 
ATOM   13   C CG  . LYS A 1 3   ? -8.403  -13.084 -0.999  1.00 32.42 ? 3   LYS A CG  1 
ATOM   14   C CD  . LYS A 1 3   ? -8.910  -12.574 0.354   1.00 33.70 ? 3   LYS A CD  1 
ATOM   15   C CE  . LYS A 1 3   ? -9.346  -13.719 1.268   1.00 35.32 ? 3   LYS A CE  1 
ATOM   16   N NZ  . LYS A 1 3   ? -10.778 -14.022 1.069   1.00 36.26 ? 3   LYS A NZ  1 
ATOM   17   N N   . LYS A 1 4   ? -8.004  -8.637  -2.498  1.00 26.73 ? 4   LYS A N   1 
ATOM   18   C CA  . LYS A 1 4   ? -7.345  -7.540  -3.189  1.00 25.82 ? 4   LYS A CA  1 
ATOM   19   C C   . LYS A 1 4   ? -6.226  -6.945  -2.327  1.00 23.56 ? 4   LYS A C   1 
ATOM   20   O O   . LYS A 1 4   ? -6.212  -7.094  -1.117  1.00 23.18 ? 4   LYS A O   1 
ATOM   21   C CB  . LYS A 1 4   ? -8.351  -6.436  -3.535  1.00 26.27 ? 4   LYS A CB  1 
ATOM   22   C CG  . LYS A 1 4   ? -9.670  -6.910  -4.205  1.00 27.85 ? 4   LYS A CG  1 
ATOM   23   C CD  . LYS A 1 4   ? -9.654  -6.769  -5.715  1.00 29.46 ? 4   LYS A CD  1 
ATOM   24   C CE  . LYS A 1 4   ? -11.046 -7.027  -6.329  1.00 31.29 ? 4   LYS A CE  1 
ATOM   25   N NZ  . LYS A 1 4   ? -11.753 -5.758  -6.699  1.00 30.94 ? 4   LYS A NZ  1 
ATOM   26   N N   . MET A 1 5   ? -5.289  -6.278  -2.979  1.00 21.69 ? 5   MET A N   1 
ATOM   27   C CA  . MET A 1 5   ? -4.335  -5.400  -2.317  1.00 20.02 ? 5   MET A CA  1 
ATOM   28   C C   . MET A 1 5   ? -4.692  -3.960  -2.646  1.00 18.95 ? 5   MET A C   1 
ATOM   29   O O   . MET A 1 5   ? -5.162  -3.702  -3.731  1.00 19.14 ? 5   MET A O   1 
ATOM   30   C CB  . MET A 1 5   ? -2.924  -5.745  -2.800  1.00 19.83 ? 5   MET A CB  1 
ATOM   31   C CG  . MET A 1 5   ? -1.891  -4.722  -2.450  1.00 18.62 ? 5   MET A CG  1 
ATOM   32   S SD  . MET A 1 5   ? -0.254  -5.238  -2.918  1.00 17.99 ? 5   MET A SD  1 
ATOM   33   C CE  . MET A 1 5   ? -0.087  -6.633  -2.007  1.00 14.77 ? 5   MET A CE  1 
ATOM   34   N N   . VAL A 1 6   ? -4.514  -3.026  -1.707  1.00 17.21 ? 6   VAL A N   1 
ATOM   35   C CA  . VAL A 1 6   ? -4.665  -1.608  -1.983  1.00 17.10 ? 6   VAL A CA  1 
ATOM   36   C C   . VAL A 1 6   ? -3.340  -0.900  -1.769  1.00 16.95 ? 6   VAL A C   1 
ATOM   37   O O   . VAL A 1 6   ? -2.651  -1.184  -0.796  1.00 15.56 ? 6   VAL A O   1 
ATOM   38   C CB  . VAL A 1 6   ? -5.683  -0.929  -1.028  1.00 17.21 ? 6   VAL A CB  1 
ATOM   39   C CG1 . VAL A 1 6   ? -5.846  0.552   -1.362  1.00 17.35 ? 6   VAL A CG1 1 
ATOM   40   C CG2 . VAL A 1 6   ? -6.980  -1.641  -1.048  1.00 18.22 ? 6   VAL A CG2 1 
ATOM   41   N N   . ILE A 1 7   ? -3.004  0.036   -2.647  1.00 16.71 ? 7   ILE A N   1 
ATOM   42   C CA  . ILE A 1 7   ? -1.894  0.933   -2.402  1.00 17.45 ? 7   ILE A CA  1 
ATOM   43   C C   . ILE A 1 7   ? -2.385  2.351   -2.501  1.00 17.79 ? 7   ILE A C   1 
ATOM   44   O O   . ILE A 1 7   ? -2.983  2.732   -3.499  1.00 18.07 ? 7   ILE A O   1 
ATOM   45   C CB  . ILE A 1 7   ? -0.727  0.699   -3.399  1.00 16.95 ? 7   ILE A CB  1 
ATOM   46   C CG1 . ILE A 1 7   ? -0.330  -0.770  -3.412  1.00 16.98 ? 7   ILE A CG1 1 
ATOM   47   C CG2 . ILE A 1 7   ? 0.464   1.562   -3.009  1.00 18.22 ? 7   ILE A CG2 1 
ATOM   48   C CD1 . ILE A 1 7   ? -0.962  -1.563  -4.531  1.00 14.80 ? 7   ILE A CD1 1 
ATOM   49   N N   . ALA A 1 8   ? -2.140  3.132   -1.456  1.00 18.38 ? 8   ALA A N   1 
ATOM   50   C CA  . ALA A 1 8   ? -2.556  4.520   -1.393  1.00 18.37 ? 8   ALA A CA  1 
ATOM   51   C C   . ALA A 1 8   ? -1.335  5.403   -1.579  1.00 19.38 ? 8   ALA A C   1 
ATOM   52   O O   . ALA A 1 8   ? -0.365  5.276   -0.833  1.00 19.06 ? 8   ALA A O   1 
ATOM   53   C CB  . ALA A 1 8   ? -3.238  4.808   -0.057  1.00 18.84 ? 8   ALA A CB  1 
ATOM   54   N N   . VAL A 1 9   ? -1.419  6.305   -2.557  1.00 19.98 ? 9   VAL A N   1 
ATOM   55   C CA  . VAL A 1 9   ? -0.312  7.094   -3.064  1.00 21.00 ? 9   VAL A CA  1 
ATOM   56   C C   . VAL A 1 9   ? -0.537  8.557   -2.722  1.00 22.16 ? 9   VAL A C   1 
ATOM   57   O O   . VAL A 1 9   ? -1.623  9.075   -2.940  1.00 22.11 ? 9   VAL A O   1 
ATOM   58   C CB  . VAL A 1 9   ? -0.227  6.938   -4.584  1.00 21.09 ? 9   VAL A CB  1 
ATOM   59   C CG1 . VAL A 1 9   ? 0.921   7.766   -5.169  1.00 21.93 ? 9   VAL A CG1 1 
ATOM   60   C CG2 . VAL A 1 9   ? -0.093  5.474   -4.941  1.00 21.57 ? 9   VAL A CG2 1 
ATOM   61   N N   . ARG A 1 10  ? 0.484   9.222   -2.181  1.00 23.47 ? 10  ARG A N   1 
ATOM   62   C CA  . ARG A 1 10  ? 0.451   10.677  -1.944  1.00 24.81 ? 10  ARG A CA  1 
ATOM   63   C C   . ARG A 1 10  ? 0.450   11.464  -3.242  1.00 26.40 ? 10  ARG A C   1 
ATOM   64   O O   . ARG A 1 10  ? 1.273   11.200  -4.125  1.00 26.58 ? 10  ARG A O   1 
ATOM   65   C CB  . ARG A 1 10  ? 1.655   11.134  -1.099  1.00 24.61 ? 10  ARG A CB  1 
ATOM   66   C CG  . ARG A 1 10  ? 1.549   10.786  0.360   1.00 23.96 ? 10  ARG A CG  1 
ATOM   67   C CD  . ARG A 1 10  ? 2.767   11.225  1.197   1.00 23.36 ? 10  ARG A CD  1 
ATOM   68   N NE  . ARG A 1 10  ? 2.965   12.678  1.173   1.00 24.81 ? 10  ARG A NE  1 
ATOM   69   C CZ  . ARG A 1 10  ? 3.940   13.317  1.823   1.00 26.29 ? 10  ARG A CZ  1 
ATOM   70   N NH1 . ARG A 1 10  ? 4.835   12.653  2.534   1.00 25.89 ? 10  ARG A NH1 1 
ATOM   71   N NH2 . ARG A 1 10  ? 4.028   14.633  1.766   1.00 28.10 ? 10  ARG A NH2 1 
ATOM   72   N N   . LYS A 1 11  ? -0.454  12.446  -3.346  1.00 27.74 ? 11  LYS A N   1 
ATOM   73   C CA  . LYS A 1 11  ? -0.578  13.281  -4.543  1.00 29.18 ? 11  LYS A CA  1 
ATOM   74   C C   . LYS A 1 11  ? 0.154   14.621  -4.397  1.00 29.66 ? 11  LYS A C   1 
ATOM   75   O O   . LYS A 1 11  ? 0.385   15.302  -5.382  1.00 29.71 ? 11  LYS A O   1 
ATOM   76   C CB  . LYS A 1 11  ? -2.057  13.509  -4.915  1.00 29.84 ? 11  LYS A CB  1 
ATOM   77   C CG  . LYS A 1 11  ? -2.899  14.255  -3.865  1.00 32.47 ? 11  LYS A CG  1 
ATOM   78   C CD  . LYS A 1 11  ? -4.198  14.884  -4.436  1.00 35.61 ? 11  LYS A CD  1 
ATOM   79   C CE  . LYS A 1 11  ? -5.296  13.853  -4.646  1.00 37.23 ? 11  LYS A CE  1 
ATOM   80   N NZ  . LYS A 1 11  ? -6.540  14.140  -3.853  1.00 40.04 ? 11  LYS A NZ  1 
ATOM   81   N N   . ASP A 1 12  ? 0.518   14.986  -3.168  1.00 30.53 ? 12  ASP A N   1 
ATOM   82   C CA  . ASP A 1 12  ? 1.209   16.258  -2.894  1.00 31.30 ? 12  ASP A CA  1 
ATOM   83   C C   . ASP A 1 12  ? 2.730   16.254  -3.118  1.00 31.73 ? 12  ASP A C   1 
ATOM   84   O O   . ASP A 1 12  ? 3.398   17.253  -2.842  1.00 32.19 ? 12  ASP A O   1 
ATOM   85   C CB  . ASP A 1 12  ? 0.909   16.727  -1.455  1.00 31.46 ? 12  ASP A CB  1 
ATOM   86   C CG  . ASP A 1 12  ? 1.425   15.767  -0.393  1.00 31.55 ? 12  ASP A CG  1 
ATOM   87   O OD1 . ASP A 1 12  ? 1.697   14.598  -0.717  1.00 32.66 ? 12  ASP A OD1 1 
ATOM   88   O OD2 . ASP A 1 12  ? 1.579   16.080  0.809   1.00 32.41 ? 12  ASP A OD2 1 
ATOM   89   N N   . LEU A 1 13  ? 3.284   15.162  -3.628  1.00 32.07 ? 13  LEU A N   1 
ATOM   90   C CA  . LEU A 1 13  ? 4.735   15.061  -3.812  1.00 32.45 ? 13  LEU A CA  1 
ATOM   91   C C   . LEU A 1 13  ? 5.243   15.358  -5.226  1.00 32.90 ? 13  LEU A C   1 
ATOM   92   O O   . LEU A 1 13  ? 6.447   15.342  -5.458  1.00 33.76 ? 13  LEU A O   1 
ATOM   93   C CB  . LEU A 1 13  ? 5.211   13.668  -3.391  1.00 32.15 ? 13  LEU A CB  1 
ATOM   94   C CG  . LEU A 1 13  ? 5.141   13.371  -1.899  1.00 31.54 ? 13  LEU A CG  1 
ATOM   95   C CD1 . LEU A 1 13  ? 5.642   11.951  -1.672  1.00 31.44 ? 13  LEU A CD1 1 
ATOM   96   C CD2 . LEU A 1 13  ? 5.944   14.373  -1.076  1.00 31.38 ? 13  LEU A CD2 1 
ATOM   97   N N   . ASP A 1 14  ? 4.351   15.589  -6.178  1.00 33.63 ? 14  ASP A N   1 
ATOM   98   C CA  . ASP A 1 14  ? 4.770   15.987  -7.532  1.00 34.18 ? 14  ASP A CA  1 
ATOM   99   C C   . ASP A 1 14  ? 5.515   14.822  -8.218  1.00 33.29 ? 14  ASP A C   1 
ATOM   100  O O   . ASP A 1 14  ? 6.454   15.018  -8.994  1.00 33.71 ? 14  ASP A O   1 
ATOM   101  C CB  . ASP A 1 14  ? 5.603   17.287  -7.445  1.00 34.75 ? 14  ASP A CB  1 
ATOM   102  C CG  . ASP A 1 14  ? 6.106   17.773  -8.780  1.00 36.78 ? 14  ASP A CG  1 
ATOM   103  O OD1 . ASP A 1 14  ? 5.279   18.130  -9.653  1.00 39.59 ? 14  ASP A OD1 1 
ATOM   104  O OD2 . ASP A 1 14  ? 7.332   17.842  -9.030  1.00 39.35 ? 14  ASP A OD2 1 
ATOM   105  N N   . MET A 1 15  ? 5.075   13.598  -7.929  1.00 32.29 ? 15  MET A N   1 
ATOM   106  C CA  . MET A 1 15  ? 5.694   12.409  -8.518  1.00 31.37 ? 15  MET A CA  1 
ATOM   107  C C   . MET A 1 15  ? 5.209   12.165  -9.953  1.00 30.65 ? 15  MET A C   1 
ATOM   108  O O   . MET A 1 15  ? 4.010   12.224  -10.230 1.00 30.67 ? 15  MET A O   1 
ATOM   109  C CB  . MET A 1 15  ? 5.428   11.182  -7.650  1.00 30.98 ? 15  MET A CB  1 
ATOM   110  C CG  . MET A 1 15  ? 6.130   11.251  -6.299  1.00 30.17 ? 15  MET A CG  1 
ATOM   111  S SD  . MET A 1 15  ? 5.993   9.762   -5.325  1.00 27.28 ? 15  MET A SD  1 
ATOM   112  C CE  . MET A 1 15  ? 4.258   9.795   -4.833  1.00 28.15 ? 15  MET A CE  1 
ATOM   113  N N   . GLY A 1 16  ? 6.149   11.887  -10.852 1.00 29.32 ? 16  GLY A N   1 
ATOM   114  C CA  . GLY A 1 16  ? 5.818   11.531  -12.220 1.00 29.06 ? 16  GLY A CA  1 
ATOM   115  C C   . GLY A 1 16  ? 5.198   10.145  -12.321 1.00 28.44 ? 16  GLY A C   1 
ATOM   116  O O   . GLY A 1 16  ? 5.219   9.379   -11.370 1.00 28.03 ? 16  GLY A O   1 
ATOM   117  N N   . LYS A 1 17  ? 4.662   9.829   -13.493 1.00 27.69 ? 17  LYS A N   1 
ATOM   118  C CA  . LYS A 1 17  ? 3.993   8.551   -13.760 1.00 27.43 ? 17  LYS A CA  1 
ATOM   119  C C   . LYS A 1 17  ? 4.876   7.349   -13.443 1.00 25.87 ? 17  LYS A C   1 
ATOM   120  O O   . LYS A 1 17  ? 4.414   6.376   -12.878 1.00 25.59 ? 17  LYS A O   1 
ATOM   121  C CB  . LYS A 1 17  ? 3.592   8.475   -15.244 1.00 28.05 ? 17  LYS A CB  1 
ATOM   122  C CG  . LYS A 1 17  ? 2.110   8.399   -15.499 1.00 31.33 ? 17  LYS A CG  1 
ATOM   123  C CD  . LYS A 1 17  ? 1.784   8.532   -17.006 1.00 34.99 ? 17  LYS A CD  1 
ATOM   124  C CE  . LYS A 1 17  ? 1.112   9.878   -17.337 1.00 36.71 ? 17  LYS A CE  1 
ATOM   125  N NZ  . LYS A 1 17  ? 1.209   10.213  -18.797 1.00 37.81 ? 17  LYS A NZ  1 
ATOM   126  N N   . GLY A 1 18  ? 6.130   7.411   -13.861 1.00 24.37 ? 18  GLY A N   1 
ATOM   127  C CA  . GLY A 1 18  ? 7.080   6.337   -13.634 1.00 24.06 ? 18  GLY A CA  1 
ATOM   128  C C   . GLY A 1 18  ? 7.460   6.159   -12.174 1.00 22.87 ? 18  GLY A C   1 
ATOM   129  O O   . GLY A 1 18  ? 7.530   5.042   -11.679 1.00 23.17 ? 18  GLY A O   1 
ATOM   130  N N   . LYS A 1 19  ? 7.722   7.261   -11.489 1.00 22.04 ? 19  LYS A N   1 
ATOM   131  C CA  . LYS A 1 19  ? 8.028   7.210   -10.074 1.00 21.32 ? 19  LYS A CA  1 
ATOM   132  C C   . LYS A 1 19  ? 6.845   6.637   -9.270  1.00 20.25 ? 19  LYS A C   1 
ATOM   133  O O   . LYS A 1 19  ? 7.039   5.820   -8.388  1.00 19.55 ? 19  LYS A O   1 
ATOM   134  C CB  . LYS A 1 19  ? 8.451   8.587   -9.536  1.00 21.62 ? 19  LYS A CB  1 
ATOM   135  C CG  . LYS A 1 19  ? 8.747   8.534   -8.033  1.00 23.71 ? 19  LYS A CG  1 
ATOM   136  C CD  . LYS A 1 19  ? 9.862   9.431   -7.581  1.00 27.75 ? 19  LYS A CD  1 
ATOM   137  C CE  . LYS A 1 19  ? 10.371  8.982   -6.224  1.00 29.15 ? 19  LYS A CE  1 
ATOM   138  N NZ  . LYS A 1 19  ? 11.453  9.873   -5.713  1.00 31.79 ? 19  LYS A NZ  1 
ATOM   139  N N   . ILE A 1 20  ? 5.622   7.046   -9.598  1.00 19.77 ? 20  ILE A N   1 
ATOM   140  C CA  . ILE A 1 20  ? 4.433   6.526   -8.931  1.00 19.11 ? 20  ILE A CA  1 
ATOM   141  C C   . ILE A 1 20  ? 4.346   5.006   -9.100  1.00 18.37 ? 20  ILE A C   1 
ATOM   142  O O   . ILE A 1 20  ? 4.132   4.295   -8.133  1.00 17.69 ? 20  ILE A O   1 
ATOM   143  C CB  . ILE A 1 20  ? 3.145   7.216   -9.463  1.00 19.25 ? 20  ILE A CB  1 
ATOM   144  C CG1 . ILE A 1 20  ? 3.077   8.659   -8.957  1.00 21.44 ? 20  ILE A CG1 1 
ATOM   145  C CG2 . ILE A 1 20  ? 1.897   6.471   -9.004  1.00 19.85 ? 20  ILE A CG2 1 
ATOM   146  C CD1 . ILE A 1 20  ? 1.991   9.502   -9.653  1.00 23.17 ? 20  ILE A CD1 1 
ATOM   147  N N   . ALA A 1 21  ? 4.524   4.523   -10.327 1.00 17.16 ? 21  ALA A N   1 
ATOM   148  C CA  . ALA A 1 21  ? 4.519   3.093   -10.583 1.00 17.36 ? 21  ALA A CA  1 
ATOM   149  C C   . ALA A 1 21  ? 5.570   2.373   -9.745  1.00 16.53 ? 21  ALA A C   1 
ATOM   150  O O   . ALA A 1 21  ? 5.293   1.352   -9.159  1.00 16.50 ? 21  ALA A O   1 
ATOM   151  C CB  . ALA A 1 21  ? 4.739   2.807   -12.065 1.00 17.12 ? 21  ALA A CB  1 
ATOM   152  N N   . ALA A 1 22  ? 6.783   2.914   -9.693  1.00 16.41 ? 22  ALA A N   1 
ATOM   153  C CA  . ALA A 1 22  ? 7.864   2.291   -8.925  1.00 15.24 ? 22  ALA A CA  1 
ATOM   154  C C   . ALA A 1 22  ? 7.533   2.255   -7.440  1.00 14.80 ? 22  ALA A C   1 
ATOM   155  O O   . ALA A 1 22  ? 7.801   1.271   -6.772  1.00 13.61 ? 22  ALA A O   1 
ATOM   156  C CB  . ALA A 1 22  ? 9.179   3.036   -9.146  1.00 16.39 ? 22  ALA A CB  1 
ATOM   157  N N   . GLN A 1 23  ? 6.944   3.326   -6.923  1.00 15.08 ? 23  GLN A N   1 
ATOM   158  C CA  . GLN A 1 23  ? 6.616   3.397   -5.496  1.00 15.07 ? 23  GLN A CA  1 
ATOM   159  C C   . GLN A 1 23  ? 5.498   2.443   -5.154  1.00 14.96 ? 23  GLN A C   1 
ATOM   160  O O   . GLN A 1 23  ? 5.565   1.744   -4.137  1.00 14.49 ? 23  GLN A O   1 
ATOM   161  C CB  . GLN A 1 23  ? 6.228   4.811   -5.070  1.00 15.33 ? 23  GLN A CB  1 
ATOM   162  C CG  . GLN A 1 23  ? 7.303   5.861   -5.315  1.00 17.46 ? 23  GLN A CG  1 
ATOM   163  C CD  . GLN A 1 23  ? 8.569   5.593   -4.576  1.00 17.98 ? 23  GLN A CD  1 
ATOM   164  O OE1 . GLN A 1 23  ? 8.561   5.450   -3.350  1.00 18.93 ? 23  GLN A OE1 1 
ATOM   165  N NE2 . GLN A 1 23  ? 9.678   5.528   -5.312  1.00 20.97 ? 23  GLN A NE2 1 
ATOM   166  N N   . VAL A 1 24  ? 4.476   2.382   -6.013  1.00 15.12 ? 24  VAL A N   1 
ATOM   167  C CA  . VAL A 1 24  ? 3.400   1.394   -5.836  1.00 14.86 ? 24  VAL A CA  1 
ATOM   168  C C   . VAL A 1 24  ? 3.957   -0.030  -5.876  1.00 14.86 ? 24  VAL A C   1 
ATOM   169  O O   . VAL A 1 24  ? 3.567   -0.879  -5.053  1.00 14.85 ? 24  VAL A O   1 
ATOM   170  C CB  . VAL A 1 24  ? 2.263   1.584   -6.887  1.00 14.98 ? 24  VAL A CB  1 
ATOM   171  C CG1 . VAL A 1 24  ? 1.273   0.435   -6.829  1.00 16.16 ? 24  VAL A CG1 1 
ATOM   172  C CG2 . VAL A 1 24  ? 1.545   2.908   -6.633  1.00 15.27 ? 24  VAL A CG2 1 
ATOM   173  N N   . ALA A 1 25  ? 4.880   -0.296  -6.814  1.00 14.78 ? 25  ALA A N   1 
ATOM   174  C CA  . ALA A 1 25  ? 5.540   -1.601  -6.887  1.00 15.24 ? 25  ALA A CA  1 
ATOM   175  C C   . ALA A 1 25  ? 6.341   -1.940  -5.617  1.00 15.28 ? 25  ALA A C   1 
ATOM   176  O O   . ALA A 1 25  ? 6.361   -3.100  -5.192  1.00 15.72 ? 25  ALA A O   1 
ATOM   177  C CB  . ALA A 1 25  ? 6.449   -1.697  -8.135  1.00 15.16 ? 25  ALA A CB  1 
ATOM   178  N N   . HIS A 1 26  ? 7.003   -0.949  -5.025  1.00 15.46 ? 26  HIS A N   1 
ATOM   179  C CA  . HIS A 1 26  ? 7.724   -1.151  -3.760  1.00 15.91 ? 26  HIS A CA  1 
ATOM   180  C C   . HIS A 1 26  ? 6.745   -1.634  -2.701  1.00 15.50 ? 26  HIS A C   1 
ATOM   181  O O   . HIS A 1 26  ? 7.007   -2.645  -2.042  1.00 15.88 ? 26  HIS A O   1 
ATOM   182  C CB  A HIS A 1 26  ? 8.392   0.122   -3.243  0.63 16.00 ? 26  HIS A CB  1 
ATOM   183  C CB  B HIS A 1 26  ? 8.408   0.171   -3.357  0.37 15.94 ? 26  HIS A CB  1 
ATOM   184  C CG  A HIS A 1 26  ? 9.477   0.644   -4.124  0.63 18.01 ? 26  HIS A CG  1 
ATOM   185  C CG  B HIS A 1 26  ? 9.381   0.062   -2.221  0.37 17.08 ? 26  HIS A CG  1 
ATOM   186  N ND1 A HIS A 1 26  ? 10.054  1.882   -3.945  0.63 20.10 ? 26  HIS A ND1 1 
ATOM   187  N ND1 B HIS A 1 26  ? 10.176  1.117   -1.825  0.37 18.78 ? 26  HIS A ND1 1 
ATOM   188  C CD2 A HIS A 1 26  ? 10.090  0.093   -5.197  0.63 20.41 ? 26  HIS A CD2 1 
ATOM   189  C CD2 B HIS A 1 26  ? 9.670   -0.957  -1.383  0.37 18.98 ? 26  HIS A CD2 1 
ATOM   190  C CE1 A HIS A 1 26  ? 10.984  2.065   -4.865  0.63 20.77 ? 26  HIS A CE1 1 
ATOM   191  C CE1 B HIS A 1 26  ? 10.925  0.746   -0.802  0.37 19.39 ? 26  HIS A CE1 1 
ATOM   192  N NE2 A HIS A 1 26  ? 11.019  0.997   -5.642  0.63 20.32 ? 26  HIS A NE2 1 
ATOM   193  N NE2 B HIS A 1 26  ? 10.639  -0.511  -0.514  0.37 19.67 ? 26  HIS A NE2 1 
ATOM   194  N N   . ALA A 1 27  ? 5.608   -0.935  -2.558  1.00 14.84 ? 27  ALA A N   1 
ATOM   195  C CA  . ALA A 1 27  ? 4.613   -1.305  -1.551  1.00 14.37 ? 27  ALA A CA  1 
ATOM   196  C C   . ALA A 1 27  ? 4.102   -2.718  -1.778  1.00 14.43 ? 27  ALA A C   1 
ATOM   197  O O   . ALA A 1 27  ? 3.944   -3.499  -0.831  1.00 13.92 ? 27  ALA A O   1 
ATOM   198  C CB  . ALA A 1 27  ? 3.471   -0.312  -1.543  1.00 14.17 ? 27  ALA A CB  1 
ATOM   199  N N   . ALA A 1 28  ? 3.859   -3.052  -3.044  1.00 14.33 ? 28  ALA A N   1 
ATOM   200  C CA  . ALA A 1 28  ? 3.236   -4.310  -3.409  1.00 14.49 ? 28  ALA A CA  1 
ATOM   201  C C   . ALA A 1 28  ? 4.175   -5.477  -3.152  1.00 15.02 ? 28  ALA A C   1 
ATOM   202  O O   . ALA A 1 28  ? 3.736   -6.527  -2.687  1.00 14.93 ? 28  ALA A O   1 
ATOM   203  C CB  . ALA A 1 28  ? 2.816   -4.287  -4.880  1.00 14.58 ? 28  ALA A CB  1 
ATOM   204  N N   . VAL A 1 29  ? 5.459   -5.289  -3.457  1.00 15.08 ? 29  VAL A N   1 
ATOM   205  C CA  . VAL A 1 29  ? 6.468   -6.311  -3.231  1.00 16.14 ? 29  VAL A CA  1 
ATOM   206  C C   . VAL A 1 29  ? 6.621   -6.624  -1.743  1.00 16.97 ? 29  VAL A C   1 
ATOM   207  O O   . VAL A 1 29  ? 6.596   -7.791  -1.338  1.00 16.85 ? 29  VAL A O   1 
ATOM   208  C CB  . VAL A 1 29  ? 7.824   -5.892  -3.846  1.00 16.23 ? 29  VAL A CB  1 
ATOM   209  C CG1 . VAL A 1 29  ? 8.954   -6.786  -3.344  1.00 17.86 ? 29  VAL A CG1 1 
ATOM   210  C CG2 . VAL A 1 29  ? 7.723   -5.942  -5.382  1.00 16.73 ? 29  VAL A CG2 1 
ATOM   211  N N   . THR A 1 30  ? 6.736   -5.586  -0.924  1.00 17.44 ? 30  THR A N   1 
ATOM   212  C CA  . THR A 1 30  ? 6.943   -5.818  0.497   1.00 18.11 ? 30  THR A CA  1 
ATOM   213  C C   . THR A 1 30  ? 5.704   -6.478  1.116   1.00 18.36 ? 30  THR A C   1 
ATOM   214  O O   . THR A 1 30  ? 5.829   -7.434  1.878   1.00 17.33 ? 30  THR A O   1 
ATOM   215  C CB  . THR A 1 30  ? 7.290   -4.516  1.208   1.00 18.08 ? 30  THR A CB  1 
ATOM   216  O OG1 . THR A 1 30  ? 8.504   -3.982  0.668   1.00 18.07 ? 30  THR A OG1 1 
ATOM   217  C CG2 . THR A 1 30  ? 7.577   -4.763  2.700   1.00 19.42 ? 30  THR A CG2 1 
ATOM   218  N N   . CYS A 1 31  ? 4.508   -5.986  0.774   1.00 18.76 ? 31  CYS A N   1 
ATOM   219  C CA  . CYS A 1 31  ? 3.290   -6.551  1.343   1.00 19.45 ? 31  CYS A CA  1 
ATOM   220  C C   . CYS A 1 31  ? 3.108   -8.001  0.924   1.00 19.50 ? 31  CYS A C   1 
ATOM   221  O O   . CYS A 1 31  ? 2.702   -8.836  1.721   1.00 19.91 ? 31  CYS A O   1 
ATOM   222  C CB  . CYS A 1 31  ? 2.073   -5.718  0.946   1.00 19.64 ? 31  CYS A CB  1 
ATOM   223  S SG  . CYS A 1 31  ? 1.976   -4.155  1.813   1.00 22.36 ? 31  CYS A SG  1 
ATOM   224  N N   . ALA A 1 32  ? 3.418   -8.296  -0.332  1.00 19.55 ? 32  ALA A N   1 
ATOM   225  C CA  . ALA A 1 32  ? 3.190   -9.628  -0.886  1.00 20.19 ? 32  ALA A CA  1 
ATOM   226  C C   . ALA A 1 32  ? 4.106   -10.656 -0.225  1.00 20.49 ? 32  ALA A C   1 
ATOM   227  O O   . ALA A 1 32  ? 3.664   -11.722 0.152   1.00 20.61 ? 32  ALA A O   1 
ATOM   228  C CB  . ALA A 1 32  ? 3.392   -9.624  -2.417  1.00 19.39 ? 32  ALA A CB  1 
ATOM   229  N N   . ILE A 1 33  ? 5.380   -10.312 -0.091  1.00 21.93 ? 33  ILE A N   1 
ATOM   230  C CA  . ILE A 1 33  ? 6.365   -11.191 0.525   1.00 23.04 ? 33  ILE A CA  1 
ATOM   231  C C   . ILE A 1 33  ? 6.071   -11.414 2.009   1.00 23.09 ? 33  ILE A C   1 
ATOM   232  O O   . ILE A 1 33  ? 6.101   -12.543 2.467   1.00 23.66 ? 33  ILE A O   1 
ATOM   233  C CB  . ILE A 1 33  ? 7.803   -10.657 0.281   1.00 23.26 ? 33  ILE A CB  1 
ATOM   234  C CG1 . ILE A 1 33  ? 8.162   -10.873 -1.194  1.00 24.75 ? 33  ILE A CG1 1 
ATOM   235  C CG2 . ILE A 1 33  ? 8.810   -11.361 1.202   1.00 24.34 ? 33  ILE A CG2 1 
ATOM   236  C CD1 . ILE A 1 33  ? 9.530   -10.395 -1.609  1.00 26.48 ? 33  ILE A CD1 1 
ATOM   237  N N   . ARG A 1 34  ? 5.778   -10.353 2.754   1.00 23.69 ? 34  ARG A N   1 
ATOM   238  C CA  . ARG A 1 34  ? 5.375   -10.506 4.151   1.00 24.23 ? 34  ARG A CA  1 
ATOM   239  C C   . ARG A 1 34  ? 4.120   -11.392 4.269   1.00 24.79 ? 34  ARG A C   1 
ATOM   240  O O   . ARG A 1 34  ? 4.046   -12.282 5.122   1.00 23.94 ? 34  ARG A O   1 
ATOM   241  C CB  . ARG A 1 34  ? 5.142   -9.135  4.786   1.00 24.49 ? 34  ARG A CB  1 
ATOM   242  C CG  . ARG A 1 34  ? 4.600   -9.201  6.212   1.00 25.51 ? 34  ARG A CG  1 
ATOM   243  C CD  . ARG A 1 34  ? 4.707   -7.922  6.998   1.00 26.65 ? 34  ARG A CD  1 
ATOM   244  N NE  . ARG A 1 34  ? 6.008   -7.264  6.840   1.00 27.92 ? 34  ARG A NE  1 
ATOM   245  C CZ  . ARG A 1 34  ? 6.193   -5.987  6.494   1.00 29.15 ? 34  ARG A CZ  1 
ATOM   246  N NH1 . ARG A 1 34  ? 5.153   -5.176  6.248   1.00 28.77 ? 34  ARG A NH1 1 
ATOM   247  N NH2 . ARG A 1 34  ? 7.435   -5.518  6.377   1.00 28.88 ? 34  ARG A NH2 1 
ATOM   248  N N   . SER A 1 35  ? 3.146   -11.173 3.386   1.00 25.41 ? 35  SER A N   1 
ATOM   249  C CA  . SER A 1 35  ? 1.884   -11.914 3.447   1.00 25.86 ? 35  SER A CA  1 
ATOM   250  C C   . SER A 1 35  ? 2.097   -13.381 3.103   1.00 26.87 ? 35  SER A C   1 
ATOM   251  O O   . SER A 1 35  ? 1.420   -14.259 3.632   1.00 26.68 ? 35  SER A O   1 
ATOM   252  C CB  . SER A 1 35  ? 0.836   -11.293 2.532   1.00 25.48 ? 35  SER A CB  1 
ATOM   253  O OG  . SER A 1 35  ? 0.434   -10.025 3.017   1.00 25.13 ? 35  SER A OG  1 
ATOM   254  N N   . MET A 1 36  ? 3.059   -13.647 2.231   1.00 28.04 ? 36  MET A N   1 
ATOM   255  C CA  . MET A 1 36  ? 3.437   -15.018 1.895   1.00 29.25 ? 36  MET A CA  1 
ATOM   256  C C   . MET A 1 36  ? 3.982   -15.755 3.122   1.00 29.74 ? 36  MET A C   1 
ATOM   257  O O   . MET A 1 36  ? 3.766   -16.956 3.282   1.00 29.71 ? 36  MET A O   1 
ATOM   258  C CB  . MET A 1 36  ? 4.484   -15.006 0.778   1.00 29.29 ? 36  MET A CB  1 
ATOM   259  C CG  . MET A 1 36  ? 4.706   -16.341 0.107   1.00 31.47 ? 36  MET A CG  1 
ATOM   260  S SD  . MET A 1 36  ? 5.853   -16.302 -1.316  1.00 35.24 ? 36  MET A SD  1 
ATOM   261  C CE  . MET A 1 36  ? 6.673   -14.762 -1.103  1.00 35.00 ? 36  MET A CE  1 
ATOM   262  N N   . LYS A 1 37  ? 4.683   -15.020 3.975   1.00 30.53 ? 37  LYS A N   1 
ATOM   263  C CA  . LYS A 1 37  ? 5.250   -15.567 5.207   1.00 31.68 ? 37  LYS A CA  1 
ATOM   264  C C   . LYS A 1 37  ? 4.193   -15.802 6.308   1.00 31.64 ? 37  LYS A C   1 
ATOM   265  O O   . LYS A 1 37  ? 4.080   -16.914 6.832   1.00 31.80 ? 37  LYS A O   1 
ATOM   266  C CB  . LYS A 1 37  ? 6.370   -14.647 5.727   1.00 31.88 ? 37  LYS A CB  1 
ATOM   267  C CG  . LYS A 1 37  ? 7.601   -14.597 4.816   1.00 33.91 ? 37  LYS A CG  1 
ATOM   268  C CD  . LYS A 1 37  ? 8.778   -13.818 5.453   1.00 36.41 ? 37  LYS A CD  1 
ATOM   269  C CE  . LYS A 1 37  ? 9.916   -13.531 4.461   1.00 37.07 ? 37  LYS A CE  1 
ATOM   270  N NZ  . LYS A 1 37  ? 10.541  -12.174 4.679   1.00 38.00 ? 37  LYS A NZ  1 
ATOM   271  N N   . ILE A 1 38  ? 3.423   -14.771 6.640   1.00 31.47 ? 38  ILE A N   1 
ATOM   272  C CA  . ILE A 1 38  ? 2.559   -14.797 7.818   1.00 31.90 ? 38  ILE A CA  1 
ATOM   273  C C   . ILE A 1 38  ? 1.079   -15.032 7.524   1.00 31.75 ? 38  ILE A C   1 
ATOM   274  O O   . ILE A 1 38  ? 0.307   -15.302 8.442   1.00 31.83 ? 38  ILE A O   1 
ATOM   275  C CB  . ILE A 1 38  ? 2.731   -13.508 8.657   1.00 31.96 ? 38  ILE A CB  1 
ATOM   276  C CG1 . ILE A 1 38  ? 2.045   -12.308 8.000   1.00 32.62 ? 38  ILE A CG1 1 
ATOM   277  C CG2 . ILE A 1 38  ? 4.215   -13.229 8.902   1.00 33.06 ? 38  ILE A CG2 1 
ATOM   278  C CD1 . ILE A 1 38  ? 2.242   -10.982 8.767   1.00 32.82 ? 38  ILE A CD1 1 
ATOM   279  N N   . ASN A 1 39  ? 0.695   -14.936 6.252   1.00 31.54 ? 39  ASN A N   1 
ATOM   280  C CA  . ASN A 1 39  ? -0.703  -15.021 5.830   1.00 31.33 ? 39  ASN A CA  1 
ATOM   281  C C   . ASN A 1 39  ? -0.816  -15.809 4.523   1.00 31.49 ? 39  ASN A C   1 
ATOM   282  O O   . ASN A 1 39  ? -1.424  -15.356 3.547   1.00 31.51 ? 39  ASN A O   1 
ATOM   283  C CB  . ASN A 1 39  ? -1.269  -13.601 5.666   1.00 31.20 ? 39  ASN A CB  1 
ATOM   284  C CG  . ASN A 1 39  ? -2.772  -13.529 5.890   1.00 32.09 ? 39  ASN A CG  1 
ATOM   285  O OD1 . ASN A 1 39  ? -3.372  -14.460 6.418   1.00 31.51 ? 39  ASN A OD1 1 
ATOM   286  N ND2 . ASN A 1 39  ? -3.383  -12.409 5.501   1.00 31.68 ? 39  ASN A ND2 1 
ATOM   287  N N   . ARG A 1 40  ? -0.221  -16.998 4.516   1.00 31.77 ? 40  ARG A N   1 
ATOM   288  C CA  . ARG A 1 40  ? 0.047   -17.737 3.285   1.00 32.03 ? 40  ARG A CA  1 
ATOM   289  C C   . ARG A 1 40  ? -1.206  -18.045 2.470   1.00 31.67 ? 40  ARG A C   1 
ATOM   290  O O   . ARG A 1 40  ? -1.231  -17.793 1.266   1.00 30.42 ? 40  ARG A O   1 
ATOM   291  C CB  . ARG A 1 40  ? 0.812   -19.025 3.597   1.00 32.76 ? 40  ARG A CB  1 
ATOM   292  C CG  . ARG A 1 40  ? 1.089   -19.945 2.385   1.00 35.61 ? 40  ARG A CG  1 
ATOM   293  C CD  . ARG A 1 40  ? 2.146   -19.433 1.407   1.00 38.69 ? 40  ARG A CD  1 
ATOM   294  N NE  . ARG A 1 40  ? 3.498   -19.523 1.973   1.00 41.57 ? 40  ARG A NE  1 
ATOM   295  C CZ  . ARG A 1 40  ? 4.543   -20.122 1.398   1.00 44.46 ? 40  ARG A CZ  1 
ATOM   296  N NH1 . ARG A 1 40  ? 4.450   -20.724 0.210   1.00 45.76 ? 40  ARG A NH1 1 
ATOM   297  N NH2 . ARG A 1 40  ? 5.709   -20.115 2.031   1.00 46.38 ? 40  ARG A NH2 1 
ATOM   298  N N   . ASP A 1 41  ? -2.240  -18.574 3.123   1.00 31.47 ? 41  ASP A N   1 
ATOM   299  C CA  . ASP A 1 41  ? -3.461  -18.967 2.421   1.00 31.39 ? 41  ASP A CA  1 
ATOM   300  C C   . ASP A 1 41  ? -4.118  -17.799 1.714   1.00 30.04 ? 41  ASP A C   1 
ATOM   301  O O   . ASP A 1 41  ? -4.625  -17.947 0.607   1.00 30.40 ? 41  ASP A O   1 
ATOM   302  C CB  . ASP A 1 41  ? -4.481  -19.582 3.377   1.00 31.98 ? 41  ASP A CB  1 
ATOM   303  C CG  . ASP A 1 41  ? -3.927  -20.740 4.157   1.00 34.28 ? 41  ASP A CG  1 
ATOM   304  O OD1 . ASP A 1 41  ? -2.960  -21.396 3.694   1.00 35.72 ? 41  ASP A OD1 1 
ATOM   305  O OD2 . ASP A 1 41  ? -4.412  -21.067 5.264   1.00 37.33 ? 41  ASP A OD2 1 
ATOM   306  N N   . VAL A 1 42  ? -4.121  -16.643 2.359   1.00 28.95 ? 42  VAL A N   1 
ATOM   307  C CA  . VAL A 1 42  ? -4.701  -15.442 1.768   1.00 28.16 ? 42  VAL A CA  1 
ATOM   308  C C   . VAL A 1 42  ? -3.818  -14.885 0.634   1.00 27.71 ? 42  VAL A C   1 
ATOM   309  O O   . VAL A 1 42  ? -4.323  -14.383 -0.364  1.00 27.32 ? 42  VAL A O   1 
ATOM   310  C CB  . VAL A 1 42  ? -4.918  -14.356 2.825   1.00 27.81 ? 42  VAL A CB  1 
ATOM   311  C CG1 . VAL A 1 42  ? -5.304  -13.024 2.168   1.00 28.02 ? 42  VAL A CG1 1 
ATOM   312  C CG2 . VAL A 1 42  ? -5.981  -14.810 3.830   1.00 27.95 ? 42  VAL A CG2 1 
ATOM   313  N N   . PHE A 1 43  ? -2.511  -14.964 0.807   1.00 27.15 ? 43  PHE A N   1 
ATOM   314  C CA  . PHE A 1 43  ? -1.595  -14.570 -0.245  1.00 27.07 ? 43  PHE A CA  1 
ATOM   315  C C   . PHE A 1 43  ? -1.788  -15.445 -1.469  1.00 27.37 ? 43  PHE A C   1 
ATOM   316  O O   . PHE A 1 43  ? -1.873  -14.939 -2.577  1.00 27.41 ? 43  PHE A O   1 
ATOM   317  C CB  . PHE A 1 43  ? -0.141  -14.643 0.213   1.00 26.65 ? 43  PHE A CB  1 
ATOM   318  C CG  . PHE A 1 43  ? 0.826   -14.708 -0.923  1.00 24.92 ? 43  PHE A CG  1 
ATOM   319  C CD1 . PHE A 1 43  ? 1.255   -13.547 -1.546  1.00 24.00 ? 43  PHE A CD1 1 
ATOM   320  C CD2 . PHE A 1 43  ? 1.280   -15.934 -1.393  1.00 24.45 ? 43  PHE A CD2 1 
ATOM   321  C CE1 . PHE A 1 43  ? 2.131   -13.605 -2.611  1.00 23.62 ? 43  PHE A CE1 1 
ATOM   322  C CE2 . PHE A 1 43  ? 2.154   -16.000 -2.452  1.00 25.44 ? 43  PHE A CE2 1 
ATOM   323  C CZ  . PHE A 1 43  ? 2.584   -14.826 -3.064  1.00 24.31 ? 43  PHE A CZ  1 
ATOM   324  N N   . ASN A 1 44  ? -1.841  -16.759 -1.259  1.00 27.77 ? 44  ASN A N   1 
ATOM   325  C CA  . ASN A 1 44  ? -2.017  -17.719 -2.345  1.00 28.29 ? 44  ASN A CA  1 
ATOM   326  C C   . ASN A 1 44  ? -3.303  -17.506 -3.136  1.00 28.12 ? 44  ASN A C   1 
ATOM   327  O O   . ASN A 1 44  ? -3.295  -17.583 -4.360  1.00 28.31 ? 44  ASN A O   1 
ATOM   328  C CB  . ASN A 1 44  ? -2.006  -19.145 -1.791  1.00 28.78 ? 44  ASN A CB  1 
ATOM   329  C CG  . ASN A 1 44  ? -0.604  -19.685 -1.584  1.00 30.57 ? 44  ASN A CG  1 
ATOM   330  O OD1 . ASN A 1 44  ? 0.351   -19.235 -2.213  1.00 32.23 ? 44  ASN A OD1 1 
ATOM   331  N ND2 . ASN A 1 44  ? -0.484  -20.681 -0.712  1.00 33.74 ? 44  ASN A ND2 1 
ATOM   332  N N   . GLU A 1 45  ? -4.404  -17.239 -2.440  1.00 27.83 ? 45  GLU A N   1 
ATOM   333  C CA  . GLU A 1 45  ? -5.680  -17.029 -3.104  1.00 27.84 ? 45  GLU A CA  1 
ATOM   334  C C   . GLU A 1 45  ? -5.636  -15.766 -3.949  1.00 27.54 ? 45  GLU A C   1 
ATOM   335  O O   . GLU A 1 45  ? -5.986  -15.795 -5.122  1.00 27.67 ? 45  GLU A O   1 
ATOM   336  C CB  . GLU A 1 45  ? -6.809  -16.933 -2.083  1.00 28.36 ? 45  GLU A CB  1 
ATOM   337  C CG  . GLU A 1 45  ? -8.183  -16.724 -2.710  1.00 29.17 ? 45  GLU A CG  1 
ATOM   338  C CD  . GLU A 1 45  ? -9.288  -16.611 -1.685  1.00 30.44 ? 45  GLU A CD  1 
ATOM   339  O OE1 . GLU A 1 45  ? -9.178  -17.213 -0.595  1.00 33.98 ? 45  GLU A OE1 1 
ATOM   340  O OE2 . GLU A 1 45  ? -10.271 -15.911 -1.971  1.00 32.18 ? 45  GLU A OE2 1 
ATOM   341  N N   . TRP A 1 46  ? -5.219  -14.666 -3.327  1.00 26.87 ? 46  TRP A N   1 
ATOM   342  C CA  . TRP A 1 46  ? -4.924  -13.408 -4.024  1.00 26.70 ? 46  TRP A CA  1 
ATOM   343  C C   . TRP A 1 46  ? -4.103  -13.631 -5.283  1.00 26.79 ? 46  TRP A C   1 
ATOM   344  O O   . TRP A 1 46  ? -4.477  -13.169 -6.352  1.00 26.75 ? 46  TRP A O   1 
ATOM   345  C CB  . TRP A 1 46  ? -4.130  -12.484 -3.104  1.00 26.34 ? 46  TRP A CB  1 
ATOM   346  C CG  . TRP A 1 46  ? -3.755  -11.150 -3.686  1.00 23.94 ? 46  TRP A CG  1 
ATOM   347  C CD1 . TRP A 1 46  ? -4.601  -10.160 -4.064  1.00 20.83 ? 46  TRP A CD1 1 
ATOM   348  C CD2 . TRP A 1 46  ? -2.426  -10.642 -3.892  1.00 21.43 ? 46  TRP A CD2 1 
ATOM   349  N NE1 . TRP A 1 46  ? -3.890  -9.072  -4.513  1.00 20.95 ? 46  TRP A NE1 1 
ATOM   350  C CE2 . TRP A 1 46  ? -2.552  -9.340  -4.417  1.00 21.12 ? 46  TRP A CE2 1 
ATOM   351  C CE3 . TRP A 1 46  ? -1.143  -11.159 -3.691  1.00 21.63 ? 46  TRP A CE3 1 
ATOM   352  C CZ2 . TRP A 1 46  ? -1.442  -8.541  -4.741  1.00 22.11 ? 46  TRP A CZ2 1 
ATOM   353  C CZ3 . TRP A 1 46  ? -0.026  -10.365 -4.023  1.00 21.89 ? 46  TRP A CZ3 1 
ATOM   354  C CH2 . TRP A 1 46  ? -0.186  -9.079  -4.539  1.00 21.65 ? 46  TRP A CH2 1 
ATOM   355  N N   . TYR A 1 47  ? -2.990  -14.337 -5.134  1.00 27.40 ? 47  TYR A N   1 
ATOM   356  C CA  . TYR A 1 47  ? -2.021  -14.495 -6.214  1.00 28.44 ? 47  TYR A CA  1 
ATOM   357  C C   . TYR A 1 47  ? -2.591  -15.342 -7.360  1.00 29.16 ? 47  TYR A C   1 
ATOM   358  O O   . TYR A 1 47  ? -2.358  -15.047 -8.526  1.00 28.94 ? 47  TYR A O   1 
ATOM   359  C CB  . TYR A 1 47  ? -0.715  -15.092 -5.685  1.00 28.41 ? 47  TYR A CB  1 
ATOM   360  C CG  . TYR A 1 47  ? 0.398   -15.096 -6.709  1.00 30.47 ? 47  TYR A CG  1 
ATOM   361  C CD1 . TYR A 1 47  ? 1.131   -13.939 -6.967  1.00 30.96 ? 47  TYR A CD1 1 
ATOM   362  C CD2 . TYR A 1 47  ? 0.686   -16.244 -7.455  1.00 31.53 ? 47  TYR A CD2 1 
ATOM   363  C CE1 . TYR A 1 47  ? 2.133   -13.924 -7.918  1.00 31.73 ? 47  TYR A CE1 1 
ATOM   364  C CE2 . TYR A 1 47  ? 1.694   -16.243 -8.409  1.00 32.42 ? 47  TYR A CE2 1 
ATOM   365  C CZ  . TYR A 1 47  ? 2.417   -15.079 -8.637  1.00 33.29 ? 47  TYR A CZ  1 
ATOM   366  O OH  . TYR A 1 47  ? 3.414   -15.061 -9.592  1.00 34.06 ? 47  TYR A OH  1 
ATOM   367  N N   . ASP A 1 48  ? -3.374  -16.359 -7.013  1.00 29.99 ? 48  ASP A N   1 
ATOM   368  C CA  . ASP A 1 48  ? -3.947  -17.275 -7.993  1.00 30.95 ? 48  ASP A CA  1 
ATOM   369  C C   . ASP A 1 48  ? -5.153  -16.656 -8.709  1.00 30.88 ? 48  ASP A C   1 
ATOM   370  O O   . ASP A 1 48  ? -5.520  -17.092 -9.799  1.00 32.13 ? 48  ASP A O   1 
ATOM   371  C CB  . ASP A 1 48  ? -4.298  -18.625 -7.324  1.00 31.30 ? 48  ASP A CB  1 
ATOM   372  C CG  . ASP A 1 48  ? -3.040  -19.416 -6.889  1.00 33.33 ? 48  ASP A CG  1 
ATOM   373  O OD1 . ASP A 1 48  ? -1.915  -19.058 -7.318  1.00 36.25 ? 48  ASP A OD1 1 
ATOM   374  O OD2 . ASP A 1 48  ? -3.066  -20.402 -6.111  1.00 34.92 ? 48  ASP A OD2 1 
ATOM   375  N N   . GLU A 1 49  ? -5.740  -15.624 -8.106  1.00 30.53 ? 49  GLU A N   1 
ATOM   376  C CA  . GLU A 1 49  ? -6.821  -14.850 -8.702  1.00 30.21 ? 49  GLU A CA  1 
ATOM   377  C C   . GLU A 1 49  ? -6.296  -13.646 -9.518  1.00 28.77 ? 49  GLU A C   1 
ATOM   378  O O   . GLU A 1 49  ? -7.089  -12.832 -9.996  1.00 28.54 ? 49  GLU A O   1 
ATOM   379  C CB  . GLU A 1 49  ? -7.794  -14.363 -7.605  1.00 31.31 ? 49  GLU A CB  1 
ATOM   380  C CG  . GLU A 1 49  ? -8.831  -15.402 -7.180  1.00 33.86 ? 49  GLU A CG  1 
ATOM   381  C CD  . GLU A 1 49  ? -9.411  -15.193 -5.775  1.00 37.63 ? 49  GLU A CD  1 
ATOM   382  O OE1 . GLU A 1 49  ? -9.118  -14.172 -5.106  1.00 39.53 ? 49  GLU A OE1 1 
ATOM   383  O OE2 . GLU A 1 49  ? -10.178 -16.080 -5.332  1.00 39.92 ? 49  GLU A OE2 1 
ATOM   384  N N   . GLY A 1 50  ? -4.972  -13.534 -9.661  1.00 26.83 ? 50  GLY A N   1 
ATOM   385  C CA  . GLY A 1 50  ? -4.349  -12.523 -10.507 1.00 25.50 ? 50  GLY A CA  1 
ATOM   386  C C   . GLY A 1 50  ? -3.808  -11.300 -9.761  1.00 24.06 ? 50  GLY A C   1 
ATOM   387  O O   . GLY A 1 50  ? -3.671  -10.205 -10.330 1.00 22.32 ? 50  GLY A O   1 
ATOM   388  N N   . GLN A 1 51  ? -3.503  -11.505 -8.482  1.00 22.92 ? 51  GLN A N   1 
ATOM   389  C CA  . GLN A 1 51  ? -2.962  -10.472 -7.593  1.00 22.20 ? 51  GLN A CA  1 
ATOM   390  C C   . GLN A 1 51  ? -3.525  -9.076  -7.834  1.00 22.16 ? 51  GLN A C   1 
ATOM   391  O O   . GLN A 1 51  ? -2.787  -8.077  -7.949  1.00 20.57 ? 51  GLN A O   1 
ATOM   392  C CB  . GLN A 1 51  ? -1.438  -10.484 -7.645  1.00 22.20 ? 51  GLN A CB  1 
ATOM   393  C CG  . GLN A 1 51  ? -0.784  -10.259 -9.005  1.00 22.07 ? 51  GLN A CG  1 
ATOM   394  C CD  . GLN A 1 51  ? 0.723   -10.233 -8.859  1.00 23.07 ? 51  GLN A CD  1 
ATOM   395  O OE1 . GLN A 1 51  ? 1.249   -9.404  -8.133  1.00 21.38 ? 51  GLN A OE1 1 
ATOM   396  N NE2 . GLN A 1 51  ? 1.412   -11.180 -9.497  1.00 26.12 ? 51  GLN A NE2 1 
ATOM   397  N N   . ARG A 1 52  ? -4.854  -9.009  -7.868  1.00 21.92 ? 52  ARG A N   1 
ATOM   398  C CA  . ARG A 1 52  ? -5.554  -7.762  -8.127  1.00 22.75 ? 52  ARG A CA  1 
ATOM   399  C C   . ARG A 1 52  ? -5.214  -6.682  -7.115  1.00 21.77 ? 52  ARG A C   1 
ATOM   400  O O   . ARG A 1 52  ? -5.141  -6.935  -5.922  1.00 21.21 ? 52  ARG A O   1 
ATOM   401  C CB  . ARG A 1 52  ? -7.063  -7.984  -8.123  1.00 23.63 ? 52  ARG A CB  1 
ATOM   402  C CG  . ARG A 1 52  ? -7.522  -8.894  -9.253  1.00 28.68 ? 52  ARG A CG  1 
ATOM   403  C CD  . ARG A 1 52  ? -8.035  -8.149  -10.450 1.00 35.20 ? 52  ARG A CD  1 
ATOM   404  N NE  . ARG A 1 52  ? -9.280  -7.439  -10.164 1.00 39.67 ? 52  ARG A NE  1 
ATOM   405  C CZ  . ARG A 1 52  ? -10.477 -8.013  -10.037 1.00 43.02 ? 52  ARG A CZ  1 
ATOM   406  N NH1 . ARG A 1 52  ? -10.626 -9.331  -10.181 1.00 45.09 ? 52  ARG A NH1 1 
ATOM   407  N NH2 . ARG A 1 52  ? -11.537 -7.260  -9.764  1.00 43.06 ? 52  ARG A NH2 1 
ATOM   408  N N   . LYS A 1 53  ? -5.053  -5.470  -7.625  1.00 21.27 ? 53  LYS A N   1 
ATOM   409  C CA  . LYS A 1 53  ? -4.625  -4.311  -6.855  1.00 21.20 ? 53  LYS A CA  1 
ATOM   410  C C   . LYS A 1 53  ? -5.514  -3.127  -7.160  1.00 21.78 ? 53  LYS A C   1 
ATOM   411  O O   . LYS A 1 53  ? -5.914  -2.917  -8.316  1.00 22.22 ? 53  LYS A O   1 
ATOM   412  C CB  . LYS A 1 53  ? -3.174  -3.962  -7.216  1.00 20.99 ? 53  LYS A CB  1 
ATOM   413  C CG  . LYS A 1 53  ? -2.186  -5.010  -6.770  1.00 19.61 ? 53  LYS A CG  1 
ATOM   414  C CD  . LYS A 1 53  ? -0.800  -4.751  -7.320  1.00 17.94 ? 53  LYS A CD  1 
ATOM   415  C CE  . LYS A 1 53  ? 0.123   -5.903  -7.068  1.00 18.50 ? 53  LYS A CE  1 
ATOM   416  N NZ  . LYS A 1 53  ? -0.261  -7.161  -7.780  1.00 19.49 ? 53  LYS A NZ  1 
ATOM   417  N N   . ILE A 1 54  ? -5.828  -2.366  -6.119  1.00 21.31 ? 54  ILE A N   1 
ATOM   418  C CA  . ILE A 1 54  ? -6.549  -1.108  -6.218  1.00 20.92 ? 54  ILE A CA  1 
ATOM   419  C C   . ILE A 1 54  ? -5.546  -0.010  -5.838  1.00 20.78 ? 54  ILE A C   1 
ATOM   420  O O   . ILE A 1 54  ? -4.893  -0.123  -4.804  1.00 20.08 ? 54  ILE A O   1 
ATOM   421  C CB  . ILE A 1 54  ? -7.724  -1.109  -5.230  1.00 21.08 ? 54  ILE A CB  1 
ATOM   422  C CG1 . ILE A 1 54  ? -8.746  -2.204  -5.594  1.00 23.09 ? 54  ILE A CG1 1 
ATOM   423  C CG2 . ILE A 1 54  ? -8.393  0.255   -5.167  1.00 21.17 ? 54  ILE A CG2 1 
ATOM   424  C CD1 . ILE A 1 54  ? -9.682  -2.523  -4.474  1.00 24.04 ? 54  ILE A CD1 1 
ATOM   425  N N   . VAL A 1 55  ? -5.399  1.018   -6.664  1.00 19.72 ? 55  VAL A N   1 
ATOM   426  C CA  . VAL A 1 55  ? -4.502  2.135   -6.365  1.00 20.30 ? 55  VAL A CA  1 
ATOM   427  C C   . VAL A 1 55  ? -5.325  3.408   -6.194  1.00 20.45 ? 55  VAL A C   1 
ATOM   428  O O   . VAL A 1 55  ? -6.008  3.850   -7.118  1.00 19.37 ? 55  VAL A O   1 
ATOM   429  C CB  . VAL A 1 55  ? -3.445  2.330   -7.484  1.00 20.57 ? 55  VAL A CB  1 
ATOM   430  C CG1 . VAL A 1 55  ? -2.454  3.402   -7.113  1.00 20.89 ? 55  VAL A CG1 1 
ATOM   431  C CG2 . VAL A 1 55  ? -2.753  1.000   -7.783  1.00 19.44 ? 55  VAL A CG2 1 
ATOM   432  N N   . VAL A 1 56  ? -5.278  3.965   -4.991  1.00 20.45 ? 56  VAL A N   1 
ATOM   433  C CA  . VAL A 1 56  ? -5.955  5.209   -4.676  1.00 20.85 ? 56  VAL A CA  1 
ATOM   434  C C   . VAL A 1 56  ? -4.929  6.293   -4.423  1.00 21.49 ? 56  VAL A C   1 
ATOM   435  O O   . VAL A 1 56  ? -3.736  6.022   -4.203  1.00 20.66 ? 56  VAL A O   1 
ATOM   436  C CB  . VAL A 1 56  ? -6.889  5.051   -3.456  1.00 21.05 ? 56  VAL A CB  1 
ATOM   437  C CG1 . VAL A 1 56  ? -8.002  4.067   -3.765  1.00 21.29 ? 56  VAL A CG1 1 
ATOM   438  C CG2 . VAL A 1 56  ? -6.114  4.613   -2.165  1.00 21.79 ? 56  VAL A CG2 1 
ATOM   439  N N   . LYS A 1 57  ? -5.392  7.532   -4.459  1.00 22.13 ? 57  LYS A N   1 
ATOM   440  C CA  . LYS A 1 57  ? -4.560  8.663   -4.137  1.00 23.10 ? 57  LYS A CA  1 
ATOM   441  C C   . LYS A 1 57  ? -5.081  9.351   -2.875  1.00 23.44 ? 57  LYS A C   1 
ATOM   442  O O   . LYS A 1 57  ? -6.279  9.327   -2.597  1.00 23.14 ? 57  LYS A O   1 
ATOM   443  C CB  . LYS A 1 57  ? -4.430  9.614   -5.320  1.00 23.43 ? 57  LYS A CB  1 
ATOM   444  C CG  . LYS A 1 57  ? -5.698  10.311  -5.779  1.00 26.55 ? 57  LYS A CG  1 
ATOM   445  C CD  . LYS A 1 57  ? -5.430  11.136  -7.039  1.00 28.51 ? 57  LYS A CD  1 
ATOM   446  C CE  . LYS A 1 57  ? -6.716  11.437  -7.817  1.00 30.41 ? 57  LYS A CE  1 
ATOM   447  N NZ  . LYS A 1 57  ? -6.652  12.751  -8.502  1.00 31.18 ? 57  LYS A NZ  1 
ATOM   448  N N   . VAL A 1 58  ? -4.155  9.895   -2.086  1.00 23.65 ? 58  VAL A N   1 
ATOM   449  C CA  . VAL A 1 58  ? -4.478  10.582  -0.842  1.00 23.81 ? 58  VAL A CA  1 
ATOM   450  C C   . VAL A 1 58  ? -3.807  11.953  -0.865  1.00 24.14 ? 58  VAL A C   1 
ATOM   451  O O   . VAL A 1 58  ? -2.846  12.183  -1.598  1.00 23.17 ? 58  VAL A O   1 
ATOM   452  C CB  . VAL A 1 58  ? -4.114  9.737   0.424   1.00 23.76 ? 58  VAL A CB  1 
ATOM   453  C CG1 . VAL A 1 58  ? -4.830  8.430   0.381   1.00 23.73 ? 58  VAL A CG1 1 
ATOM   454  C CG2 . VAL A 1 58  ? -2.609  9.522   0.579   1.00 23.12 ? 58  VAL A CG2 1 
ATOM   455  N N   . ASN A 1 59  ? -4.338  12.878  -0.086  1.00 25.14 ? 59  ASN A N   1 
ATOM   456  C CA  . ASN A 1 59  ? -3.924  14.275  -0.190  1.00 25.77 ? 59  ASN A CA  1 
ATOM   457  C C   . ASN A 1 59  ? -2.570  14.560  0.435   1.00 25.72 ? 59  ASN A C   1 
ATOM   458  O O   . ASN A 1 59  ? -1.833  15.424  -0.033  1.00 25.29 ? 59  ASN A O   1 
ATOM   459  C CB  . ASN A 1 59  ? -4.966  15.176  0.475   1.00 26.68 ? 59  ASN A CB  1 
ATOM   460  C CG  . ASN A 1 59  ? -6.220  15.289  -0.341  1.00 28.77 ? 59  ASN A CG  1 
ATOM   461  O OD1 . ASN A 1 59  ? -6.166  15.287  -1.576  1.00 31.56 ? 59  ASN A OD1 1 
ATOM   462  N ND2 . ASN A 1 59  ? -7.364  15.394  0.337   1.00 32.13 ? 59  ASN A ND2 1 
ATOM   463  N N   . ASP A 1 60  ? -2.251  13.849  1.507   1.00 25.71 ? 60  ASP A N   1 
ATOM   464  C CA  . ASP A 1 60  ? -1.048  14.186  2.252   1.00 25.86 ? 60  ASP A CA  1 
ATOM   465  C C   . ASP A 1 60  ? -0.616  13.081  3.206   1.00 25.54 ? 60  ASP A C   1 
ATOM   466  O O   . ASP A 1 60  ? -1.213  12.000  3.265   1.00 24.61 ? 60  ASP A O   1 
ATOM   467  C CB  . ASP A 1 60  ? -1.231  15.543  2.980   1.00 26.09 ? 60  ASP A CB  1 
ATOM   468  C CG  . ASP A 1 60  ? -2.464  15.590  3.846   1.00 26.86 ? 60  ASP A CG  1 
ATOM   469  O OD1 . ASP A 1 60  ? -2.841  14.564  4.452   1.00 26.87 ? 60  ASP A OD1 1 
ATOM   470  O OD2 . ASP A 1 60  ? -3.125  16.640  3.992   1.00 32.02 ? 60  ASP A OD2 1 
ATOM   471  N N   . LEU A 1 61  ? 0.459   13.361  3.936   1.00 25.39 ? 61  LEU A N   1 
ATOM   472  C CA  . LEU A 1 61  ? 1.038   12.411  4.859   1.00 25.04 ? 61  LEU A CA  1 
ATOM   473  C C   . LEU A 1 61  ? 0.058   12.007  5.932   1.00 24.98 ? 61  LEU A C   1 
ATOM   474  O O   . LEU A 1 61  ? -0.026  10.846  6.302   1.00 24.32 ? 61  LEU A O   1 
ATOM   475  C CB  . LEU A 1 61  ? 2.312   13.012  5.480   1.00 24.89 ? 61  LEU A CB  1 
ATOM   476  C CG  . LEU A 1 61  ? 3.136   12.025  6.300   1.00 26.16 ? 61  LEU A CG  1 
ATOM   477  C CD1 . LEU A 1 61  ? 3.435   10.781  5.482   1.00 26.04 ? 61  LEU A CD1 1 
ATOM   478  C CD2 . LEU A 1 61  ? 4.426   12.722  6.738   1.00 27.16 ? 61  LEU A CD2 1 
ATOM   479  N N   . ASP A 1 62  ? -0.715  12.964  6.433   1.00 25.83 ? 62  ASP A N   1 
ATOM   480  C CA  . ASP A 1 62  ? -1.717  12.645  7.452   1.00 26.04 ? 62  ASP A CA  1 
ATOM   481  C C   . ASP A 1 62  ? -2.657  11.524  7.019   1.00 24.96 ? 62  ASP A C   1 
ATOM   482  O O   . ASP A 1 62  ? -2.981  10.636  7.810   1.00 25.14 ? 62  ASP A O   1 
ATOM   483  C CB  . ASP A 1 62  ? -2.513  13.900  7.834   1.00 27.17 ? 62  ASP A CB  1 
ATOM   484  C CG  . ASP A 1 62  ? -1.716  14.839  8.729   1.00 30.82 ? 62  ASP A CG  1 
ATOM   485  O OD1 . ASP A 1 62  ? -1.174  14.361  9.763   1.00 34.49 ? 62  ASP A OD1 1 
ATOM   486  O OD2 . ASP A 1 62  ? -1.567  16.061  8.466   1.00 35.85 ? 62  ASP A OD2 1 
ATOM   487  N N   . GLU A 1 63  ? -3.074  11.530  5.763   1.00 24.06 ? 63  GLU A N   1 
ATOM   488  C CA  . GLU A 1 63  ? -3.960  10.463  5.278   1.00 23.74 ? 63  GLU A CA  1 
ATOM   489  C C   . GLU A 1 63  ? -3.239  9.127   5.267   1.00 22.18 ? 63  GLU A C   1 
ATOM   490  O O   . GLU A 1 63  ? -3.794  8.129   5.687   1.00 21.89 ? 63  GLU A O   1 
ATOM   491  C CB  . GLU A 1 63  ? -4.503  10.761  3.874   1.00 24.32 ? 63  GLU A CB  1 
ATOM   492  C CG  . GLU A 1 63  ? -5.221  12.095  3.708   1.00 27.11 ? 63  GLU A CG  1 
ATOM   493  C CD  . GLU A 1 63  ? -6.440  12.239  4.594   1.00 31.40 ? 63  GLU A CD  1 
ATOM   494  O OE1 . GLU A 1 63  ? -7.040  11.212  4.982   1.00 31.76 ? 63  GLU A OE1 1 
ATOM   495  O OE2 . GLU A 1 63  ? -6.793  13.405  4.905   1.00 37.01 ? 63  GLU A OE2 1 
ATOM   496  N N   . ILE A 1 64  ? -1.999  9.109   4.781   1.00 21.50 ? 64  ILE A N   1 
ATOM   497  C CA  . ILE A 1 64  ? -1.153  7.904   4.888   1.00 21.02 ? 64  ILE A CA  1 
ATOM   498  C C   . ILE A 1 64  ? -1.134  7.351   6.319   1.00 20.94 ? 64  ILE A C   1 
ATOM   499  O O   . ILE A 1 64  ? -1.310  6.157   6.536   1.00 20.45 ? 64  ILE A O   1 
ATOM   500  C CB  . ILE A 1 64  ? 0.302   8.215   4.437   1.00 20.72 ? 64  ILE A CB  1 
ATOM   501  C CG1 . ILE A 1 64  ? 0.351   8.624   2.967   1.00 20.12 ? 64  ILE A CG1 1 
ATOM   502  C CG2 . ILE A 1 64  ? 1.221   7.016   4.670   1.00 20.92 ? 64  ILE A CG2 1 
ATOM   503  C CD1 . ILE A 1 64  ? 0.039   7.490   1.996   1.00 19.34 ? 64  ILE A CD1 1 
ATOM   504  N N   . MET A 1 65  ? -0.935  8.227   7.298   1.00 21.83 ? 65  MET A N   1 
ATOM   505  C CA  . MET A 1 65  ? -0.790  7.788   8.690   1.00 22.10 ? 65  MET A CA  1 
ATOM   506  C C   . MET A 1 65  ? -2.129  7.339   9.302   1.00 21.96 ? 65  MET A C   1 
ATOM   507  O O   . MET A 1 65  ? -2.180  6.459   10.175  1.00 21.40 ? 65  MET A O   1 
ATOM   508  C CB  . MET A 1 65  ? -0.144  8.911   9.515   1.00 22.66 ? 65  MET A CB  1 
ATOM   509  C CG  . MET A 1 65  ? 1.265   9.300   9.035   1.00 23.79 ? 65  MET A CG  1 
ATOM   510  S SD  . MET A 1 65  ? 2.343   7.864   8.778   1.00 25.49 ? 65  MET A SD  1 
ATOM   511  C CE  . MET A 1 65  ? 2.342   7.156   10.326  1.00 23.43 ? 65  MET A CE  1 
ATOM   512  N N   . GLU A 1 66  ? -3.224  7.897   8.800   1.00 22.14 ? 66  GLU A N   1 
ATOM   513  C CA  . GLU A 1 66  ? -4.557  7.477   9.219   1.00 22.09 ? 66  GLU A CA  1 
ATOM   514  C C   . GLU A 1 66  ? -4.854  6.065   8.735   1.00 20.95 ? 66  GLU A C   1 
ATOM   515  O O   . GLU A 1 66  ? -5.401  5.261   9.459   1.00 20.55 ? 66  GLU A O   1 
ATOM   516  C CB  . GLU A 1 66  ? -5.599  8.449   8.651   1.00 23.30 ? 66  GLU A CB  1 
ATOM   517  C CG  . GLU A 1 66  ? -7.017  8.165   9.094   1.00 26.97 ? 66  GLU A CG  1 
ATOM   518  C CD  . GLU A 1 66  ? -7.213  8.400   10.577  1.00 32.92 ? 66  GLU A CD  1 
ATOM   519  O OE1 . GLU A 1 66  ? -6.434  9.181   11.182  1.00 35.15 ? 66  GLU A OE1 1 
ATOM   520  O OE2 . GLU A 1 66  ? -8.157  7.803   11.137  1.00 36.68 ? 66  GLU A OE2 1 
ATOM   521  N N   . ILE A 1 67  ? -4.485  5.775   7.492   1.00 20.95 ? 67  ILE A N   1 
ATOM   522  C CA  . ILE A 1 67  ? -4.622  4.444   6.911   1.00 20.21 ? 67  ILE A CA  1 
ATOM   523  C C   . ILE A 1 67  ? -3.816  3.431   7.735   1.00 19.94 ? 67  ILE A C   1 
ATOM   524  O O   . ILE A 1 67  ? -4.305  2.359   8.118   1.00 18.69 ? 67  ILE A O   1 
ATOM   525  C CB  . ILE A 1 67  ? -4.145  4.498   5.422   1.00 20.86 ? 67  ILE A CB  1 
ATOM   526  C CG1 . ILE A 1 67  ? -5.181  5.230   4.570   1.00 21.13 ? 67  ILE A CG1 1 
ATOM   527  C CG2 . ILE A 1 67  ? -3.929  3.105   4.838   1.00 21.35 ? 67  ILE A CG2 1 
ATOM   528  C CD1 . ILE A 1 67  ? -4.675  5.665   3.213   1.00 21.89 ? 67  ILE A CD1 1 
ATOM   529  N N   . LYS A 1 68  ? -2.563  3.799   8.012   1.00 19.83 ? 68  LYS A N   1 
ATOM   530  C CA  . LYS A 1 68  ? -1.680  3.002   8.843   1.00 19.45 ? 68  LYS A CA  1 
ATOM   531  C C   . LYS A 1 68  ? -2.388  2.675   10.151  1.00 19.40 ? 68  LYS A C   1 
ATOM   532  O O   . LYS A 1 68  ? -2.512  1.522   10.523  1.00 18.60 ? 68  LYS A O   1 
ATOM   533  C CB  . LYS A 1 68  ? -0.377  3.792   9.098   1.00 19.52 ? 68  LYS A CB  1 
ATOM   534  C CG  . LYS A 1 68  ? 0.577   3.173   10.158  1.00 20.79 ? 68  LYS A CG  1 
ATOM   535  C CD  . LYS A 1 68  ? 1.251   1.974   9.609   1.00 20.62 ? 68  LYS A CD  1 
ATOM   536  C CE  . LYS A 1 68  ? 2.390   1.444   10.482  1.00 20.20 ? 68  LYS A CE  1 
ATOM   537  N NZ  . LYS A 1 68  ? 2.181   -0.017  10.723  1.00 16.87 ? 68  LYS A NZ  1 
ATOM   538  N N   . ARG A 1 69  ? -2.866  3.704   10.839  1.00 20.94 ? 69  ARG A N   1 
ATOM   539  C CA  . ARG A 1 69  ? -3.569  3.515   12.118  1.00 22.39 ? 69  ARG A CA  1 
ATOM   540  C C   . ARG A 1 69  ? -4.683  2.478   12.004  1.00 22.33 ? 69  ARG A C   1 
ATOM   541  O O   . ARG A 1 69  ? -4.786  1.565   12.833  1.00 22.17 ? 69  ARG A O   1 
ATOM   542  C CB  . ARG A 1 69  ? -4.148  4.836   12.643  1.00 22.54 ? 69  ARG A CB  1 
ATOM   543  C CG  . ARG A 1 69  ? -4.806  4.702   14.029  1.00 25.39 ? 69  ARG A CG  1 
ATOM   544  C CD  . ARG A 1 69  ? -5.568  5.934   14.502  1.00 29.25 ? 69  ARG A CD  1 
ATOM   545  N NE  . ARG A 1 69  ? -6.723  6.252   13.656  1.00 32.86 ? 69  ARG A NE  1 
ATOM   546  C CZ  . ARG A 1 69  ? -7.855  5.546   13.600  1.00 36.13 ? 69  ARG A CZ  1 
ATOM   547  N NH1 . ARG A 1 69  ? -8.036  4.453   14.338  1.00 37.75 ? 69  ARG A NH1 1 
ATOM   548  N NH2 . ARG A 1 69  ? -8.837  5.940   12.800  1.00 38.37 ? 69  ARG A NH2 1 
ATOM   549  N N   . MET A 1 70  ? -5.514  2.611   10.976  1.00 22.71 ? 70  MET A N   1 
ATOM   550  C CA  . MET A 1 70  ? -6.648  1.700   10.808  1.00 23.12 ? 70  MET A CA  1 
ATOM   551  C C   . MET A 1 70  ? -6.211  0.297   10.458  1.00 21.94 ? 70  MET A C   1 
ATOM   552  O O   . MET A 1 70  ? -6.743  -0.664  10.984  1.00 21.82 ? 70  MET A O   1 
ATOM   553  C CB  . MET A 1 70  ? -7.596  2.225   9.734   1.00 24.01 ? 70  MET A CB  1 
ATOM   554  C CG  . MET A 1 70  ? -8.156  3.582   10.044  1.00 26.74 ? 70  MET A CG  1 
ATOM   555  S SD  . MET A 1 70  ? -9.677  3.835   9.169   1.00 32.79 ? 70  MET A SD  1 
ATOM   556  C CE  . MET A 1 70  ? -9.575  5.434   8.824   1.00 30.39 ? 70  MET A CE  1 
ATOM   557  N N   . ALA A 1 71  ? -5.229  0.174   9.573   1.00 21.34 ? 71  ALA A N   1 
ATOM   558  C CA  . ALA A 1 71  ? -4.732  -1.132  9.183   1.00 20.60 ? 71  ALA A CA  1 
ATOM   559  C C   . ALA A 1 71  ? -4.171  -1.896  10.374  1.00 20.60 ? 71  ALA A C   1 
ATOM   560  O O   . ALA A 1 71  ? -4.467  -3.063  10.553  1.00 19.97 ? 71  ALA A O   1 
ATOM   561  C CB  . ALA A 1 71  ? -3.655  -0.993  8.088   1.00 20.63 ? 71  ALA A CB  1 
ATOM   562  N N   . ASP A 1 72  ? -3.336  -1.251  11.179  1.00 21.47 ? 72  ASP A N   1 
ATOM   563  C CA  . ASP A 1 72  ? -2.777  -1.912  12.363  1.00 21.99 ? 72  ASP A CA  1 
ATOM   564  C C   . ASP A 1 72  ? -3.901  -2.350  13.303  1.00 22.90 ? 72  ASP A C   1 
ATOM   565  O O   . ASP A 1 72  ? -3.906  -3.476  13.775  1.00 23.30 ? 72  ASP A O   1 
ATOM   566  C CB  . ASP A 1 72  ? -1.785  -1.008  13.128  1.00 21.64 ? 72  ASP A CB  1 
ATOM   567  C CG  . ASP A 1 72  ? -0.463  -0.817  12.396  1.00 21.41 ? 72  ASP A CG  1 
ATOM   568  O OD1 . ASP A 1 72  ? -0.026  -1.759  11.712  1.00 21.33 ? 72  ASP A OD1 1 
ATOM   569  O OD2 . ASP A 1 72  ? 0.201   0.247   12.446  1.00 21.46 ? 72  ASP A OD2 1 
ATOM   570  N N   . SER A 1 73  ? -4.867  -1.475  13.528  1.00 24.08 ? 73  SER A N   1 
ATOM   571  C CA  . SER A 1 73  ? -5.995  -1.779  14.420  1.00 25.52 ? 73  SER A CA  1 
ATOM   572  C C   . SER A 1 73  ? -6.752  -3.039  13.977  1.00 25.17 ? 73  SER A C   1 
ATOM   573  O O   . SER A 1 73  ? -7.204  -3.838  14.807  1.00 25.21 ? 73  SER A O   1 
ATOM   574  C CB  . SER A 1 73  ? -6.940  -0.583  14.464  1.00 26.25 ? 73  SER A CB  1 
ATOM   575  O OG  . SER A 1 73  ? -7.530  -0.430  15.739  1.00 29.78 ? 73  SER A OG  1 
ATOM   576  N N   . MET A 1 74  ? -6.845  -3.227  12.660  1.00 24.93 ? 74  MET A N   1 
ATOM   577  C CA  . MET A 1 74  ? -7.568  -4.341  12.055  1.00 24.74 ? 74  MET A CA  1 
ATOM   578  C C   . MET A 1 74  ? -6.699  -5.554  11.789  1.00 24.39 ? 74  MET A C   1 
ATOM   579  O O   . MET A 1 74  ? -7.196  -6.577  11.324  1.00 24.45 ? 74  MET A O   1 
ATOM   580  C CB  . MET A 1 74  ? -8.196  -3.883  10.741  1.00 25.17 ? 74  MET A CB  1 
ATOM   581  C CG  . MET A 1 74  ? -9.287  -2.875  10.952  1.00 27.00 ? 74  MET A CG  1 
ATOM   582  S SD  . MET A 1 74  ? -10.129 -2.501  9.430   1.00 30.48 ? 74  MET A SD  1 
ATOM   583  C CE  . MET A 1 74  ? -10.084 -0.854  9.548   1.00 30.85 ? 74  MET A CE  1 
ATOM   584  N N   . GLY A 1 75  ? -5.406  -5.441  12.078  1.00 23.73 ? 75  GLY A N   1 
ATOM   585  C CA  . GLY A 1 75  ? -4.478  -6.537  11.909  1.00 23.69 ? 75  GLY A CA  1 
ATOM   586  C C   . GLY A 1 75  ? -4.197  -6.829  10.453  1.00 23.42 ? 75  GLY A C   1 
ATOM   587  O O   . GLY A 1 75  ? -3.989  -7.982  10.072  1.00 23.98 ? 75  GLY A O   1 
ATOM   588  N N   . ILE A 1 76  ? -4.218  -5.782  9.638   1.00 23.20 ? 76  ILE A N   1 
ATOM   589  C CA  . ILE A 1 76  ? -3.986  -5.914  8.208   1.00 23.11 ? 76  ILE A CA  1 
ATOM   590  C C   . ILE A 1 76  ? -2.524  -5.606  7.906   1.00 22.45 ? 76  ILE A C   1 
ATOM   591  O O   . ILE A 1 76  ? -1.975  -4.581  8.347   1.00 21.63 ? 76  ILE A O   1 
ATOM   592  C CB  . ILE A 1 76  ? -4.930  -4.981  7.415   1.00 23.30 ? 76  ILE A CB  1 
ATOM   593  C CG1 . ILE A 1 76  ? -6.388  -5.447  7.582   1.00 24.38 ? 76  ILE A CG1 1 
ATOM   594  C CG2 . ILE A 1 76  ? -4.546  -4.954  5.930   1.00 24.11 ? 76  ILE A CG2 1 
ATOM   595  C CD1 . ILE A 1 76  ? -7.441  -4.435  7.123   1.00 25.16 ? 76  ILE A CD1 1 
ATOM   596  N N   . VAL A 1 77  ? -1.908  -6.489  7.129   1.00 22.17 ? 77  VAL A N   1 
ATOM   597  C CA  . VAL A 1 77  ? -0.543  -6.263  6.640   1.00 21.68 ? 77  VAL A CA  1 
ATOM   598  C C   . VAL A 1 77  ? -0.466  -4.940  5.911   1.00 21.15 ? 77  VAL A C   1 
ATOM   599  O O   . VAL A 1 77  ? -1.302  -4.634  5.052   1.00 20.28 ? 77  VAL A O   1 
ATOM   600  C CB  . VAL A 1 77  ? -0.084  -7.396  5.687   1.00 21.84 ? 77  VAL A CB  1 
ATOM   601  C CG1 . VAL A 1 77  ? 1.249   -7.027  4.995   1.00 22.71 ? 77  VAL A CG1 1 
ATOM   602  C CG2 . VAL A 1 77  ? 0.026   -8.713  6.443   1.00 22.56 ? 77  VAL A CG2 1 
ATOM   603  N N   . ASN A 1 78  ? 0.540   -4.140  6.250   1.00 20.73 ? 78  ASN A N   1 
ATOM   604  C CA  . ASN A 1 78  ? 0.739   -2.850  5.605   1.00 20.23 ? 78  ASN A CA  1 
ATOM   605  C C   . ASN A 1 78  ? 2.190   -2.431  5.611   1.00 19.96 ? 78  ASN A C   1 
ATOM   606  O O   . ASN A 1 78  ? 2.952   -2.817  6.512   1.00 20.32 ? 78  ASN A O   1 
ATOM   607  C CB  . ASN A 1 78  ? -0.116  -1.781  6.285   1.00 20.29 ? 78  ASN A CB  1 
ATOM   608  C CG  . ASN A 1 78  ? 0.321   -1.502  7.723   1.00 21.51 ? 78  ASN A CG  1 
ATOM   609  O OD1 . ASN A 1 78  ? 1.091   -0.574  7.968   1.00 20.30 ? 78  ASN A OD1 1 
ATOM   610  N ND2 . ASN A 1 78  ? -0.177  -2.304  8.673   1.00 16.38 ? 78  ASN A ND2 1 
ATOM   611  N N   . GLU A 1 79  ? 2.581   -1.641  4.617   1.00 19.24 ? 79  GLU A N   1 
ATOM   612  C CA  . GLU A 1 79  ? 3.948   -1.157  4.526   1.00 18.67 ? 79  GLU A CA  1 
ATOM   613  C C   . GLU A 1 79  ? 3.956   0.268   4.041   1.00 18.78 ? 79  GLU A C   1 
ATOM   614  O O   . GLU A 1 79  ? 3.488   0.558   2.930   1.00 17.41 ? 79  GLU A O   1 
ATOM   615  C CB  . GLU A 1 79  ? 4.759   -2.024  3.563   1.00 19.42 ? 79  GLU A CB  1 
ATOM   616  C CG  . GLU A 1 79  ? 6.211   -1.603  3.429   1.00 20.64 ? 79  GLU A CG  1 
ATOM   617  C CD  . GLU A 1 79  ? 7.075   -1.978  4.629   1.00 22.86 ? 79  GLU A CD  1 
ATOM   618  O OE1 . GLU A 1 79  ? 6.615   -2.717  5.556   1.00 22.39 ? 79  GLU A OE1 1 
ATOM   619  O OE2 . GLU A 1 79  ? 8.239   -1.544  4.608   1.00 24.43 ? 79  GLU A OE2 1 
ATOM   620  N N   . ILE A 1 80  ? 4.478   1.162   4.878   1.00 18.19 ? 80  ILE A N   1 
ATOM   621  C CA  . ILE A 1 80  ? 4.793   2.509   4.478   1.00 18.80 ? 80  ILE A CA  1 
ATOM   622  C C   . ILE A 1 80  ? 6.068   2.483   3.635   1.00 19.36 ? 80  ILE A C   1 
ATOM   623  O O   . ILE A 1 80  ? 7.068   1.880   4.022   1.00 19.43 ? 80  ILE A O   1 
ATOM   624  C CB  . ILE A 1 80  ? 4.960   3.408   5.721   1.00 19.54 ? 80  ILE A CB  1 
ATOM   625  C CG1 . ILE A 1 80  ? 3.575   3.767   6.263   1.00 21.29 ? 80  ILE A CG1 1 
ATOM   626  C CG2 . ILE A 1 80  ? 5.759   4.669   5.385   1.00 19.47 ? 80  ILE A CG2 1 
ATOM   627  C CD1 . ILE A 1 80  ? 3.589   4.425   7.614   1.00 24.21 ? 80  ILE A CD1 1 
ATOM   628  N N   . VAL A 1 81  ? 6.021   3.151   2.490   1.00 18.75 ? 81  VAL A N   1 
ATOM   629  C CA  . VAL A 1 81  ? 7.109   3.123   1.546   1.00 19.49 ? 81  VAL A CA  1 
ATOM   630  C C   . VAL A 1 81  ? 7.775   4.481   1.537   1.00 19.72 ? 81  VAL A C   1 
ATOM   631  O O   . VAL A 1 81  ? 7.101   5.509   1.506   1.00 20.24 ? 81  VAL A O   1 
ATOM   632  C CB  . VAL A 1 81  ? 6.599   2.738   0.136   1.00 18.62 ? 81  VAL A CB  1 
ATOM   633  C CG1 . VAL A 1 81  ? 7.647   3.058   -0.933  1.00 19.97 ? 81  VAL A CG1 1 
ATOM   634  C CG2 . VAL A 1 81  ? 6.226   1.267   0.115   1.00 20.23 ? 81  VAL A CG2 1 
ATOM   635  N N   . GLN A 1 82  ? 9.095   4.466   1.554   1.00 20.38 ? 82  GLN A N   1 
ATOM   636  C CA  . GLN A 1 82  ? 9.912   5.674   1.489   1.00 21.99 ? 82  GLN A CA  1 
ATOM   637  C C   . GLN A 1 82  ? 10.871  5.564   0.312   1.00 23.01 ? 82  GLN A C   1 
ATOM   638  O O   . GLN A 1 82  ? 11.474  4.516   0.123   1.00 21.22 ? 82  GLN A O   1 
ATOM   639  C CB  . GLN A 1 82  ? 10.716  5.848   2.793   1.00 21.67 ? 82  GLN A CB  1 
ATOM   640  C CG  . GLN A 1 82  ? 9.839   6.031   4.038   1.00 23.18 ? 82  GLN A CG  1 
ATOM   641  C CD  . GLN A 1 82  ? 10.621  6.066   5.360   1.00 24.05 ? 82  GLN A CD  1 
ATOM   642  O OE1 . GLN A 1 82  ? 11.316  7.042   5.660   1.00 26.76 ? 82  GLN A OE1 1 
ATOM   643  N NE2 . GLN A 1 82  ? 10.474  5.027   6.153   1.00 23.01 ? 82  GLN A NE2 1 
ATOM   644  N N   . ASP A 1 83  ? 11.022  6.640   -0.463  1.00 25.73 ? 83  ASP A N   1 
ATOM   645  C CA  . ASP A 1 83  ? 11.986  6.657   -1.555  1.00 28.23 ? 83  ASP A CA  1 
ATOM   646  C C   . ASP A 1 83  ? 13.407  6.856   -1.022  1.00 30.44 ? 83  ASP A C   1 
ATOM   647  O O   . ASP A 1 83  ? 13.626  6.813   0.191   1.00 30.26 ? 83  ASP A O   1 
ATOM   648  C CB  . ASP A 1 83  ? 11.593  7.671   -2.667  1.00 28.90 ? 83  ASP A CB  1 
ATOM   649  C CG  . ASP A 1 83  ? 11.706  9.134   -2.253  1.00 29.61 ? 83  ASP A CG  1 
ATOM   650  O OD1 . ASP A 1 83  ? 12.327  9.471   -1.221  1.00 31.34 ? 83  ASP A OD1 1 
ATOM   651  O OD2 . ASP A 1 83  ? 11.193  10.037  -2.944  1.00 32.67 ? 83  ASP A OD2 1 
ATOM   652  N N   . ARG A 1 84  ? 14.368  7.037   -1.923  1.00 33.12 ? 84  ARG A N   1 
ATOM   653  C CA  . ARG A 1 84  ? 15.764  7.225   -1.523  1.00 35.75 ? 84  ARG A CA  1 
ATOM   654  C C   . ARG A 1 84  ? 15.936  8.652   -1.002  1.00 36.88 ? 84  ARG A C   1 
ATOM   655  O O   . ARG A 1 84  ? 15.189  9.556   -1.355  1.00 37.40 ? 84  ARG A O   1 
ATOM   656  C CB  . ARG A 1 84  ? 16.755  6.899   -2.672  1.00 36.49 ? 84  ARG A CB  1 
ATOM   657  C CG  . ARG A 1 84  ? 16.697  7.801   -3.928  1.00 39.47 ? 84  ARG A CG  1 
ATOM   658  C CD  . ARG A 1 84  ? 17.447  7.250   -5.198  1.00 42.86 ? 84  ARG A CD  1 
ATOM   659  N NE  . ARG A 1 84  ? 16.545  6.690   -6.228  1.00 45.35 ? 84  ARG A NE  1 
ATOM   660  C CZ  . ARG A 1 84  ? 16.762  6.706   -7.553  1.00 47.03 ? 84  ARG A CZ  1 
ATOM   661  N NH1 . ARG A 1 84  ? 17.880  7.197   -8.080  1.00 48.47 ? 84  ARG A NH1 1 
ATOM   662  N NH2 . ARG A 1 84  ? 15.855  6.179   -8.369  1.00 47.91 ? 84  ARG A NH2 1 
ATOM   663  N N   . GLY A 1 85  ? 16.902  8.853   -0.129  1.00 38.68 ? 85  GLY A N   1 
ATOM   664  C CA  . GLY A 1 85  ? 17.122  10.173  0.427   1.00 40.21 ? 85  GLY A CA  1 
ATOM   665  C C   . GLY A 1 85  ? 17.741  11.145  -0.563  1.00 41.16 ? 85  GLY A C   1 
ATOM   666  O O   . GLY A 1 85  ? 18.042  10.793  -1.712  1.00 41.11 ? 85  GLY A O   1 
ATOM   667  N N   . TYR A 1 86  ? 17.899  12.383  -0.113  1.00 42.35 ? 86  TYR A N   1 
ATOM   668  C CA  . TYR A 1 86  ? 18.921  13.263  -0.672  1.00 43.48 ? 86  TYR A CA  1 
ATOM   669  C C   . TYR A 1 86  ? 20.266  12.839  -0.067  1.00 44.20 ? 86  TYR A C   1 
ATOM   670  O O   . TYR A 1 86  ? 21.328  13.146  -0.613  1.00 44.47 ? 86  TYR A O   1 
ATOM   671  C CB  . TYR A 1 86  ? 18.614  14.732  -0.365  1.00 43.51 ? 86  TYR A CB  1 
ATOM   672  C CG  . TYR A 1 86  ? 17.442  15.289  -1.145  1.00 43.79 ? 86  TYR A CG  1 
ATOM   673  C CD1 . TYR A 1 86  ? 16.185  15.417  -0.555  1.00 44.71 ? 86  TYR A CD1 1 
ATOM   674  C CD2 . TYR A 1 86  ? 17.588  15.692  -2.471  1.00 44.40 ? 86  TYR A CD2 1 
ATOM   675  C CE1 . TYR A 1 86  ? 15.104  15.929  -1.261  1.00 45.55 ? 86  TYR A CE1 1 
ATOM   676  C CE2 . TYR A 1 86  ? 16.510  16.207  -3.192  1.00 44.80 ? 86  TYR A CE2 1 
ATOM   677  C CZ  . TYR A 1 86  ? 15.271  16.325  -2.582  1.00 45.42 ? 86  TYR A CZ  1 
ATOM   678  O OH  . TYR A 1 86  ? 14.192  16.841  -3.275  1.00 46.89 ? 86  TYR A OH  1 
ATOM   679  N N   . THR A 1 87  ? 20.190  12.120  1.058   1.00 45.24 ? 87  THR A N   1 
ATOM   680  C CA  . THR A 1 87  ? 21.343  11.558  1.760   1.00 45.72 ? 87  THR A CA  1 
ATOM   681  C C   . THR A 1 87  ? 21.261  10.030  1.788   1.00 46.24 ? 87  THR A C   1 
ATOM   682  O O   . THR A 1 87  ? 20.242  9.460   2.205   1.00 45.81 ? 87  THR A O   1 
ATOM   683  C CB  . THR A 1 87  ? 21.370  12.093  3.202   1.00 45.83 ? 87  THR A CB  1 
ATOM   684  O OG1 . THR A 1 87  ? 21.281  13.528  3.193   1.00 45.57 ? 87  THR A OG1 1 
ATOM   685  C CG2 . THR A 1 87  ? 22.712  11.792  3.878   1.00 46.06 ? 87  THR A CG2 1 
ATOM   686  N N   . GLN A 1 88  ? 22.333  9.370   1.357   1.00 46.77 ? 88  GLN A N   1 
ATOM   687  C CA  . GLN A 1 88  ? 22.345  7.907   1.243   1.00 47.22 ? 88  GLN A CA  1 
ATOM   688  C C   . GLN A 1 88  ? 22.139  7.211   2.593   1.00 46.81 ? 88  GLN A C   1 
ATOM   689  O O   . GLN A 1 88  ? 21.502  6.157   2.669   1.00 46.46 ? 88  GLN A O   1 
ATOM   690  C CB  . GLN A 1 88  ? 23.656  7.424   0.593   1.00 47.76 ? 88  GLN A CB  1 
ATOM   691  C CG  . GLN A 1 88  ? 23.682  5.939   0.188   1.00 49.50 ? 88  GLN A CG  1 
ATOM   692  C CD  . GLN A 1 88  ? 22.373  5.451   -0.426  1.00 52.37 ? 88  GLN A CD  1 
ATOM   693  O OE1 . GLN A 1 88  ? 21.546  4.834   0.260   1.00 54.11 ? 88  GLN A OE1 1 
ATOM   694  N NE2 . GLN A 1 88  ? 22.176  5.733   -1.717  1.00 54.22 ? 88  GLN A NE2 1 
ATOM   695  N N   . VAL A 1 89  ? 22.657  7.810   3.660   1.00 46.35 ? 89  VAL A N   1 
ATOM   696  C CA  . VAL A 1 89  ? 22.562  7.198   4.986   1.00 46.13 ? 89  VAL A CA  1 
ATOM   697  C C   . VAL A 1 89  ? 21.135  7.284   5.571   1.00 45.25 ? 89  VAL A C   1 
ATOM   698  O O   . VAL A 1 89  ? 20.671  6.343   6.228   1.00 45.49 ? 89  VAL A O   1 
ATOM   699  C CB  . VAL A 1 89  ? 23.578  7.814   5.987   1.00 46.28 ? 89  VAL A CB  1 
ATOM   700  C CG1 . VAL A 1 89  ? 23.703  6.930   7.231   1.00 46.73 ? 89  VAL A CG1 1 
ATOM   701  C CG2 . VAL A 1 89  ? 24.953  8.007   5.332   1.00 46.96 ? 89  VAL A CG2 1 
ATOM   702  N N   . GLU A 1 90  ? 20.443  8.396   5.325   1.00 43.87 ? 90  GLU A N   1 
ATOM   703  C CA  . GLU A 1 90  ? 19.115  8.617   5.916   1.00 42.71 ? 90  GLU A CA  1 
ATOM   704  C C   . GLU A 1 90  ? 17.957  8.067   5.075   1.00 41.20 ? 90  GLU A C   1 
ATOM   705  O O   . GLU A 1 90  ? 18.079  7.923   3.858   1.00 41.10 ? 90  GLU A O   1 
ATOM   706  C CB  . GLU A 1 90  ? 18.905  10.098  6.163   1.00 42.87 ? 90  GLU A CB  1 
ATOM   707  C CG  . GLU A 1 90  ? 19.788  10.621  7.265   1.00 43.52 ? 90  GLU A CG  1 
ATOM   708  C CD  . GLU A 1 90  ? 19.938  12.103  7.191   1.00 45.36 ? 90  GLU A CD  1 
ATOM   709  O OE1 . GLU A 1 90  ? 18.967  12.784  6.780   1.00 46.38 ? 90  GLU A OE1 1 
ATOM   710  O OE2 . GLU A 1 90  ? 21.034  12.589  7.536   1.00 47.95 ? 90  GLU A OE2 1 
ATOM   711  N N   . PRO A 1 91  ? 16.831  7.765   5.728   1.00 39.25 ? 91  PRO A N   1 
ATOM   712  C CA  . PRO A 1 91  ? 15.631  7.293   5.026   1.00 37.51 ? 91  PRO A CA  1 
ATOM   713  C C   . PRO A 1 91  ? 14.991  8.445   4.284   1.00 35.06 ? 91  PRO A C   1 
ATOM   714  O O   . PRO A 1 91  ? 15.207  9.579   4.696   1.00 35.23 ? 91  PRO A O   1 
ATOM   715  C CB  . PRO A 1 91  ? 14.732  6.828   6.165   1.00 37.67 ? 91  PRO A CB  1 
ATOM   716  C CG  . PRO A 1 91  ? 15.105  7.716   7.286   1.00 39.23 ? 91  PRO A CG  1 
ATOM   717  C CD  . PRO A 1 91  ? 16.604  7.857   7.180   1.00 39.44 ? 91  PRO A CD  1 
ATOM   718  N N   . GLY A 1 92  ? 14.251  8.168   3.212   1.00 32.31 ? 92  GLY A N   1 
ATOM   719  C CA  . GLY A 1 92  ? 13.716  9.206   2.342   1.00 29.92 ? 92  GLY A CA  1 
ATOM   720  C C   . GLY A 1 92  ? 12.281  9.572   2.666   1.00 27.83 ? 92  GLY A C   1 
ATOM   721  O O   . GLY A 1 92  ? 11.787  9.271   3.740   1.00 27.04 ? 92  GLY A O   1 
ATOM   722  N N   . THR A 1 93  ? 11.619  10.242  1.732   1.00 26.23 ? 93  THR A N   1 
ATOM   723  C CA  . THR A 1 93  ? 10.233  10.674  1.923   1.00 25.28 ? 93  THR A CA  1 
ATOM   724  C C   . THR A 1 93  ? 9.245   9.527   1.823   1.00 23.71 ? 93  THR A C   1 
ATOM   725  O O   . THR A 1 93  ? 9.429   8.627   0.994   1.00 22.08 ? 93  THR A O   1 
ATOM   726  C CB  . THR A 1 93  ? 9.873   11.703  0.873   1.00 25.67 ? 93  THR A CB  1 
ATOM   727  O OG1 . THR A 1 93  ? 10.798  12.785  0.943   1.00 26.92 ? 93  THR A OG1 1 
ATOM   728  C CG2 . THR A 1 93  ? 8.523   12.319  1.166   1.00 25.59 ? 93  THR A CG2 1 
ATOM   729  N N   . ILE A 1 94  ? 8.202   9.578   2.661   1.00 22.62 ? 94  ILE A N   1 
ATOM   730  C CA  . ILE A 1 94  ? 7.089   8.627   2.618   1.00 21.95 ? 94  ILE A CA  1 
ATOM   731  C C   . ILE A 1 94  ? 6.227   8.959   1.402   1.00 21.32 ? 94  ILE A C   1 
ATOM   732  O O   . ILE A 1 94  ? 5.716   10.072  1.302   1.00 21.03 ? 94  ILE A O   1 
ATOM   733  C CB  . ILE A 1 94  ? 6.250   8.689   3.911   1.00 21.80 ? 94  ILE A CB  1 
ATOM   734  C CG1 . ILE A 1 94  ? 7.056   8.136   5.090   1.00 21.83 ? 94  ILE A CG1 1 
ATOM   735  C CG2 . ILE A 1 94  ? 4.967   7.916   3.745   1.00 22.33 ? 94  ILE A CG2 1 
ATOM   736  C CD1 . ILE A 1 94  ? 6.388   8.269   6.440   1.00 22.78 ? 94  ILE A CD1 1 
ATOM   737  N N   . THR A 1 95  ? 6.091   7.990   0.488   1.00 20.66 ? 95  THR A N   1 
ATOM   738  C CA  . THR A 1 95  ? 5.407   8.177   -0.800  1.00 19.81 ? 95  THR A CA  1 
ATOM   739  C C   . THR A 1 95  ? 4.042   7.515   -0.850  1.00 19.37 ? 95  THR A C   1 
ATOM   740  O O   . THR A 1 95  ? 3.139   8.016   -1.503  1.00 20.31 ? 95  THR A O   1 
ATOM   741  C CB  . THR A 1 95  ? 6.263   7.605   -1.967  1.00 19.84 ? 95  THR A CB  1 
ATOM   742  O OG1 . THR A 1 95  ? 6.653   6.240   -1.705  1.00 18.42 ? 95  THR A OG1 1 
ATOM   743  C CG2 . THR A 1 95  ? 7.557   8.351   -2.088  1.00 19.34 ? 95  THR A CG2 1 
ATOM   744  N N   . CYS A 1 96  ? 3.904   6.367   -0.208  1.00 18.79 ? 96  CYS A N   1 
ATOM   745  C CA  . CYS A 1 96  ? 2.691   5.579   -0.294  1.00 18.56 ? 96  CYS A CA  1 
ATOM   746  C C   . CYS A 1 96  ? 2.628   4.531   0.797   1.00 18.66 ? 96  CYS A C   1 
ATOM   747  O O   . CYS A 1 96  ? 3.574   4.365   1.563   1.00 19.18 ? 96  CYS A O   1 
ATOM   748  C CB  . CYS A 1 96  ? 2.601   4.922   -1.677  1.00 18.68 ? 96  CYS A CB  1 
ATOM   749  S SG  . CYS A 1 96  ? 3.889   3.703   -2.006  1.00 19.54 ? 96  CYS A SG  1 
ATOM   750  N N   . ILE A 1 97  ? 1.494   3.845   0.904   1.00 17.86 ? 97  ILE A N   1 
ATOM   751  C CA  . ILE A 1 97  ? 1.351   2.738   1.839   1.00 17.64 ? 97  ILE A CA  1 
ATOM   752  C C   . ILE A 1 97  ? 0.603   1.590   1.175   1.00 17.42 ? 97  ILE A C   1 
ATOM   753  O O   . ILE A 1 97  ? -0.433  1.800   0.543   1.00 17.50 ? 97  ILE A O   1 
ATOM   754  C CB  . ILE A 1 97  ? 0.657   3.188   3.149   1.00 17.20 ? 97  ILE A CB  1 
ATOM   755  C CG1 . ILE A 1 97  ? 0.556   2.032   4.131   1.00 17.16 ? 97  ILE A CG1 1 
ATOM   756  C CG2 . ILE A 1 97  ? -0.727  3.765   2.890   1.00 17.04 ? 97  ILE A CG2 1 
ATOM   757  C CD1 . ILE A 1 97  ? 0.091   2.461   5.516   1.00 16.80 ? 97  ILE A CD1 1 
ATOM   758  N N   . GLY A 1 98  ? 1.148   0.388   1.282   1.00 16.82 ? 98  GLY A N   1 
ATOM   759  C CA  . GLY A 1 98  ? 0.485   -0.810  0.794   1.00 17.41 ? 98  GLY A CA  1 
ATOM   760  C C   . GLY A 1 98  ? -0.303  -1.507  1.888   1.00 17.89 ? 98  GLY A C   1 
ATOM   761  O O   . GLY A 1 98  ? 0.097   -1.493  3.065   1.00 17.31 ? 98  GLY A O   1 
ATOM   762  N N   . LEU A 1 99  ? -1.417  -2.119  1.505   1.00 17.74 ? 99  LEU A N   1 
ATOM   763  C CA  . LEU A 1 99  ? -2.261  -2.889  2.418   1.00 18.56 ? 99  LEU A CA  1 
ATOM   764  C C   . LEU A 1 99  ? -2.656  -4.218  1.801   1.00 18.97 ? 99  LEU A C   1 
ATOM   765  O O   . LEU A 1 99  ? -3.123  -4.266  0.657   1.00 19.16 ? 99  LEU A O   1 
ATOM   766  C CB  . LEU A 1 99  ? -3.560  -2.153  2.763   1.00 18.67 ? 99  LEU A CB  1 
ATOM   767  C CG  . LEU A 1 99  ? -3.576  -0.660  3.000   1.00 20.66 ? 99  LEU A CG  1 
ATOM   768  C CD1 . LEU A 1 99  ? -5.016  -0.199  3.058   1.00 22.16 ? 99  LEU A CD1 1 
ATOM   769  C CD2 . LEU A 1 99  ? -2.863  -0.322  4.311   1.00 22.78 ? 99  LEU A CD2 1 
ATOM   770  N N   . GLY A 1 100 ? -2.518  -5.291  2.571   1.00 18.95 ? 100 GLY A N   1 
ATOM   771  C CA  . GLY A 1 100 ? -3.007  -6.594  2.163   1.00 19.45 ? 100 GLY A CA  1 
ATOM   772  C C   . GLY A 1 100 ? -1.928  -7.473  1.559   1.00 20.03 ? 100 GLY A C   1 
ATOM   773  O O   . GLY A 1 100 ? -0.737  -7.226  1.791   1.00 19.97 ? 100 GLY A O   1 
ATOM   774  N N   . PRO A 1 101 ? -2.317  -8.470  0.767   1.00 20.69 ? 101 PRO A N   1 
ATOM   775  C CA  . PRO A 1 101 ? -3.711  -8.678  0.348   1.00 21.35 ? 101 PRO A CA  1 
ATOM   776  C C   . PRO A 1 101 ? -4.660  -9.096  1.476   1.00 21.97 ? 101 PRO A C   1 
ATOM   777  O O   . PRO A 1 101 ? -4.243  -9.716  2.454   1.00 21.81 ? 101 PRO A O   1 
ATOM   778  C CB  . PRO A 1 101 ? -3.601  -9.808  -0.672  1.00 21.78 ? 101 PRO A CB  1 
ATOM   779  C CG  . PRO A 1 101 ? -2.351  -10.564 -0.259  1.00 21.08 ? 101 PRO A CG  1 
ATOM   780  C CD  . PRO A 1 101 ? -1.427  -9.512  0.231   1.00 20.72 ? 101 PRO A CD  1 
ATOM   781  N N   . ASP A 1 102 ? -5.927  -8.718  1.337   1.00 22.43 ? 102 ASP A N   1 
ATOM   782  C CA  . ASP A 1 102 ? -6.958  -9.078  2.314   1.00 23.30 ? 102 ASP A CA  1 
ATOM   783  C C   . ASP A 1 102 ? -8.340  -9.107  1.651   1.00 23.68 ? 102 ASP A C   1 
ATOM   784  O O   . ASP A 1 102 ? -8.440  -9.078  0.438   1.00 22.93 ? 102 ASP A O   1 
ATOM   785  C CB  . ASP A 1 102 ? -6.930  -8.105  3.502   1.00 22.51 ? 102 ASP A CB  1 
ATOM   786  C CG  . ASP A 1 102 ? -7.176  -8.812  4.827   1.00 23.90 ? 102 ASP A CG  1 
ATOM   787  O OD1 . ASP A 1 102 ? -8.197  -9.531  4.936   1.00 23.77 ? 102 ASP A OD1 1 
ATOM   788  O OD2 . ASP A 1 102 ? -6.398  -8.740  5.801   1.00 21.78 ? 102 ASP A OD2 1 
ATOM   789  N N   . GLU A 1 103 ? -9.402  -9.177  2.455   1.00 25.40 ? 103 GLU A N   1 
ATOM   790  C CA  . GLU A 1 103 ? -10.771 -9.145  1.941   1.00 26.04 ? 103 GLU A CA  1 
ATOM   791  C C   . GLU A 1 103 ? -11.066 -7.734  1.519   1.00 25.79 ? 103 GLU A C   1 
ATOM   792  O O   . GLU A 1 103 ? -10.878 -6.805  2.300   1.00 25.84 ? 103 GLU A O   1 
ATOM   793  C CB  . GLU A 1 103 ? -11.792 -9.559  3.019   1.00 26.11 ? 103 GLU A CB  1 
ATOM   794  C CG  . GLU A 1 103 ? -11.528 -10.904 3.643   1.00 28.62 ? 103 GLU A CG  1 
ATOM   795  C CD  . GLU A 1 103 ? -12.576 -11.309 4.664   1.00 31.97 ? 103 GLU A CD  1 
ATOM   796  O OE1 . GLU A 1 103 ? -13.245 -10.421 5.243   1.00 35.09 ? 103 GLU A OE1 1 
ATOM   797  O OE2 . GLU A 1 103 ? -12.714 -12.529 4.890   1.00 34.28 ? 103 GLU A OE2 1 
ATOM   798  N N   . GLU A 1 104 ? -11.553 -7.573  0.292   1.00 26.60 ? 104 GLU A N   1 
ATOM   799  C CA  . GLU A 1 104 ? -11.933 -6.263  -0.236  1.00 27.31 ? 104 GLU A CA  1 
ATOM   800  C C   . GLU A 1 104 ? -12.870 -5.464  0.681   1.00 27.34 ? 104 GLU A C   1 
ATOM   801  O O   . GLU A 1 104 ? -12.725 -4.256  0.831   1.00 27.30 ? 104 GLU A O   1 
ATOM   802  C CB  . GLU A 1 104 ? -12.580 -6.430  -1.623  1.00 27.82 ? 104 GLU A CB  1 
ATOM   803  C CG  . GLU A 1 104 ? -13.029 -5.121  -2.261  1.00 29.52 ? 104 GLU A CG  1 
ATOM   804  C CD  . GLU A 1 104 ? -13.192 -5.226  -3.778  1.00 31.88 ? 104 GLU A CD  1 
ATOM   805  O OE1 . GLU A 1 104 ? -13.630 -6.280  -4.268  1.00 35.68 ? 104 GLU A OE1 1 
ATOM   806  O OE2 . GLU A 1 104 ? -12.866 -4.260  -4.485  1.00 32.50 ? 104 GLU A OE2 1 
ATOM   807  N N   . GLU A 1 105 ? -13.855 -6.126  1.270   1.00 27.50 ? 105 GLU A N   1 
ATOM   808  C CA  . GLU A 1 105 ? -14.801 -5.444  2.161   1.00 27.87 ? 105 GLU A CA  1 
ATOM   809  C C   . GLU A 1 105 ? -14.078 -4.826  3.357   1.00 27.33 ? 105 GLU A C   1 
ATOM   810  O O   . GLU A 1 105 ? -14.397 -3.702  3.781   1.00 26.00 ? 105 GLU A O   1 
ATOM   811  C CB  . GLU A 1 105 ? -15.902 -6.417  2.619   1.00 28.41 ? 105 GLU A CB  1 
ATOM   812  C CG  . GLU A 1 105 ? -16.711 -5.989  3.850   1.00 31.52 ? 105 GLU A CG  1 
ATOM   813  C CD  . GLU A 1 105 ? -18.143 -5.557  3.538   1.00 34.91 ? 105 GLU A CD  1 
ATOM   814  O OE1 . GLU A 1 105 ? -18.802 -6.171  2.679   1.00 37.01 ? 105 GLU A OE1 1 
ATOM   815  O OE2 . GLU A 1 105 ? -18.616 -4.599  4.176   1.00 37.04 ? 105 GLU A OE2 1 
ATOM   816  N N   . LYS A 1 106 ? -13.121 -5.576  3.903   1.00 26.97 ? 106 LYS A N   1 
ATOM   817  C CA  . LYS A 1 106 ? -12.303 -5.110  5.023   1.00 26.80 ? 106 LYS A CA  1 
ATOM   818  C C   . LYS A 1 106 ? -11.459 -3.914  4.592   1.00 25.75 ? 106 LYS A C   1 
ATOM   819  O O   . LYS A 1 106 ? -11.474 -2.872  5.246   1.00 25.18 ? 106 LYS A O   1 
ATOM   820  C CB  . LYS A 1 106 ? -11.406 -6.242  5.548   1.00 27.27 ? 106 LYS A CB  1 
ATOM   821  C CG  . LYS A 1 106 ? -11.117 -6.186  7.027   1.00 30.17 ? 106 LYS A CG  1 
ATOM   822  C CD  . LYS A 1 106 ? -10.132 -7.288  7.461   1.00 33.25 ? 106 LYS A CD  1 
ATOM   823  C CE  . LYS A 1 106 ? -10.804 -8.659  7.585   1.00 35.62 ? 106 LYS A CE  1 
ATOM   824  N NZ  . LYS A 1 106 ? -9.809  -9.794  7.581   1.00 36.14 ? 106 LYS A NZ  1 
ATOM   825  N N   . LEU A 1 107 ? -10.759 -4.061  3.467   1.00 24.87 ? 107 LEU A N   1 
ATOM   826  C CA  . LEU A 1 107 ? -9.887  -3.022  2.954   1.00 24.38 ? 107 LEU A CA  1 
ATOM   827  C C   . LEU A 1 107 ? -10.661 -1.754  2.618   1.00 23.90 ? 107 LEU A C   1 
ATOM   828  O O   . LEU A 1 107 ? -10.183 -0.668  2.859   1.00 23.10 ? 107 LEU A O   1 
ATOM   829  C CB  . LEU A 1 107 ? -9.092  -3.518  1.735   1.00 24.59 ? 107 LEU A CB  1 
ATOM   830  C CG  . LEU A 1 107 ? -8.085  -4.630  2.058   1.00 25.06 ? 107 LEU A CG  1 
ATOM   831  C CD1 . LEU A 1 107 ? -7.525  -5.266  0.812   1.00 25.78 ? 107 LEU A CD1 1 
ATOM   832  C CD2 . LEU A 1 107 ? -6.942  -4.072  2.906   1.00 25.14 ? 107 LEU A CD2 1 
ATOM   833  N N   . ASP A 1 108 ? -11.879 -1.895  2.105   1.00 23.86 ? 108 ASP A N   1 
ATOM   834  C CA  . ASP A 1 108 ? -12.692 -0.730  1.745   1.00 23.64 ? 108 ASP A CA  1 
ATOM   835  C C   . ASP A 1 108 ? -13.105 0.087   2.976   1.00 22.50 ? 108 ASP A C   1 
ATOM   836  O O   . ASP A 1 108 ? -13.314 1.283   2.884   1.00 21.81 ? 108 ASP A O   1 
ATOM   837  C CB  . ASP A 1 108 ? -13.935 -1.161  0.962   1.00 24.36 ? 108 ASP A CB  1 
ATOM   838  C CG  . ASP A 1 108 ? -13.606 -1.646  -0.455  1.00 26.22 ? 108 ASP A CG  1 
ATOM   839  O OD1 . ASP A 1 108 ? -12.587 -1.217  -1.040  1.00 28.26 ? 108 ASP A OD1 1 
ATOM   840  O OD2 . ASP A 1 108 ? -14.317 -2.474  -1.051  1.00 29.27 ? 108 ASP A OD2 1 
ATOM   841  N N   . LYS A 1 109 ? -13.206 -0.562  4.122   1.00 22.52 ? 109 LYS A N   1 
ATOM   842  C CA  . LYS A 1 109 ? -13.449 0.155   5.389   1.00 23.02 ? 109 LYS A CA  1 
ATOM   843  C C   . LYS A 1 109 ? -12.378 1.194   5.696   1.00 22.39 ? 109 LYS A C   1 
ATOM   844  O O   . LYS A 1 109 ? -12.633 2.137   6.433   1.00 22.68 ? 109 LYS A O   1 
ATOM   845  C CB  . LYS A 1 109 ? -13.540 -0.823  6.568   1.00 23.11 ? 109 LYS A CB  1 
ATOM   846  C CG  . LYS A 1 109 ? -14.664 -1.806  6.476   1.00 24.94 ? 109 LYS A CG  1 
ATOM   847  C CD  . LYS A 1 109 ? -14.768 -2.666  7.716   1.00 26.98 ? 109 LYS A CD  1 
ATOM   848  C CE  . LYS A 1 109 ? -15.952 -3.606  7.601   1.00 29.16 ? 109 LYS A CE  1 
ATOM   849  N NZ  . LYS A 1 109 ? -15.852 -4.796  8.483   1.00 31.64 ? 109 LYS A NZ  1 
ATOM   850  N N   . ILE A 1 110 ? -11.179 1.011   5.140   1.00 21.91 ? 110 ILE A N   1 
ATOM   851  C CA  . ILE A 1 110 ? -10.039 1.912   5.375   1.00 21.63 ? 110 ILE A CA  1 
ATOM   852  C C   . ILE A 1 110 ? -9.816  2.904   4.236   1.00 20.94 ? 110 ILE A C   1 
ATOM   853  O O   . ILE A 1 110 ? -9.635  4.094   4.480   1.00 21.35 ? 110 ILE A O   1 
ATOM   854  C CB  . ILE A 1 110 ? -8.754  1.065   5.575   1.00 21.56 ? 110 ILE A CB  1 
ATOM   855  C CG1 . ILE A 1 110 ? -8.895  0.183   6.803   1.00 22.85 ? 110 ILE A CG1 1 
ATOM   856  C CG2 . ILE A 1 110 ? -7.503  1.953   5.733   1.00 21.98 ? 110 ILE A CG2 1 
ATOM   857  C CD1 . ILE A 1 110 ? -7.772  -0.815  6.974   1.00 24.36 ? 110 ILE A CD1 1 
ATOM   858  N N   . THR A 1 111 ? -9.805  2.399   2.995   1.00 20.80 ? 111 THR A N   1 
ATOM   859  C CA  . THR A 1 111 ? -9.429  3.182   1.813   1.00 20.44 ? 111 THR A CA  1 
ATOM   860  C C   . THR A 1 111 ? -10.567 3.559   0.829   1.00 21.25 ? 111 THR A C   1 
ATOM   861  O O   . THR A 1 111 ? -10.333 4.309   -0.105  1.00 20.72 ? 111 THR A O   1 
ATOM   862  C CB  . THR A 1 111 ? -8.328  2.452   1.003   1.00 19.88 ? 111 THR A CB  1 
ATOM   863  O OG1 . THR A 1 111 ? -8.642  1.057   0.880   1.00 19.30 ? 111 THR A OG1 1 
ATOM   864  C CG2 . THR A 1 111 ? -6.971  2.503   1.767   1.00 20.03 ? 111 THR A CG2 1 
ATOM   865  N N   . GLY A 1 112 ? -11.769 3.042   1.034   1.00 22.65 ? 112 GLY A N   1 
ATOM   866  C CA  . GLY A 1 112 ? -12.871 3.256   0.099   1.00 23.69 ? 112 GLY A CA  1 
ATOM   867  C C   . GLY A 1 112 ? -13.209 4.701   -0.189  1.00 24.64 ? 112 GLY A C   1 
ATOM   868  O O   . GLY A 1 112 ? -13.724 5.030   -1.259  1.00 24.55 ? 112 GLY A O   1 
ATOM   869  N N   . LYS A 1 113 ? -12.870 5.571   0.757   1.00 25.44 ? 113 LYS A N   1 
ATOM   870  C CA  . LYS A 1 113 ? -13.211 6.997   0.721   1.00 25.86 ? 113 LYS A CA  1 
ATOM   871  C C   . LYS A 1 113 ? -12.335 7.767   -0.246  1.00 25.51 ? 113 LYS A C   1 
ATOM   872  O O   . LYS A 1 113 ? -12.707 8.859   -0.726  1.00 25.88 ? 113 LYS A O   1 
ATOM   873  C CB  A LYS A 1 113 ? -13.106 7.599   2.137   0.52 26.26 ? 113 LYS A CB  1 
ATOM   874  C CB  B LYS A 1 113 ? -13.137 7.633   2.120   0.48 26.50 ? 113 LYS A CB  1 
ATOM   875  C CG  A LYS A 1 113 ? -12.015 6.962   3.065   0.52 26.88 ? 113 LYS A CG  1 
ATOM   876  C CG  B LYS A 1 113 ? -11.802 7.408   2.882   0.48 28.11 ? 113 LYS A CG  1 
ATOM   877  C CD  A LYS A 1 113 ? -12.348 5.575   3.698   0.52 27.24 ? 113 LYS A CD  1 
ATOM   878  C CD  B LYS A 1 113 ? -11.740 8.151   4.241   0.48 30.28 ? 113 LYS A CD  1 
ATOM   879  C CE  A LYS A 1 113 ? -13.826 5.139   3.635   0.52 28.62 ? 113 LYS A CE  1 
ATOM   880  C CE  B LYS A 1 113 ? -12.167 9.622   4.175   0.48 31.62 ? 113 LYS A CE  1 
ATOM   881  N NZ  A LYS A 1 113 ? -13.938 3.664   3.756   0.52 26.78 ? 113 LYS A NZ  1 
ATOM   882  N NZ  B LYS A 1 113 ? -11.162 10.527  4.813   0.48 31.82 ? 113 LYS A NZ  1 
ATOM   883  N N   . TYR A 1 114 ? -11.173 7.201   -0.569  1.00 24.40 ? 114 TYR A N   1 
ATOM   884  C CA  . TYR A 1 114 ? -10.191 7.902   -1.385  1.00 23.43 ? 114 TYR A CA  1 
ATOM   885  C C   . TYR A 1 114 ? -10.443 7.690   -2.876  1.00 23.19 ? 114 TYR A C   1 
ATOM   886  O O   . TYR A 1 114 ? -10.882 6.621   -3.275  1.00 22.75 ? 114 TYR A O   1 
ATOM   887  C CB  . TYR A 1 114 ? -8.779  7.412   -1.016  1.00 23.68 ? 114 TYR A CB  1 
ATOM   888  C CG  . TYR A 1 114 ? -8.450  7.652   0.438   1.00 22.66 ? 114 TYR A CG  1 
ATOM   889  C CD1 . TYR A 1 114 ? -8.218  8.938   0.915   1.00 24.22 ? 114 TYR A CD1 1 
ATOM   890  C CD2 . TYR A 1 114 ? -8.411  6.606   1.337   1.00 23.66 ? 114 TYR A CD2 1 
ATOM   891  C CE1 . TYR A 1 114 ? -7.928  9.169   2.252   1.00 24.20 ? 114 TYR A CE1 1 
ATOM   892  C CE2 . TYR A 1 114 ? -8.123  6.827   2.687   1.00 25.93 ? 114 TYR A CE2 1 
ATOM   893  C CZ  . TYR A 1 114 ? -7.879  8.115   3.134   1.00 25.64 ? 114 TYR A CZ  1 
ATOM   894  O OH  . TYR A 1 114 ? -7.603  8.351   4.478   1.00 28.95 ? 114 TYR A OH  1 
ATOM   895  N N   . LYS A 1 115 ? -10.142 8.713   -3.671  1.00 23.57 ? 115 LYS A N   1 
ATOM   896  C CA  . LYS A 1 115 ? -10.224 8.658   -5.131  1.00 24.37 ? 115 LYS A CA  1 
ATOM   897  C C   . LYS A 1 115 ? -9.216  7.701   -5.766  1.00 24.80 ? 115 LYS A C   1 
ATOM   898  O O   . LYS A 1 115 ? -8.035  7.686   -5.390  1.00 24.09 ? 115 LYS A O   1 
ATOM   899  C CB  . LYS A 1 115 ? -9.960  10.038  -5.707  1.00 24.34 ? 115 LYS A CB  1 
ATOM   900  C CG  . LYS A 1 115 ? -10.965 11.086  -5.304  1.00 26.57 ? 115 LYS A CG  1 
ATOM   901  C CD  . LYS A 1 115 ? -10.952 12.256  -6.268  1.00 28.26 ? 115 LYS A CD  1 
ATOM   902  C CE  . LYS A 1 115 ? -11.721 13.450  -5.703  1.00 29.44 ? 115 LYS A CE  1 
ATOM   903  N NZ  . LYS A 1 115 ? -11.480 14.685  -6.491  1.00 30.97 ? 115 LYS A NZ  1 
ATOM   904  N N   . LEU A 1 116 ? -9.661  6.934   -6.761  1.00 24.74 ? 116 LEU A N   1 
ATOM   905  C CA  . LEU A 1 116 ? -8.746  6.106   -7.531  1.00 24.79 ? 116 LEU A CA  1 
ATOM   906  C C   . LEU A 1 116 ? -7.700  7.001   -8.189  1.00 25.09 ? 116 LEU A C   1 
ATOM   907  O O   . LEU A 1 116 ? -7.992  8.138   -8.608  1.00 24.07 ? 116 LEU A O   1 
ATOM   908  C CB  . LEU A 1 116 ? -9.483  5.284   -8.592  1.00 25.00 ? 116 LEU A CB  1 
ATOM   909  C CG  . LEU A 1 116 ? -10.465 4.224   -8.104  1.00 25.53 ? 116 LEU A CG  1 
ATOM   910  C CD1 . LEU A 1 116 ? -11.194 3.566   -9.267  1.00 25.93 ? 116 LEU A CD1 1 
ATOM   911  C CD2 . LEU A 1 116 ? -9.755  3.170   -7.286  1.00 25.69 ? 116 LEU A CD2 1 
ATOM   912  N N   . LEU A 1 117 ? -6.469  6.498   -8.259  1.00 25.05 ? 117 LEU A N   1 
ATOM   913  C CA  . LEU A 1 117 ? -5.403  7.215   -8.936  1.00 26.03 ? 117 LEU A CA  1 
ATOM   914  C C   . LEU A 1 117 ? -5.747  7.238   -10.411 1.00 26.42 ? 117 LEU A C   1 
ATOM   915  O O   . LEU A 1 117 ? -5.580  8.262   -11.048 1.00 27.41 ? 117 LEU A O   1 
ATOM   916  C CB  . LEU A 1 117 ? -4.026  6.557   -8.715  1.00 25.80 ? 117 LEU A CB  1 
ATOM   917  C CG  . LEU A 1 117 ? -2.869  7.199   -9.505  1.00 27.24 ? 117 LEU A CG  1 
ATOM   918  C CD1 . LEU A 1 117 ? -2.520  8.584   -8.942  1.00 27.66 ? 117 LEU A CD1 1 
ATOM   919  C CD2 . LEU A 1 117 ? -1.632  6.329   -9.517  1.00 28.31 ? 117 LEU A CD2 1 
ATOM   920  O OXT . LEU A 1 117 ? -6.205  6.241   -10.972 1.00 27.39 ? 117 LEU A OXT 1 
HETATM 921  S S   A SO4 B 2 .   ? 13.380  5.345   -5.331  0.52 31.83 ? 201 SO4 A S   1 
HETATM 922  S S   B SO4 B 2 .   ? 13.423  5.606   -5.459  0.48 52.88 ? 201 SO4 A S   1 
HETATM 923  O O1  A SO4 B 2 .   ? 12.902  4.651   -4.132  0.52 29.86 ? 201 SO4 A O1  1 
HETATM 924  O O1  B SO4 B 2 .   ? 12.134  5.221   -4.888  0.48 52.45 ? 201 SO4 A O1  1 
HETATM 925  O O2  A SO4 B 2 .   ? 12.248  5.787   -6.135  0.52 32.96 ? 201 SO4 A O2  1 
HETATM 926  O O2  B SO4 B 2 .   ? 13.324  6.904   -6.125  0.48 52.15 ? 201 SO4 A O2  1 
HETATM 927  O O3  A SO4 B 2 .   ? 14.118  6.555   -4.993  0.52 31.05 ? 201 SO4 A O3  1 
HETATM 928  O O3  B SO4 B 2 .   ? 14.397  5.669   -4.375  0.48 52.17 ? 201 SO4 A O3  1 
HETATM 929  O O4  A SO4 B 2 .   ? 14.211  4.431   -6.115  0.52 31.61 ? 201 SO4 A O4  1 
HETATM 930  O O4  B SO4 B 2 .   ? 13.851  4.592   -6.419  0.48 52.56 ? 201 SO4 A O4  1 
HETATM 931  C C1  . GOL C 3 .   ? -7.495  0.871   -9.039  1.00 35.31 ? 301 GOL A C1  1 
HETATM 932  O O1  . GOL C 3 .   ? -8.797  0.670   -9.579  1.00 38.68 ? 301 GOL A O1  1 
HETATM 933  C C2  . GOL C 3 .   ? -6.482  1.533   -9.982  1.00 37.99 ? 301 GOL A C2  1 
HETATM 934  O O2  . GOL C 3 .   ? -6.729  2.929   -10.208 1.00 36.63 ? 301 GOL A O2  1 
HETATM 935  C C3  . GOL C 3 .   ? -6.371  0.705   -11.264 1.00 39.07 ? 301 GOL A C3  1 
HETATM 936  O O3  . GOL C 3 .   ? -5.887  -0.599  -10.957 1.00 41.54 ? 301 GOL A O3  1 
HETATM 937  O O   . HOH D 4 .   ? -11.125 1.832   -3.481  1.00 19.33 ? 302 HOH A O   1 
HETATM 938  O O   . HOH D 4 .   ? 10.502  1.996   2.322   1.00 22.45 ? 303 HOH A O   1 
HETATM 939  O O   . HOH D 4 .   ? 2.433   -5.462  8.189   1.00 23.11 ? 304 HOH A O   1 
HETATM 940  O O   . HOH D 4 .   ? -8.499  10.943  -2.396  1.00 23.49 ? 305 HOH A O   1 
HETATM 941  O O   . HOH D 4 .   ? -3.424  -8.687  5.818   1.00 22.29 ? 306 HOH A O   1 
HETATM 942  O O   . HOH D 4 .   ? -2.142  -10.149 3.840   1.00 21.09 ? 307 HOH A O   1 
HETATM 943  O O   . HOH D 4 .   ? -6.329  -11.231 -6.856  1.00 24.54 ? 308 HOH A O   1 
HETATM 944  O O   . HOH D 4 .   ? -2.816  8.208   13.975  1.00 23.71 ? 309 HOH A O   1 
HETATM 945  O O   . HOH D 4 .   ? -3.299  1.661   15.105  1.00 22.81 ? 310 HOH A O   1 
HETATM 946  O O   . HOH D 4 .   ? -0.876  6.979   12.604  1.00 24.56 ? 311 HOH A O   1 
HETATM 947  O O   . HOH D 4 .   ? -0.531  2.067   14.207  1.00 24.97 ? 312 HOH A O   1 
HETATM 948  O O   . HOH D 4 .   ? -17.471 -2.467  4.480   1.00 23.62 ? 313 HOH A O   1 
HETATM 949  O O   . HOH D 4 .   ? -12.342 4.379   -3.407  1.00 26.36 ? 314 HOH A O   1 
HETATM 950  O O   . HOH D 4 .   ? 0.317   4.634   12.967  1.00 24.04 ? 315 HOH A O   1 
HETATM 951  O O   . HOH D 4 .   ? -12.399 0.527   -5.400  1.00 28.94 ? 316 HOH A O   1 
HETATM 952  O O   . HOH D 4 .   ? 12.720  2.749   -7.347  1.00 27.33 ? 317 HOH A O   1 
HETATM 953  O O   . HOH D 4 .   ? -13.381 -2.194  -3.662  1.00 26.08 ? 318 HOH A O   1 
HETATM 954  O O   . HOH D 4 .   ? 1.770   16.011  3.929   1.00 30.65 ? 319 HOH A O   1 
HETATM 955  O O   . HOH D 4 .   ? -10.487 0.794   -1.105  1.00 28.45 ? 320 HOH A O   1 
HETATM 956  O O   . HOH D 4 .   ? -0.081  16.148  6.372   1.00 30.67 ? 321 HOH A O   1 
HETATM 957  O O   . HOH D 4 .   ? -4.502  -9.625  -12.861 1.00 33.42 ? 322 HOH A O   1 
HETATM 958  O O   . HOH D 4 .   ? 4.564   0.127   7.705   1.00 33.21 ? 323 HOH A O   1 
HETATM 959  O O   . HOH D 4 .   ? 1.157   -18.425 6.901   1.00 33.43 ? 324 HOH A O   1 
HETATM 960  O O   . HOH D 4 .   ? 9.162   12.342  -10.126 1.00 33.66 ? 325 HOH A O   1 
HETATM 961  O O   . HOH D 4 .   ? -5.987  -11.391 6.227   1.00 34.93 ? 326 HOH A O   1 
HETATM 962  O O   . HOH D 4 .   ? 8.445   9.577   -13.514 1.00 34.12 ? 327 HOH A O   1 
HETATM 963  O O   . HOH D 4 .   ? -17.176 -6.467  -2.205  1.00 38.43 ? 328 HOH A O   1 
HETATM 964  O O   . HOH D 4 .   ? -2.895  11.279  10.577  1.00 36.30 ? 329 HOH A O   1 
HETATM 965  O O   . HOH D 4 .   ? -2.578  -19.351 6.434   1.00 36.53 ? 330 HOH A O   1 
HETATM 966  O O   . HOH D 4 .   ? 2.187   -3.222  11.235  1.00 38.15 ? 331 HOH A O   1 
HETATM 967  O O   . HOH D 4 .   ? -14.554 -8.789  0.659   1.00 36.69 ? 332 HOH A O   1 
HETATM 968  O O   . HOH D 4 .   ? 2.192   11.650  -12.169 1.00 36.89 ? 333 HOH A O   1 
HETATM 969  O O   . HOH D 4 .   ? 11.254  4.981   -7.861  1.00 36.25 ? 334 HOH A O   1 
HETATM 970  O O   . HOH D 4 .   ? 5.083   12.131  -15.907 1.00 42.71 ? 335 HOH A O   1 
HETATM 971  O O   . HOH D 4 .   ? -1.346  -11.983 8.925   1.00 39.50 ? 336 HOH A O   1 
HETATM 972  O O   . HOH D 4 .   ? 2.370   12.711  -5.755  1.00 41.94 ? 337 HOH A O   1 
HETATM 973  O O   . HOH D 4 .   ? 14.432  4.917   3.006   1.00 39.88 ? 338 HOH A O   1 
HETATM 974  O O   . HOH D 4 .   ? 17.616  4.426   3.496   1.00 44.12 ? 339 HOH A O   1 
HETATM 975  O O   . HOH D 4 .   ? -8.664  6.200   5.856   1.00 42.62 ? 340 HOH A O   1 
HETATM 976  O O   . HOH D 4 .   ? -10.554 -4.252  -8.383  1.00 41.97 ? 341 HOH A O   1 
HETATM 977  O O   . HOH D 4 .   ? -11.531 -0.695  -7.544  1.00 36.67 ? 342 HOH A O   1 
HETATM 978  O O   . HOH D 4 .   ? -2.799  18.945  3.009   1.00 45.08 ? 343 HOH A O   1 
HETATM 979  O O   . HOH D 4 .   ? -7.257  12.468  0.905   1.00 42.94 ? 344 HOH A O   1 
HETATM 980  O O   . HOH D 4 .   ? -2.589  17.602  -1.592  1.00 46.01 ? 345 HOH A O   1 
HETATM 981  O O   . HOH D 4 .   ? 2.029   17.112  -6.309  1.00 48.03 ? 346 HOH A O   1 
HETATM 982  O O   . HOH D 4 .   ? -8.211  -12.130 4.309   1.00 46.83 ? 347 HOH A O   1 
HETATM 983  O O   . HOH D 4 .   ? -3.474  -10.029 8.432   1.00 45.65 ? 348 HOH A O   1 
HETATM 984  O O   . HOH D 4 .   ? -16.053 -4.317  -3.001  1.00 42.57 ? 349 HOH A O   1 
HETATM 985  O O   . HOH D 4 .   ? -5.239  15.397  5.489   1.00 44.19 ? 350 HOH A O   1 
HETATM 986  O O   . HOH D 4 .   ? -14.374 -8.588  -4.006  1.00 43.32 ? 351 HOH A O   1 
HETATM 987  O O   . HOH D 4 .   ? 2.310   13.449  -8.506  1.00 46.89 ? 352 HOH A O   1 
HETATM 988  O O   . HOH D 4 .   ? -12.844 -12.350 0.638   1.00 48.21 ? 353 HOH A O   1 
HETATM 989  O O   . HOH D 4 .   ? 0.303   -8.175  10.259  1.00 42.35 ? 354 HOH A O   1 
HETATM 990  O O   . HOH D 4 .   ? -0.661  -6.164  11.470  1.00 47.91 ? 355 HOH A O   1 
HETATM 991  O O   . HOH D 4 .   ? -8.137  15.349  -7.022  1.00 48.89 ? 356 HOH A O   1 
HETATM 992  O O   . HOH D 4 .   ? -11.220 11.129  1.445   1.00 47.55 ? 357 HOH A O   1 
HETATM 993  O O   . HOH D 4 .   ? 8.188   1.260   6.432   1.00 53.05 ? 358 HOH A O   1 
HETATM 994  O O   . HOH D 4 .   ? 13.939  3.380   -0.187  1.00 50.34 ? 359 HOH A O   1 
HETATM 995  O O   . HOH D 4 .   ? -7.158  7.312   -12.961 1.00 50.55 ? 360 HOH A O   1 
HETATM 996  O O   . HOH D 4 .   ? -8.344  1.676   13.528  1.00 59.39 ? 361 HOH A O   1 
HETATM 997  O O   . HOH D 4 .   ? -10.372 8.281   9.550   1.00 57.85 ? 362 HOH A O   1 
HETATM 998  O O   . HOH D 4 .   ? -11.660 6.509   6.722   1.00 59.72 ? 363 HOH A O   1 
HETATM 999  O O   . HOH D 4 .   ? -1.733  -19.280 8.917   1.00 55.10 ? 364 HOH A O   1 
HETATM 1000 O O   . HOH D 4 .   ? 17.565  10.748  3.271   1.00 59.44 ? 365 HOH A O   1 
HETATM 1001 O O   . HOH D 4 .   ? 11.535  -0.735  0.244   0.63 39.14 ? 366 HOH A O   1 
# 
